data_8WUS
#
_entry.id   8WUS
#
_cell.length_a   1.00
_cell.length_b   1.00
_cell.length_c   1.00
_cell.angle_alpha   90.00
_cell.angle_beta   90.00
_cell.angle_gamma   90.00
#
_symmetry.space_group_name_H-M   'P 1'
#
loop_
_entity.id
_entity.type
_entity.pdbx_description
1 polymer 'Gag-Pol polyprotein'
2 polymer 'CRISPR-associated endonuclease Cas9/Csn1'
3 polymer 'DNA (51-MER)'
4 polymer "DNA (5'-D(*TP*GP*AP*TP*GP*GP*CP*AP*GP*AP*GP*TP*AP*CP*TP*AP*G)-3')"
5 polymer 'RNA (115-MER)'
6 polymer 'DNA (40-MER)'
#
loop_
_entity_poly.entity_id
_entity_poly.type
_entity_poly.pdbx_seq_one_letter_code
_entity_poly.pdbx_strand_id
1 'polypeptide(L)'
;TLNIEDEYRLHETSKEPDVSLGSTWLSDFPQAWAETGGMGLAVRQAPLIIPLKATSTPVSIKQYPMSQEARLGIKPHIQR
LLDQGILVPCQSPWNTPLLPVKKPGTNDYRPVQDLREVNKRVEDIHPTVPNPYNLLSGLPPSHQWYTVLDLKDAFFCLRL
HPTSQPLFAFEWRDPEMGISGQLTWTRLPQGFKNSPTLFNEALHRDLADFRIQHPDLILLQYVDDLLLAATSELDCQQGT
RALLQTLGNLGYRASAKKAQICQKQVKYLGYLLKEGQRWLTEARKETVMGQPTPKTPRQLREFLGKAGFCRLFIPGFAEM
AAPLYPLTKPGTLFNWGPDQQKAYQEIKQALLTAPALGLPDLTKPFELFVDEKQGYAKGVLTQKLGPWRRPVAYLSKKLD
PVAAGWPPCLRMVAAIAVLTKDAGKLTMGQPLVILAPHAVEALVKQPPDRWLSNARMTHYQALLLDTDRVQFGPVVALNP
ATLLPLPEEGLQHNCL
;
E
2 'polypeptide(L)'
;DKKYSIGLAIGTNSVGWAVITDEYKVPSKKFKVLGNTDRHSIKKNLIGALLFDSGETAEATRLKRTARRRYTRRKNRICY
LQEIFSNEMAKVDDSFFHRLEESFLVEEDKKHERHPIFGNIVDEVAYHEKYPTIYHLRKKLVDSTDKADLRLIYLALAHM
IKFRGHFLIEGDLNPDNSDVDKLFIQLVQTYNQLFEENPINASGVDAKAILSARLSKSRRLENLIAQLPGEKKNGLFGNL
IALSLGLTPNFKSNFDLAEDAKLQLSKDTYDDDLDNLLAQIGDQYADLFLAAKNLSDAILLSDILRVNTEITKAPLSASM
IKRYDEHHQDLTLLKALVRQQLPEKYKEIFFDQSKNGYAGYIDGGASQEEFYKFIKPILEKMDGTEELLVKLNREDLLRK
QRTFDNGSIPHQIHLGELHAILRRQEDFYPFLKDNREKIEKILTFRIPYYVGPLARGNSRFAWMTRKSEETITPWNFEEV
VDKGASAQSFIERMTNFDKNLPNEKVLPKHSLLYEYFTVYNELTKVKYVTEGMRKPAFLSGEQKKAIVDLLFKTNRKVTV
KQLKEDYFKKIECFDSVEISGVEDRFNASLGTYHDLLKIIKDKDFLDNEENEDILEDIVLTLTLFEDREMIEERLKTYAH
LFDDKVMKQLKRRRYTGWGRLSRKLINGIRDKQSGKTILDFLKSDGFANRNFMQLIHDDSLTFKEDIQKAQVSGQGDSLH
EHIANLAGSPAIKKGILQTVKVVDELVKVMGRHKPENIVIEMARENQTTQKGQKNSRERMKRIEEGIKELGSQILKEHPV
ENTQLQNEKLYLYYLQNGRDMYVDQELDINRLSDYDVDAIVPQSFLKDDSIDNKVLTRSDKNRGKSDNVPSEEVVKKMKN
YWRQLLNAKLITQRKFDNLTKAERGGLSELDKAGFIKRQLVETRQITKHVAQILDSRMNTKYDENDKLIREVKVITLKSK
LVSDFRKDFQFYKVREINNYHHAHDAYLNAVVGTALIKKYPKLESEFVYGDYKVYDVRKMIAKSEQEIGKATAKYFFYSN
IMNFFKTEITLANGEIRKRPLIETNGETGEIVWDKGRDFATVRKVLSMPQVNIVKKTEVQTGGFSKESILPKRNSDKLIA
RKKDWDPKKYGGFDSPTVAYSVLVVAKVEKGKSKKLKSVKELLGITIMERSSFEKNPIDFLEAKGYKEVKKDLIIKLPKY
SLFELENGRKRMLASAGELQKGNELALPSKYVNFLYLASHYEKLKGSPEDNEQKQLFVEQHKHYLDEIIEQISEFSKRVI
LADANLDKVLSAYNKHRDKPIREQAENIIHLFTLTNLGAPAAFKYFDTTIDRKRYTSTKEVLDATLIHQSITGLYETRID
LSQLGGD
;
A
3 'polydeoxyribonucleotide'
;(DC)(DT)(DA)(DG)(DT)(DA)(DC)(DT)(DC)(DT)(DG)(DC)(DC)(DA)(DT)(DC)(DA)(DG)(DA)(DG)
(DC)(DA)(DA)(DG)(DC)(DA)(DC)(DT)(DA)(DC)(DG)(DG)(DC)(DC)(DG)(DA)(DT)(DT)(DG)(DC)
(DT)(DC)(DT)(DA)(DA)(DG)(DT)(DG)(DA)(DT)(DC)
;
C
4 'polydeoxyribonucleotide' (DT)(DG)(DA)(DT)(DG)(DG)(DC)(DA)(DG)(DA)(DG)(DT)(DA)(DC)(DT)(DA)(DG) D
5 'polyribonucleotide'
;GGCCGUAGUGCUUGCUCUGAGUUUUAGAGCUAGAAAUAGCAAGUUAAAAUAAGGCUAGUCCGUUAUCAACUUGAAAAAGU
GGCACCGAGUCGGUGCUCACAGCGUGCUCAGUCUG
;
B
6 'polydeoxyribonucleotide'
;(DG)(DA)(DT)(DC)(DA)(DC)(DT)(DT)(DA)(DG)(DA)(DG)(DC)(DA)(DA)(DT)(DC)(DG)(DG)(DC)
(DC)(DC)(DA)(DG)(DA)(DC)(DT)(DG)(DA)(DG)(DC)(DA)(DC)(DG)(DC)(DT)(DG)(DT)(DG)
(2DA)
;
F
#
loop_
_chem_comp.id
_chem_comp.type
_chem_comp.name
_chem_comp.formula
2DA DNA linking 2',3'-DIDEOXYADENOSINE-5'-MONOPHOSPHATE 'C10 H14 N5 O5 P'
A RNA linking ADENOSINE-5'-MONOPHOSPHATE 'C10 H14 N5 O7 P'
C RNA linking CYTIDINE-5'-MONOPHOSPHATE 'C9 H14 N3 O8 P'
DA DNA linking 2'-DEOXYADENOSINE-5'-MONOPHOSPHATE 'C10 H14 N5 O6 P'
DC DNA linking 2'-DEOXYCYTIDINE-5'-MONOPHOSPHATE 'C9 H14 N3 O7 P'
DG DNA linking 2'-DEOXYGUANOSINE-5'-MONOPHOSPHATE 'C10 H14 N5 O7 P'
DT DNA linking THYMIDINE-5'-MONOPHOSPHATE 'C10 H15 N2 O8 P'
G RNA linking GUANOSINE-5'-MONOPHOSPHATE 'C10 H14 N5 O8 P'
U RNA linking URIDINE-5'-MONOPHOSPHATE 'C9 H13 N2 O9 P'
#
# COMPACT_ATOMS: atom_id res chain seq x y z
N THR A 24 -67.89 35.48 33.99
CA THR A 24 -69.11 35.69 33.21
C THR A 24 -68.79 35.78 31.73
N TRP A 25 -67.52 36.04 31.41
CA TRP A 25 -67.10 36.17 30.01
C TRP A 25 -67.22 34.84 29.28
N LEU A 26 -66.93 33.73 29.97
CA LEU A 26 -66.97 32.43 29.32
C LEU A 26 -68.38 32.06 28.89
N SER A 27 -69.39 32.40 29.71
CA SER A 27 -70.76 32.01 29.40
C SER A 27 -71.27 32.71 28.14
N ASP A 28 -70.93 33.99 27.98
CA ASP A 28 -71.53 34.78 26.90
C ASP A 28 -71.05 34.33 25.52
N PHE A 29 -69.81 33.86 25.41
CA PHE A 29 -69.21 33.53 24.12
C PHE A 29 -68.69 32.09 24.16
N PRO A 30 -69.59 31.10 24.06
CA PRO A 30 -69.14 29.71 24.07
C PRO A 30 -68.33 29.32 22.84
N GLN A 31 -68.43 30.07 21.75
CA GLN A 31 -67.76 29.74 20.50
C GLN A 31 -66.37 30.35 20.39
N ALA A 32 -65.90 31.06 21.41
CA ALA A 32 -64.61 31.74 21.34
C ALA A 32 -63.58 31.21 22.32
N TRP A 33 -63.99 30.61 23.43
CA TRP A 33 -63.05 30.15 24.44
C TRP A 33 -62.65 28.71 24.17
N ALA A 34 -61.37 28.41 24.39
CA ALA A 34 -60.86 27.07 24.09
C ALA A 34 -61.32 26.04 25.11
N GLU A 35 -61.60 26.46 26.34
CA GLU A 35 -62.03 25.53 27.37
C GLU A 35 -63.45 25.02 27.15
N THR A 36 -64.22 25.65 26.27
CA THR A 36 -65.59 25.21 26.01
C THR A 36 -65.82 24.99 24.53
N GLY A 37 -65.17 25.80 23.69
CA GLY A 37 -65.41 25.73 22.26
C GLY A 37 -64.76 24.57 21.55
N GLY A 38 -63.89 23.83 22.23
CA GLY A 38 -63.24 22.69 21.59
C GLY A 38 -62.15 23.11 20.63
N MET A 39 -61.90 22.28 19.63
CA MET A 39 -60.83 22.51 18.68
C MET A 39 -61.22 23.61 17.70
N GLY A 40 -60.21 24.37 17.27
CA GLY A 40 -60.44 25.45 16.33
C GLY A 40 -60.23 25.04 14.89
N LEU A 41 -60.79 25.84 13.98
CA LEU A 41 -60.68 25.59 12.54
C LEU A 41 -60.99 26.88 11.80
N ALA A 42 -60.02 27.38 11.03
CA ALA A 42 -60.19 28.61 10.28
C ALA A 42 -61.20 28.39 9.16
N VAL A 43 -62.41 28.95 9.32
CA VAL A 43 -63.47 28.76 8.33
C VAL A 43 -63.39 29.76 7.18
N ARG A 44 -62.39 30.64 7.17
CA ARG A 44 -62.22 31.61 6.09
C ARG A 44 -61.05 31.28 5.19
N GLN A 45 -59.88 30.96 5.75
CA GLN A 45 -58.74 30.61 4.94
C GLN A 45 -58.95 29.25 4.27
N ALA A 46 -58.60 29.17 3.00
CA ALA A 46 -58.70 27.93 2.26
C ALA A 46 -57.54 27.00 2.63
N PRO A 47 -57.68 25.70 2.36
CA PRO A 47 -56.52 24.81 2.52
C PRO A 47 -55.35 25.28 1.69
N LEU A 48 -54.16 25.23 2.28
CA LEU A 48 -52.98 25.82 1.68
C LEU A 48 -52.02 24.72 1.21
N ILE A 49 -51.57 24.83 -0.03
CA ILE A 49 -50.62 23.90 -0.60
C ILE A 49 -49.21 24.35 -0.23
N ILE A 50 -48.42 23.44 0.32
CA ILE A 50 -47.03 23.71 0.68
C ILE A 50 -46.17 23.45 -0.56
N PRO A 51 -45.64 24.47 -1.20
CA PRO A 51 -44.87 24.25 -2.43
C PRO A 51 -43.47 23.70 -2.13
N LEU A 52 -42.87 23.14 -3.17
CA LEU A 52 -41.53 22.58 -3.09
C LEU A 52 -40.70 23.11 -4.25
N LYS A 53 -39.38 23.04 -4.08
CA LYS A 53 -38.46 23.47 -5.13
C LYS A 53 -38.53 22.53 -6.33
N ALA A 54 -38.13 23.05 -7.49
CA ALA A 54 -38.19 22.25 -8.71
C ALA A 54 -37.28 21.03 -8.63
N THR A 55 -36.07 21.20 -8.09
CA THR A 55 -35.12 20.11 -7.93
C THR A 55 -35.23 19.60 -6.50
N SER A 56 -36.25 18.79 -6.26
CA SER A 56 -36.51 18.25 -4.93
C SER A 56 -37.00 16.81 -5.05
N THR A 57 -36.60 15.97 -4.10
CA THR A 57 -36.98 14.58 -4.04
C THR A 57 -37.38 14.21 -2.61
N PRO A 58 -38.30 13.27 -2.46
CA PRO A 58 -38.68 12.83 -1.11
C PRO A 58 -37.48 12.23 -0.37
N VAL A 59 -37.41 12.53 0.93
CA VAL A 59 -36.34 12.03 1.79
C VAL A 59 -36.98 11.35 3.00
N SER A 60 -36.53 10.14 3.30
CA SER A 60 -37.04 9.37 4.43
C SER A 60 -35.95 9.25 5.48
N ILE A 61 -36.20 9.79 6.66
CA ILE A 61 -35.29 9.74 7.79
C ILE A 61 -35.94 8.95 8.91
N LYS A 62 -35.21 7.96 9.44
CA LYS A 62 -35.73 7.16 10.53
C LYS A 62 -35.92 8.01 11.79
N GLN A 63 -36.90 7.62 12.60
CA GLN A 63 -37.20 8.35 13.82
C GLN A 63 -36.03 8.25 14.79
N TYR A 64 -35.50 9.40 15.20
CA TYR A 64 -34.33 9.43 16.07
C TYR A 64 -34.67 8.85 17.43
N PRO A 65 -33.69 8.24 18.11
CA PRO A 65 -33.95 7.67 19.44
C PRO A 65 -34.45 8.73 20.41
N MET A 66 -35.44 8.34 21.22
CA MET A 66 -36.05 9.23 22.19
C MET A 66 -36.11 8.53 23.53
N SER A 67 -35.80 9.27 24.60
CA SER A 67 -35.77 8.69 25.94
C SER A 67 -37.17 8.23 26.36
N GLN A 68 -37.20 7.28 27.29
CA GLN A 68 -38.48 6.74 27.76
C GLN A 68 -39.30 7.78 28.49
N GLU A 69 -38.66 8.76 29.14
CA GLU A 69 -39.41 9.81 29.81
C GLU A 69 -39.99 10.80 28.81
N ALA A 70 -39.24 11.11 27.75
CA ALA A 70 -39.73 12.05 26.75
C ALA A 70 -40.81 11.42 25.88
N ARG A 71 -40.75 10.09 25.68
CA ARG A 71 -41.78 9.41 24.89
C ARG A 71 -43.14 9.51 25.56
N LEU A 72 -43.18 9.33 26.88
CA LEU A 72 -44.45 9.42 27.60
C LEU A 72 -44.99 10.85 27.64
N GLY A 73 -44.14 11.85 27.44
CA GLY A 73 -44.62 13.22 27.41
C GLY A 73 -45.51 13.50 26.21
N ILE A 74 -45.10 13.04 25.04
CA ILE A 74 -45.86 13.30 23.82
C ILE A 74 -47.08 12.39 23.72
N LYS A 75 -47.01 11.18 24.28
CA LYS A 75 -48.04 10.16 24.06
C LYS A 75 -49.46 10.64 24.33
N PRO A 76 -49.76 11.34 25.44
CA PRO A 76 -51.13 11.87 25.58
C PRO A 76 -51.53 12.83 24.47
N HIS A 77 -50.59 13.63 23.98
CA HIS A 77 -50.90 14.56 22.90
C HIS A 77 -51.28 13.82 21.63
N ILE A 78 -50.54 12.77 21.28
CA ILE A 78 -50.87 11.99 20.08
C ILE A 78 -52.26 11.38 20.21
N GLN A 79 -52.59 10.87 21.40
CA GLN A 79 -53.91 10.28 21.60
C GLN A 79 -55.01 11.31 21.40
N ARG A 80 -54.83 12.52 21.93
CA ARG A 80 -55.82 13.57 21.75
C ARG A 80 -55.76 14.19 20.35
N LEU A 81 -54.56 14.27 19.76
CA LEU A 81 -54.45 14.77 18.40
C LEU A 81 -55.10 13.83 17.40
N LEU A 82 -55.12 12.53 17.69
CA LEU A 82 -55.78 11.58 16.80
C LEU A 82 -57.29 11.76 16.80
N ASP A 83 -57.87 12.03 17.97
CA ASP A 83 -59.33 12.16 18.06
C ASP A 83 -59.82 13.36 17.27
N GLN A 84 -59.10 14.48 17.33
CA GLN A 84 -59.52 15.70 16.64
C GLN A 84 -59.37 15.61 15.13
N GLY A 85 -58.72 14.57 14.62
CA GLY A 85 -58.49 14.44 13.20
C GLY A 85 -57.27 15.16 12.67
N ILE A 86 -56.51 15.83 13.54
CA ILE A 86 -55.29 16.50 13.11
C ILE A 86 -54.28 15.47 12.58
N LEU A 87 -54.13 14.37 13.30
CA LEU A 87 -53.21 13.30 12.92
C LEU A 87 -54.00 12.14 12.31
N VAL A 88 -53.72 11.82 11.05
CA VAL A 88 -54.40 10.73 10.37
C VAL A 88 -53.34 9.74 9.85
N PRO A 89 -53.60 8.44 9.93
CA PRO A 89 -52.63 7.47 9.38
C PRO A 89 -52.48 7.64 7.87
N CYS A 90 -51.27 7.45 7.38
CA CYS A 90 -51.00 7.59 5.96
C CYS A 90 -49.73 6.82 5.62
N GLN A 91 -49.54 6.59 4.32
CA GLN A 91 -48.34 5.96 3.79
C GLN A 91 -47.72 6.92 2.78
N SER A 92 -46.56 7.48 3.14
CA SER A 92 -45.90 8.49 2.34
C SER A 92 -44.41 8.23 2.31
N PRO A 93 -43.72 8.67 1.24
CA PRO A 93 -42.26 8.53 1.21
C PRO A 93 -41.54 9.53 2.10
N TRP A 94 -42.18 10.60 2.52
CA TRP A 94 -41.57 11.56 3.42
C TRP A 94 -41.72 11.10 4.87
N ASN A 95 -40.64 11.23 5.64
CA ASN A 95 -40.66 10.83 7.04
C ASN A 95 -39.60 11.61 7.80
N THR A 96 -40.01 12.25 8.88
CA THR A 96 -39.11 13.03 9.73
C THR A 96 -39.24 12.57 11.17
N PRO A 97 -38.16 12.64 11.94
CA PRO A 97 -38.19 12.13 13.33
C PRO A 97 -38.94 13.10 14.25
N LEU A 98 -39.94 12.59 14.96
CA LEU A 98 -40.62 13.39 15.95
C LEU A 98 -39.67 13.72 17.09
N LEU A 99 -39.92 14.86 17.74
CA LEU A 99 -39.06 15.28 18.83
C LEU A 99 -39.82 16.13 19.84
N PRO A 100 -39.79 15.79 21.12
CA PRO A 100 -40.46 16.61 22.13
C PRO A 100 -39.59 17.77 22.61
N VAL A 101 -40.24 18.90 22.85
CA VAL A 101 -39.61 20.05 23.48
C VAL A 101 -40.45 20.41 24.70
N LYS A 102 -39.88 20.25 25.89
CA LYS A 102 -40.59 20.66 27.09
C LYS A 102 -40.67 22.17 27.19
N LYS A 103 -41.79 22.66 27.71
CA LYS A 103 -41.98 24.09 27.88
C LYS A 103 -40.98 24.62 28.91
N PRO A 104 -40.61 25.90 28.83
CA PRO A 104 -39.75 26.48 29.88
C PRO A 104 -40.28 26.24 31.28
N GLY A 105 -41.58 25.98 31.39
CA GLY A 105 -42.20 25.65 32.66
C GLY A 105 -42.77 24.24 32.63
N THR A 106 -42.76 23.60 33.78
CA THR A 106 -43.29 22.25 34.00
C THR A 106 -42.64 21.27 33.02
N ASN A 107 -43.36 20.18 32.69
CA ASN A 107 -42.91 19.17 31.75
C ASN A 107 -44.00 18.83 30.73
N ASP A 108 -44.66 19.85 30.17
CA ASP A 108 -45.76 19.60 29.24
C ASP A 108 -45.32 18.81 28.01
N TYR A 109 -44.08 18.98 27.55
CA TYR A 109 -43.52 18.24 26.42
C TYR A 109 -44.36 18.46 25.15
N ARG A 110 -44.33 19.69 24.66
CA ARG A 110 -45.05 20.02 23.44
C ARG A 110 -44.48 19.21 22.27
N PRO A 111 -45.33 18.85 21.30
CA PRO A 111 -44.86 18.04 20.17
C PRO A 111 -44.26 18.90 19.08
N VAL A 112 -43.07 18.51 18.62
CA VAL A 112 -42.36 19.22 17.55
C VAL A 112 -41.93 18.21 16.50
N GLN A 113 -42.17 18.55 15.22
CA GLN A 113 -41.94 17.58 14.16
C GLN A 113 -40.47 17.38 13.83
N ASP A 114 -39.62 18.39 14.05
CA ASP A 114 -38.19 18.34 13.71
C ASP A 114 -37.96 18.28 12.20
N LEU A 115 -38.67 19.12 11.46
CA LEU A 115 -38.54 19.19 10.00
C LEU A 115 -37.26 19.92 9.60
N ARG A 116 -36.13 19.31 9.91
CA ARG A 116 -34.86 19.90 9.47
C ARG A 116 -34.65 19.70 7.97
N GLU A 117 -34.81 18.46 7.49
CA GLU A 117 -34.57 18.17 6.09
C GLU A 117 -35.62 18.81 5.17
N VAL A 118 -36.88 18.81 5.60
CA VAL A 118 -37.95 19.38 4.77
C VAL A 118 -37.77 20.88 4.62
N ASN A 119 -37.29 21.56 5.67
CA ASN A 119 -37.13 23.01 5.59
C ASN A 119 -36.14 23.42 4.51
N LYS A 120 -35.04 22.67 4.37
CA LYS A 120 -34.10 22.96 3.30
C LYS A 120 -34.69 22.68 1.93
N ARG A 121 -35.68 21.80 1.85
CA ARG A 121 -36.30 21.43 0.59
C ARG A 121 -37.51 22.29 0.24
N VAL A 122 -38.23 22.79 1.25
CA VAL A 122 -39.40 23.61 1.00
C VAL A 122 -38.97 25.00 0.54
N GLU A 123 -39.82 25.64 -0.26
CA GLU A 123 -39.52 26.96 -0.79
C GLU A 123 -39.53 28.00 0.32
N ASP A 124 -38.99 29.17 0.01
CA ASP A 124 -38.86 30.27 0.96
C ASP A 124 -39.78 31.41 0.56
N ILE A 125 -40.49 31.96 1.54
CA ILE A 125 -41.35 33.12 1.35
C ILE A 125 -40.84 34.25 2.22
N HIS A 126 -41.17 35.46 1.84
CA HIS A 126 -40.72 36.64 2.57
C HIS A 126 -41.43 36.73 3.91
N PRO A 127 -40.70 36.70 5.03
CA PRO A 127 -41.36 36.79 6.34
C PRO A 127 -42.05 38.14 6.52
N THR A 128 -43.21 38.11 7.18
CA THR A 128 -43.95 39.33 7.51
C THR A 128 -44.32 39.38 8.99
N VAL A 129 -43.67 38.57 9.82
CA VAL A 129 -43.93 38.53 11.26
C VAL A 129 -43.47 39.84 11.88
N PRO A 130 -44.15 40.35 12.90
CA PRO A 130 -43.73 41.62 13.51
C PRO A 130 -42.62 41.42 14.54
N ASN A 131 -41.65 42.32 14.50
CA ASN A 131 -40.55 42.14 15.44
C ASN A 131 -40.88 42.77 16.79
N PRO A 132 -40.46 42.14 17.89
CA PRO A 132 -40.92 42.56 19.22
C PRO A 132 -40.56 44.00 19.58
N TYR A 133 -39.51 44.57 18.96
CA TYR A 133 -39.16 45.95 19.25
C TYR A 133 -40.27 46.92 18.85
N ASN A 134 -40.92 46.67 17.72
CA ASN A 134 -41.80 47.67 17.12
C ASN A 134 -43.27 47.52 17.50
N LEU A 135 -43.68 46.38 18.07
CA LEU A 135 -45.08 46.24 18.47
C LEU A 135 -45.44 47.25 19.56
N LEU A 136 -44.66 47.28 20.64
CA LEU A 136 -44.98 48.16 21.75
C LEU A 136 -44.85 49.64 21.39
N SER A 137 -44.15 49.96 20.29
CA SER A 137 -44.08 51.34 19.84
C SER A 137 -45.42 51.83 19.33
N GLY A 138 -46.25 50.93 18.80
CA GLY A 138 -47.56 51.33 18.31
C GLY A 138 -48.57 51.63 19.40
N LEU A 139 -48.34 51.13 20.61
CA LEU A 139 -49.25 51.39 21.72
C LEU A 139 -49.12 52.84 22.17
N PRO A 140 -50.20 53.62 22.15
CA PRO A 140 -50.12 55.01 22.61
C PRO A 140 -50.46 55.12 24.08
N PRO A 141 -49.89 56.10 24.78
CA PRO A 141 -50.25 56.29 26.19
C PRO A 141 -51.70 56.70 26.40
N SER A 142 -52.38 57.21 25.36
CA SER A 142 -53.77 57.61 25.51
C SER A 142 -54.66 56.42 25.84
N HIS A 143 -54.41 55.28 25.20
CA HIS A 143 -55.19 54.07 25.44
C HIS A 143 -54.67 53.41 26.70
N GLN A 144 -55.41 53.55 27.81
CA GLN A 144 -54.96 53.08 29.11
C GLN A 144 -55.55 51.74 29.51
N TRP A 145 -56.63 51.30 28.86
CA TRP A 145 -57.29 50.04 29.19
C TRP A 145 -56.88 48.97 28.19
N TYR A 146 -56.52 47.80 28.69
CA TYR A 146 -55.96 46.73 27.87
C TYR A 146 -56.76 45.45 28.04
N THR A 147 -56.62 44.56 27.06
CA THR A 147 -57.26 43.24 27.10
C THR A 147 -56.40 42.30 26.28
N VAL A 148 -55.61 41.47 26.95
CA VAL A 148 -54.65 40.58 26.30
C VAL A 148 -55.28 39.21 26.16
N LEU A 149 -55.43 38.75 24.93
CA LEU A 149 -55.96 37.42 24.63
C LEU A 149 -54.91 36.61 23.89
N ASP A 150 -54.67 35.39 24.36
CA ASP A 150 -53.73 34.47 23.73
C ASP A 150 -54.50 33.29 23.16
N LEU A 151 -54.27 32.99 21.88
CA LEU A 151 -54.99 31.95 21.18
C LEU A 151 -54.31 30.61 21.43
N LYS A 152 -55.04 29.66 21.99
CA LYS A 152 -54.53 28.31 22.21
C LYS A 152 -54.52 27.53 20.89
N ASP A 153 -53.58 26.60 20.79
CA ASP A 153 -53.33 25.79 19.59
C ASP A 153 -53.47 26.63 18.32
N ALA A 154 -52.62 27.65 18.25
CA ALA A 154 -52.72 28.64 17.18
C ALA A 154 -52.40 28.04 15.82
N PHE A 155 -51.27 27.33 15.71
CA PHE A 155 -50.82 26.85 14.42
C PHE A 155 -51.70 25.74 13.85
N PHE A 156 -52.51 25.10 14.68
CA PHE A 156 -53.35 24.00 14.23
C PHE A 156 -54.67 24.46 13.61
N CYS A 157 -54.96 25.76 13.68
CA CYS A 157 -56.24 26.25 13.16
C CYS A 157 -56.30 26.16 11.64
N LEU A 158 -55.20 26.44 10.96
CA LEU A 158 -55.19 26.47 9.50
C LEU A 158 -55.15 25.05 8.94
N ARG A 159 -56.08 24.77 8.02
CA ARG A 159 -56.14 23.45 7.41
C ARG A 159 -55.05 23.28 6.36
N LEU A 160 -54.63 22.04 6.17
CA LEU A 160 -53.59 21.68 5.23
C LEU A 160 -54.18 20.85 4.10
N HIS A 161 -53.80 21.17 2.87
CA HIS A 161 -54.34 20.45 1.72
C HIS A 161 -53.85 19.01 1.72
N PRO A 162 -54.70 18.05 1.35
CA PRO A 162 -54.25 16.65 1.33
C PRO A 162 -53.12 16.38 0.36
N THR A 163 -52.92 17.23 -0.65
CA THR A 163 -51.80 17.04 -1.57
C THR A 163 -50.46 17.21 -0.84
N SER A 164 -50.37 18.22 0.03
CA SER A 164 -49.15 18.49 0.78
C SER A 164 -49.09 17.78 2.12
N GLN A 165 -50.16 17.07 2.50
CA GLN A 165 -50.13 16.28 3.73
C GLN A 165 -49.02 15.22 3.75
N PRO A 166 -48.75 14.47 2.68
CA PRO A 166 -47.67 13.48 2.75
C PRO A 166 -46.30 14.08 3.02
N LEU A 167 -46.14 15.39 2.83
CA LEU A 167 -44.84 16.02 3.08
C LEU A 167 -44.42 15.86 4.53
N PHE A 168 -45.36 16.03 5.46
CA PHE A 168 -45.08 15.88 6.89
C PHE A 168 -45.57 14.52 7.35
N ALA A 169 -44.69 13.75 7.99
CA ALA A 169 -45.06 12.45 8.52
C ALA A 169 -44.02 12.04 9.55
N PHE A 170 -44.40 11.09 10.40
CA PHE A 170 -43.49 10.53 11.39
C PHE A 170 -43.98 9.16 11.79
N GLU A 171 -43.07 8.34 12.29
CA GLU A 171 -43.37 6.96 12.66
C GLU A 171 -43.71 6.90 14.14
N TRP A 172 -44.90 6.38 14.44
CA TRP A 172 -45.36 6.23 15.82
C TRP A 172 -46.04 4.87 15.95
N ARG A 173 -45.45 3.99 16.75
CA ARG A 173 -45.97 2.64 16.95
C ARG A 173 -46.24 2.41 18.43
N ASP A 174 -47.50 2.17 18.78
CA ASP A 174 -47.89 1.84 20.14
C ASP A 174 -48.72 0.57 20.09
N PRO A 175 -48.30 -0.51 20.75
CA PRO A 175 -49.11 -1.74 20.71
C PRO A 175 -50.51 -1.57 21.27
N GLU A 176 -50.68 -0.71 22.28
CA GLU A 176 -52.02 -0.48 22.84
C GLU A 176 -52.94 0.14 21.81
N MET A 177 -52.45 1.13 21.05
CA MET A 177 -53.26 1.76 20.03
C MET A 177 -53.60 0.78 18.91
N GLY A 178 -52.65 -0.09 18.56
CA GLY A 178 -52.85 -1.06 17.50
C GLY A 178 -52.57 -0.55 16.10
N ILE A 179 -52.12 0.69 15.95
CA ILE A 179 -51.79 1.26 14.65
C ILE A 179 -50.31 1.62 14.63
N SER A 180 -49.60 1.12 13.62
CA SER A 180 -48.18 1.40 13.44
C SER A 180 -47.97 1.91 12.03
N GLY A 181 -47.25 3.01 11.90
CA GLY A 181 -46.97 3.59 10.60
C GLY A 181 -46.86 5.10 10.71
N GLN A 182 -47.04 5.76 9.58
CA GLN A 182 -46.90 7.21 9.48
C GLN A 182 -48.22 7.89 9.81
N LEU A 183 -48.13 9.03 10.49
CA LEU A 183 -49.29 9.83 10.86
C LEU A 183 -49.04 11.26 10.38
N THR A 184 -49.58 11.60 9.22
CA THR A 184 -49.39 12.94 8.67
C THR A 184 -50.27 13.94 9.40
N TRP A 185 -50.00 15.22 9.16
CA TRP A 185 -50.75 16.30 9.78
C TRP A 185 -51.71 16.90 8.77
N THR A 186 -52.97 17.05 9.18
CA THR A 186 -53.97 17.73 8.37
C THR A 186 -53.98 19.23 8.59
N ARG A 187 -53.17 19.75 9.51
CA ARG A 187 -53.04 21.17 9.77
C ARG A 187 -51.56 21.55 9.71
N LEU A 188 -51.29 22.83 9.90
CA LEU A 188 -49.92 23.33 9.84
C LEU A 188 -49.14 22.82 11.04
N PRO A 189 -48.05 22.08 10.85
CA PRO A 189 -47.34 21.49 11.99
C PRO A 189 -46.46 22.51 12.70
N GLN A 190 -46.05 22.12 13.91
CA GLN A 190 -45.05 22.87 14.65
C GLN A 190 -43.66 22.40 14.25
N GLY A 191 -42.69 23.30 14.37
CA GLY A 191 -41.35 23.03 13.91
C GLY A 191 -41.14 23.23 12.42
N PHE A 192 -42.15 23.68 11.70
CA PHE A 192 -42.02 23.98 10.28
C PHE A 192 -41.62 25.43 10.10
N LYS A 193 -40.75 25.69 9.11
CA LYS A 193 -40.15 27.01 9.00
C LYS A 193 -41.14 28.06 8.51
N ASN A 194 -42.15 27.66 7.74
CA ASN A 194 -43.13 28.60 7.21
C ASN A 194 -44.36 28.75 8.09
N SER A 195 -44.44 28.01 9.20
CA SER A 195 -45.63 28.09 10.05
C SER A 195 -45.83 29.48 10.65
N PRO A 196 -44.83 30.13 11.26
CA PRO A 196 -45.10 31.46 11.82
C PRO A 196 -45.55 32.49 10.80
N THR A 197 -45.00 32.44 9.59
CA THR A 197 -45.37 33.42 8.56
C THR A 197 -46.77 33.15 8.03
N LEU A 198 -47.08 31.89 7.73
CA LEU A 198 -48.39 31.55 7.17
C LEU A 198 -49.50 31.83 8.17
N PHE A 199 -49.24 31.58 9.47
CA PHE A 199 -50.26 31.85 10.47
C PHE A 199 -50.48 33.34 10.69
N ASN A 200 -49.42 34.15 10.56
CA ASN A 200 -49.57 35.59 10.72
C ASN A 200 -50.50 36.16 9.66
N GLU A 201 -50.20 35.91 8.39
CA GLU A 201 -51.02 36.44 7.30
C GLU A 201 -52.47 35.95 7.43
N ALA A 202 -52.64 34.67 7.74
CA ALA A 202 -53.99 34.10 7.81
C ALA A 202 -54.82 34.78 8.89
N LEU A 203 -54.24 34.98 10.07
CA LEU A 203 -54.95 35.66 11.14
C LEU A 203 -55.14 37.14 10.83
N HIS A 204 -54.17 37.76 10.15
CA HIS A 204 -54.25 39.18 9.88
C HIS A 204 -55.42 39.51 8.96
N ARG A 205 -55.64 38.69 7.93
CA ARG A 205 -56.74 38.95 7.00
C ARG A 205 -58.09 38.85 7.70
N ASP A 206 -58.25 37.84 8.57
CA ASP A 206 -59.52 37.66 9.26
C ASP A 206 -59.83 38.84 10.16
N LEU A 207 -58.84 39.32 10.91
CA LEU A 207 -59.05 40.45 11.82
C LEU A 207 -58.94 41.79 11.12
N ALA A 208 -58.57 41.81 9.83
CA ALA A 208 -58.51 43.08 9.10
C ALA A 208 -59.88 43.73 9.01
N ASP A 209 -60.93 42.92 8.84
CA ASP A 209 -62.28 43.45 8.83
C ASP A 209 -62.68 43.98 10.21
N PHE A 210 -62.16 43.38 11.27
CA PHE A 210 -62.47 43.85 12.62
C PHE A 210 -61.91 45.24 12.87
N ARG A 211 -60.71 45.52 12.36
CA ARG A 211 -60.10 46.82 12.59
C ARG A 211 -60.91 47.95 11.99
N ILE A 212 -61.50 47.71 10.82
CA ILE A 212 -62.29 48.74 10.15
C ILE A 212 -63.50 49.12 10.99
N GLN A 213 -64.20 48.13 11.54
CA GLN A 213 -65.44 48.38 12.25
C GLN A 213 -65.24 49.17 13.54
N HIS A 214 -64.03 49.14 14.11
CA HIS A 214 -63.75 49.81 15.38
C HIS A 214 -62.50 50.67 15.20
N PRO A 215 -62.65 51.88 14.67
CA PRO A 215 -61.49 52.77 14.51
C PRO A 215 -60.83 53.14 15.84
N ASP A 216 -61.61 53.26 16.91
CA ASP A 216 -61.05 53.70 18.19
C ASP A 216 -60.07 52.68 18.76
N LEU A 217 -60.41 51.39 18.67
CA LEU A 217 -59.58 50.36 19.26
C LEU A 217 -58.25 50.22 18.52
N ILE A 218 -57.21 49.89 19.28
CA ILE A 218 -55.89 49.62 18.75
C ILE A 218 -55.59 48.15 19.01
N LEU A 219 -55.48 47.38 17.95
CA LEU A 219 -55.25 45.93 18.04
C LEU A 219 -53.81 45.63 17.70
N LEU A 220 -53.09 45.00 18.65
CA LEU A 220 -51.72 44.59 18.45
C LEU A 220 -51.68 43.07 18.33
N GLN A 221 -51.03 42.57 17.27
CA GLN A 221 -50.98 41.15 16.98
C GLN A 221 -49.53 40.69 16.95
N TYR A 222 -49.23 39.66 17.74
CA TYR A 222 -47.92 39.01 17.73
C TYR A 222 -48.15 37.52 17.54
N VAL A 223 -48.02 37.07 16.29
CA VAL A 223 -48.28 35.68 15.92
C VAL A 223 -49.66 35.28 16.39
N ASP A 224 -49.76 34.82 17.65
CA ASP A 224 -51.03 34.42 18.24
C ASP A 224 -51.52 35.37 19.33
N ASP A 225 -50.61 36.01 20.05
CA ASP A 225 -51.03 36.91 21.14
C ASP A 225 -51.65 38.17 20.57
N LEU A 226 -52.82 38.54 21.10
CA LEU A 226 -53.53 39.73 20.69
C LEU A 226 -53.71 40.65 21.90
N LEU A 227 -53.50 41.95 21.67
CA LEU A 227 -53.68 42.96 22.71
C LEU A 227 -54.64 44.02 22.20
N LEU A 228 -55.67 44.31 22.97
CA LEU A 228 -56.67 45.30 22.63
C LEU A 228 -56.53 46.49 23.56
N ALA A 229 -56.35 47.68 22.98
CA ALA A 229 -56.19 48.91 23.73
C ALA A 229 -57.36 49.83 23.46
N ALA A 230 -57.96 50.37 24.51
CA ALA A 230 -59.12 51.24 24.41
C ALA A 230 -58.92 52.46 25.30
N THR A 231 -59.81 53.44 25.14
CA THR A 231 -59.69 54.69 25.88
C THR A 231 -60.24 54.56 27.29
N SER A 232 -61.52 54.23 27.41
CA SER A 232 -62.20 54.11 28.69
C SER A 232 -62.51 52.65 28.99
N GLU A 233 -63.03 52.42 30.20
CA GLU A 233 -63.38 51.06 30.59
C GLU A 233 -64.52 50.50 29.74
N LEU A 234 -65.52 51.34 29.45
CA LEU A 234 -66.65 50.88 28.64
C LEU A 234 -66.22 50.54 27.22
N ASP A 235 -65.29 51.32 26.67
CA ASP A 235 -64.80 51.04 25.32
C ASP A 235 -64.12 49.69 25.24
N CYS A 236 -63.33 49.35 26.26
CA CYS A 236 -62.67 48.05 26.29
C CYS A 236 -63.69 46.92 26.40
N GLN A 237 -64.71 47.10 27.23
CA GLN A 237 -65.72 46.05 27.39
C GLN A 237 -66.47 45.81 26.10
N GLN A 238 -66.87 46.88 25.40
CA GLN A 238 -67.53 46.72 24.11
C GLN A 238 -66.59 46.10 23.08
N GLY A 239 -65.33 46.53 23.09
CA GLY A 239 -64.38 45.99 22.13
C GLY A 239 -64.06 44.52 22.38
N THR A 240 -63.96 44.13 23.66
CA THR A 240 -63.66 42.74 23.98
C THR A 240 -64.77 41.81 23.52
N ARG A 241 -66.03 42.21 23.73
CA ARG A 241 -67.15 41.39 23.28
C ARG A 241 -67.16 41.24 21.77
N ALA A 242 -66.90 42.33 21.05
CA ALA A 242 -66.83 42.26 19.60
C ALA A 242 -65.67 41.38 19.14
N LEU A 243 -64.52 41.50 19.81
CA LEU A 243 -63.37 40.68 19.44
C LEU A 243 -63.64 39.20 19.70
N LEU A 244 -64.26 38.88 20.84
CA LEU A 244 -64.59 37.48 21.13
C LEU A 244 -65.58 36.93 20.12
N GLN A 245 -66.60 37.72 19.78
CA GLN A 245 -67.56 37.28 18.77
C GLN A 245 -66.89 37.13 17.41
N THR A 246 -65.99 38.04 17.05
CA THR A 246 -65.32 37.96 15.77
C THR A 246 -64.45 36.71 15.68
N LEU A 247 -63.66 36.44 16.73
CA LEU A 247 -62.83 35.25 16.73
C LEU A 247 -63.65 33.98 16.80
N GLY A 248 -64.82 34.03 17.44
CA GLY A 248 -65.65 32.84 17.55
C GLY A 248 -66.15 32.35 16.22
N ASN A 249 -66.65 33.27 15.38
CA ASN A 249 -67.09 32.89 14.04
C ASN A 249 -65.92 32.41 13.20
N LEU A 250 -64.77 33.08 13.31
CA LEU A 250 -63.60 32.72 12.52
C LEU A 250 -63.03 31.36 12.92
N GLY A 251 -63.38 30.84 14.09
CA GLY A 251 -62.98 29.52 14.51
C GLY A 251 -61.83 29.49 15.50
N TYR A 252 -61.06 30.56 15.61
CA TYR A 252 -59.95 30.59 16.56
C TYR A 252 -60.49 30.55 17.99
N ARG A 253 -59.82 29.77 18.83
CA ARG A 253 -60.20 29.61 20.23
C ARG A 253 -59.12 30.21 21.12
N ALA A 254 -59.54 31.06 22.06
CA ALA A 254 -58.63 31.73 22.97
C ALA A 254 -58.66 31.06 24.34
N SER A 255 -57.49 30.90 24.95
CA SER A 255 -57.41 30.29 26.26
C SER A 255 -58.02 31.21 27.30
N ALA A 256 -58.90 30.66 28.14
CA ALA A 256 -59.55 31.42 29.19
C ALA A 256 -58.81 31.36 30.52
N LYS A 257 -57.93 30.38 30.71
CA LYS A 257 -57.17 30.29 31.95
C LYS A 257 -56.23 31.48 32.13
N LYS A 258 -55.59 31.92 31.04
CA LYS A 258 -54.68 33.05 31.05
C LYS A 258 -55.15 34.06 30.02
N ALA A 259 -56.04 34.96 30.44
CA ALA A 259 -56.57 35.99 29.54
C ALA A 259 -56.90 37.21 30.41
N GLN A 260 -56.01 38.19 30.42
CA GLN A 260 -56.22 39.42 31.18
C GLN A 260 -57.20 40.31 30.43
N ILE A 261 -58.38 40.51 31.00
CA ILE A 261 -59.46 41.24 30.35
C ILE A 261 -59.85 42.42 31.23
N CYS A 262 -59.85 43.62 30.64
CA CYS A 262 -60.29 44.84 31.31
C CYS A 262 -59.53 45.10 32.61
N GLN A 263 -58.21 44.91 32.56
CA GLN A 263 -57.34 45.20 33.69
C GLN A 263 -56.30 46.24 33.28
N LYS A 264 -56.08 47.22 34.16
CA LYS A 264 -55.01 48.18 33.92
C LYS A 264 -53.65 47.51 33.91
N GLN A 265 -53.41 46.59 34.84
CA GLN A 265 -52.16 45.84 34.92
C GLN A 265 -52.28 44.61 34.02
N VAL A 266 -51.54 44.60 32.92
CA VAL A 266 -51.47 43.46 32.04
C VAL A 266 -50.01 43.14 31.74
N LYS A 267 -49.75 41.89 31.40
CA LYS A 267 -48.43 41.43 30.99
C LYS A 267 -48.49 41.04 29.52
N TYR A 268 -47.65 41.68 28.71
CA TYR A 268 -47.65 41.43 27.28
C TYR A 268 -46.23 41.57 26.76
N LEU A 269 -45.79 40.60 25.95
CA LEU A 269 -44.46 40.60 25.36
C LEU A 269 -43.36 40.62 26.43
N GLY A 270 -43.64 40.03 27.59
CA GLY A 270 -42.68 40.02 28.67
C GLY A 270 -42.52 41.34 29.39
N TYR A 271 -43.42 42.29 29.17
CA TYR A 271 -43.32 43.62 29.74
C TYR A 271 -44.59 43.94 30.51
N LEU A 272 -44.43 44.58 31.66
CA LEU A 272 -45.57 45.05 32.43
C LEU A 272 -46.08 46.36 31.86
N LEU A 273 -47.41 46.50 31.79
CA LEU A 273 -48.05 47.66 31.20
C LEU A 273 -48.97 48.28 32.26
N LYS A 274 -48.50 49.36 32.89
CA LYS A 274 -49.24 50.02 33.94
C LYS A 274 -49.06 51.53 33.83
N GLU A 275 -50.16 52.26 33.96
CA GLU A 275 -50.18 53.73 33.79
C GLU A 275 -49.55 54.15 32.46
N GLY A 276 -49.73 53.32 31.43
CA GLY A 276 -49.13 53.62 30.14
C GLY A 276 -47.61 53.67 30.19
N GLN A 277 -46.99 52.83 31.01
CA GLN A 277 -45.54 52.77 31.14
C GLN A 277 -45.08 51.34 30.94
N ARG A 278 -44.00 51.18 30.19
CA ARG A 278 -43.43 49.86 29.91
C ARG A 278 -42.49 49.48 31.05
N TRP A 279 -43.09 48.99 32.14
CA TRP A 279 -42.34 48.55 33.30
C TRP A 279 -41.56 47.27 32.98
N LEU A 280 -40.84 46.79 33.97
CA LEU A 280 -40.15 45.51 33.90
C LEU A 280 -40.65 44.60 35.00
N THR A 281 -40.90 43.33 34.65
CA THR A 281 -41.47 42.40 35.60
C THR A 281 -40.51 42.16 36.76
N GLU A 282 -41.08 42.06 37.96
CA GLU A 282 -40.26 41.83 39.14
C GLU A 282 -39.55 40.48 39.08
N ALA A 283 -40.17 39.48 38.45
CA ALA A 283 -39.56 38.18 38.34
C ALA A 283 -38.29 38.23 37.49
N ARG A 284 -38.30 39.02 36.41
CA ARG A 284 -37.14 39.11 35.54
C ARG A 284 -35.95 39.71 36.28
N LYS A 285 -36.19 40.72 37.11
CA LYS A 285 -35.11 41.33 37.87
C LYS A 285 -34.49 40.34 38.85
N GLU A 286 -35.33 39.49 39.45
CA GLU A 286 -34.83 38.51 40.42
C GLU A 286 -33.88 37.52 39.76
N THR A 287 -34.19 37.09 38.53
CA THR A 287 -33.36 36.10 37.86
C THR A 287 -31.96 36.63 37.59
N VAL A 288 -31.85 37.89 37.17
CA VAL A 288 -30.54 38.45 36.83
C VAL A 288 -29.68 38.57 38.07
N MET A 289 -30.23 39.14 39.14
CA MET A 289 -29.46 39.30 40.37
C MET A 289 -29.30 38.01 41.14
N GLY A 290 -30.25 37.07 40.99
CA GLY A 290 -30.23 35.86 41.78
C GLY A 290 -29.02 34.98 41.54
N GLN A 291 -28.51 34.98 40.31
CA GLN A 291 -27.37 34.13 39.98
C GLN A 291 -26.15 34.60 40.78
N PRO A 292 -25.32 33.66 41.27
CA PRO A 292 -24.10 34.07 41.98
C PRO A 292 -23.04 34.61 41.05
N THR A 293 -21.86 34.91 41.58
CA THR A 293 -20.79 35.46 40.76
C THR A 293 -20.34 34.41 39.75
N PRO A 294 -20.31 34.73 38.45
CA PRO A 294 -19.89 33.74 37.45
C PRO A 294 -18.44 33.33 37.64
N LYS A 295 -18.16 32.07 37.30
CA LYS A 295 -16.83 31.51 37.43
C LYS A 295 -16.27 30.95 36.14
N THR A 296 -17.10 30.75 35.12
CA THR A 296 -16.69 30.22 33.83
C THR A 296 -17.25 31.11 32.74
N PRO A 297 -16.64 31.10 31.55
CA PRO A 297 -17.21 31.89 30.43
C PRO A 297 -18.64 31.51 30.11
N ARG A 298 -19.01 30.23 30.26
CA ARG A 298 -20.40 29.84 30.09
C ARG A 298 -21.29 30.50 31.14
N GLN A 299 -20.83 30.57 32.39
CA GLN A 299 -21.62 31.20 33.43
C GLN A 299 -21.75 32.71 33.19
N LEU A 300 -20.67 33.35 32.72
CA LEU A 300 -20.75 34.77 32.42
C LEU A 300 -21.63 35.04 31.20
N ARG A 301 -21.59 34.15 30.21
CA ARG A 301 -22.44 34.32 29.03
C ARG A 301 -23.91 34.23 29.41
N GLU A 302 -24.25 33.35 30.35
CA GLU A 302 -25.62 33.23 30.81
C GLU A 302 -26.10 34.51 31.45
N PHE A 303 -25.26 35.13 32.29
CA PHE A 303 -25.66 36.35 32.98
C PHE A 303 -25.79 37.52 32.01
N LEU A 304 -24.87 37.63 31.04
CA LEU A 304 -24.90 38.72 30.08
C LEU A 304 -26.22 38.76 29.31
N GLY A 305 -26.67 37.59 28.84
CA GLY A 305 -27.89 37.56 28.04
C GLY A 305 -29.10 38.09 28.78
N LYS A 306 -29.24 37.72 30.06
CA LYS A 306 -30.34 38.25 30.86
C LYS A 306 -30.24 39.77 30.98
N ALA A 307 -29.04 40.26 31.31
CA ALA A 307 -28.84 41.70 31.44
C ALA A 307 -29.12 42.42 30.13
N GLY A 308 -28.71 41.83 29.01
CA GLY A 308 -28.88 42.51 27.72
C GLY A 308 -30.33 42.77 27.37
N PHE A 309 -31.24 41.87 27.74
CA PHE A 309 -32.65 42.10 27.47
C PHE A 309 -33.17 43.32 28.21
N CYS A 310 -32.56 43.66 29.35
CA CYS A 310 -32.93 44.83 30.12
C CYS A 310 -32.11 46.07 29.79
N ARG A 311 -31.13 45.95 28.88
CA ARG A 311 -30.31 47.07 28.44
C ARG A 311 -31.10 48.35 28.17
N LEU A 312 -32.37 48.22 27.77
CA LEU A 312 -33.16 49.40 27.46
C LEU A 312 -33.54 50.18 28.71
N PHE A 313 -33.46 49.56 29.89
CA PHE A 313 -33.79 50.20 31.15
C PHE A 313 -32.58 50.75 31.87
N ILE A 314 -31.45 50.07 31.79
CA ILE A 314 -30.22 50.47 32.46
C ILE A 314 -29.56 51.60 31.68
N PRO A 315 -29.36 52.77 32.28
CA PRO A 315 -28.67 53.86 31.57
C PRO A 315 -27.19 53.57 31.43
N GLY A 316 -26.65 53.85 30.25
CA GLY A 316 -25.24 53.62 29.99
C GLY A 316 -24.81 52.19 30.17
N PHE A 317 -25.59 51.24 29.65
CA PHE A 317 -25.27 49.83 29.88
C PHE A 317 -24.04 49.39 29.10
N ALA A 318 -23.76 50.01 27.96
CA ALA A 318 -22.61 49.59 27.15
C ALA A 318 -21.30 49.81 27.91
N GLU A 319 -21.14 50.98 28.52
CA GLU A 319 -19.94 51.24 29.31
C GLU A 319 -19.96 50.47 30.62
N MET A 320 -21.13 50.25 31.20
CA MET A 320 -21.23 49.56 32.48
C MET A 320 -20.74 48.12 32.36
N ALA A 321 -21.13 47.42 31.30
CA ALA A 321 -20.74 46.03 31.08
C ALA A 321 -19.53 45.91 30.17
N ALA A 322 -18.79 47.01 29.97
CA ALA A 322 -17.60 46.96 29.11
C ALA A 322 -16.54 45.98 29.58
N PRO A 323 -16.15 45.94 30.87
CA PRO A 323 -15.09 45.00 31.27
C PRO A 323 -15.44 43.54 31.03
N LEU A 324 -16.71 43.17 31.13
CA LEU A 324 -17.08 41.76 30.99
C LEU A 324 -17.07 41.28 29.54
N TYR A 325 -17.14 42.19 28.57
CA TYR A 325 -17.18 41.77 27.18
C TYR A 325 -15.90 41.06 26.72
N PRO A 326 -14.69 41.57 26.97
CA PRO A 326 -13.49 40.83 26.53
C PRO A 326 -13.29 39.51 27.25
N LEU A 327 -13.97 39.28 28.37
CA LEU A 327 -13.89 38.00 29.06
C LEU A 327 -14.78 36.95 28.44
N THR A 328 -15.72 37.35 27.57
CA THR A 328 -16.66 36.42 26.96
C THR A 328 -16.00 35.53 25.90
N LYS A 329 -14.84 35.93 25.39
CA LYS A 329 -14.24 35.23 24.27
C LYS A 329 -13.97 33.77 24.62
N PRO A 330 -14.22 32.83 23.70
CA PRO A 330 -13.91 31.42 24.01
C PRO A 330 -12.45 31.17 24.33
N GLY A 331 -11.53 31.84 23.63
CA GLY A 331 -10.12 31.72 23.94
C GLY A 331 -9.61 32.83 24.84
N THR A 332 -9.56 32.54 26.14
CA THR A 332 -9.12 33.50 27.15
C THR A 332 -9.08 32.78 28.49
N LEU A 333 -8.57 33.47 29.50
CA LEU A 333 -8.54 32.96 30.87
C LEU A 333 -9.55 33.74 31.70
N PHE A 334 -10.39 33.01 32.44
CA PHE A 334 -11.43 33.63 33.25
C PHE A 334 -10.80 34.11 34.55
N ASN A 335 -10.26 35.32 34.52
CA ASN A 335 -9.70 35.96 35.70
C ASN A 335 -10.69 37.00 36.20
N TRP A 336 -11.40 36.67 37.28
CA TRP A 336 -12.41 37.57 37.86
C TRP A 336 -11.70 38.56 38.77
N GLY A 337 -11.14 39.60 38.15
CA GLY A 337 -10.39 40.60 38.87
C GLY A 337 -11.29 41.58 39.59
N PRO A 338 -10.67 42.45 40.39
CA PRO A 338 -11.46 43.48 41.09
C PRO A 338 -12.23 44.39 40.15
N ASP A 339 -11.66 44.69 38.98
CA ASP A 339 -12.37 45.53 38.01
C ASP A 339 -13.62 44.84 37.50
N GLN A 340 -13.54 43.53 37.23
CA GLN A 340 -14.70 42.78 36.79
C GLN A 340 -15.79 42.76 37.87
N GLN A 341 -15.40 42.60 39.13
CA GLN A 341 -16.37 42.63 40.22
C GLN A 341 -17.04 43.98 40.32
N LYS A 342 -16.31 45.07 40.02
CA LYS A 342 -16.93 46.39 40.00
C LYS A 342 -17.98 46.49 38.90
N ALA A 343 -17.69 45.92 37.72
CA ALA A 343 -18.67 45.93 36.64
C ALA A 343 -19.89 45.10 36.99
N TYR A 344 -19.68 43.95 37.63
CA TYR A 344 -20.80 43.10 38.04
C TYR A 344 -21.69 43.81 39.05
N GLN A 345 -21.09 44.48 40.03
CA GLN A 345 -21.87 45.16 41.05
C GLN A 345 -22.70 46.30 40.45
N GLU A 346 -22.18 46.96 39.42
CA GLU A 346 -22.91 48.07 38.80
C GLU A 346 -24.20 47.58 38.16
N ILE A 347 -24.15 46.42 37.48
CA ILE A 347 -25.35 45.90 36.83
C ILE A 347 -26.37 45.43 37.86
N LYS A 348 -25.90 44.81 38.95
CA LYS A 348 -26.81 44.35 40.00
C LYS A 348 -27.54 45.52 40.64
N GLN A 349 -26.82 46.62 40.93
CA GLN A 349 -27.45 47.77 41.57
C GLN A 349 -28.31 48.55 40.58
N ALA A 350 -27.93 48.58 39.31
CA ALA A 350 -28.71 49.32 38.31
C ALA A 350 -30.09 48.70 38.11
N LEU A 351 -30.16 47.37 38.06
CA LEU A 351 -31.44 46.71 37.85
C LEU A 351 -32.36 46.80 39.05
N LEU A 352 -31.81 47.06 40.24
CA LEU A 352 -32.65 47.21 41.43
C LEU A 352 -33.57 48.41 41.31
N THR A 353 -33.07 49.52 40.77
CA THR A 353 -33.83 50.76 40.64
C THR A 353 -34.02 51.12 39.17
N ALA A 354 -34.37 50.13 38.35
CA ALA A 354 -34.64 50.38 36.95
C ALA A 354 -35.88 51.27 36.81
N PRO A 355 -35.85 52.30 35.98
CA PRO A 355 -36.99 53.21 35.88
C PRO A 355 -38.12 52.60 35.07
N ALA A 356 -39.17 53.40 34.88
CA ALA A 356 -40.34 53.00 34.11
C ALA A 356 -40.28 53.67 32.75
N LEU A 357 -39.91 52.89 31.74
CA LEU A 357 -39.88 53.40 30.37
C LEU A 357 -41.29 53.67 29.88
N GLY A 358 -41.52 54.87 29.36
CA GLY A 358 -42.83 55.22 28.88
C GLY A 358 -43.12 54.68 27.49
N LEU A 359 -44.40 54.53 27.20
CA LEU A 359 -44.81 54.09 25.87
C LEU A 359 -44.64 55.24 24.88
N PRO A 360 -43.91 55.03 23.78
CA PRO A 360 -43.71 56.12 22.81
C PRO A 360 -45.02 56.49 22.13
N ASP A 361 -45.27 57.79 22.02
CA ASP A 361 -46.44 58.32 21.34
C ASP A 361 -45.99 58.83 19.96
N LEU A 362 -46.46 58.17 18.91
CA LEU A 362 -45.97 58.48 17.57
C LEU A 362 -46.43 59.85 17.10
N THR A 363 -47.53 60.37 17.63
CA THR A 363 -48.04 61.66 17.18
C THR A 363 -47.08 62.79 17.52
N LYS A 364 -46.54 62.79 18.74
CA LYS A 364 -45.67 63.85 19.20
C LYS A 364 -44.22 63.59 18.80
N PRO A 365 -43.42 64.65 18.67
CA PRO A 365 -42.01 64.46 18.29
C PRO A 365 -41.19 63.88 19.44
N PHE A 366 -40.04 63.33 19.08
CA PHE A 366 -39.14 62.68 20.02
C PHE A 366 -37.98 63.59 20.40
N GLU A 367 -37.25 63.18 21.43
CA GLU A 367 -36.08 63.91 21.91
C GLU A 367 -35.03 62.89 22.34
N LEU A 368 -33.79 63.13 21.93
CA LEU A 368 -32.69 62.20 22.21
C LEU A 368 -31.50 62.97 22.78
N PHE A 369 -31.01 62.51 23.93
CA PHE A 369 -29.79 63.03 24.53
C PHE A 369 -28.63 62.11 24.18
N VAL A 370 -27.49 62.70 23.82
CA VAL A 370 -26.32 61.94 23.42
C VAL A 370 -25.12 62.39 24.26
N ASP A 371 -24.36 61.43 24.77
CA ASP A 371 -23.13 61.70 25.50
C ASP A 371 -22.14 60.59 25.19
N GLU A 372 -20.86 60.94 25.23
CA GLU A 372 -19.81 59.99 24.86
C GLU A 372 -18.58 60.23 25.70
N LYS A 373 -18.21 59.26 26.51
CA LYS A 373 -17.00 59.31 27.32
C LYS A 373 -16.20 58.04 27.10
N GLN A 374 -14.90 58.20 26.81
CA GLN A 374 -13.94 57.09 26.72
C GLN A 374 -14.39 56.04 25.71
N GLY A 375 -14.85 56.49 24.54
CA GLY A 375 -15.14 55.58 23.45
C GLY A 375 -16.41 54.79 23.59
N TYR A 376 -17.26 55.09 24.58
CA TYR A 376 -18.52 54.40 24.78
C TYR A 376 -19.65 55.42 24.73
N ALA A 377 -20.54 55.25 23.75
CA ALA A 377 -21.65 56.19 23.58
C ALA A 377 -22.81 55.80 24.48
N LYS A 378 -23.41 56.80 25.13
CA LYS A 378 -24.56 56.59 26.00
C LYS A 378 -25.56 57.70 25.76
N GLY A 379 -26.82 57.42 26.08
CA GLY A 379 -27.86 58.40 25.90
C GLY A 379 -29.21 57.85 26.32
N VAL A 380 -30.21 58.72 26.26
CA VAL A 380 -31.58 58.37 26.61
C VAL A 380 -32.52 59.02 25.60
N LEU A 381 -33.51 58.25 25.16
CA LEU A 381 -34.57 58.75 24.29
C LEU A 381 -35.76 59.12 25.17
N THR A 382 -36.18 60.38 25.11
CA THR A 382 -37.24 60.90 25.96
C THR A 382 -38.35 61.51 25.11
N GLN A 383 -39.50 61.71 25.75
CA GLN A 383 -40.63 62.39 25.12
C GLN A 383 -41.27 63.30 26.14
N LYS A 384 -41.99 64.31 25.63
CA LYS A 384 -42.62 65.29 26.50
C LYS A 384 -43.76 64.66 27.29
N LEU A 385 -43.77 64.90 28.59
CA LEU A 385 -44.85 64.45 29.48
C LEU A 385 -45.17 65.61 30.40
N GLY A 386 -46.25 66.33 30.10
CA GLY A 386 -46.57 67.56 30.79
C GLY A 386 -45.44 68.56 30.65
N PRO A 387 -44.98 69.11 31.78
CA PRO A 387 -43.80 69.97 31.75
C PRO A 387 -42.48 69.22 31.83
N TRP A 388 -42.49 67.93 32.12
CA TRP A 388 -41.28 67.13 32.26
C TRP A 388 -41.06 66.26 31.04
N ARG A 389 -39.89 65.62 30.99
CA ARG A 389 -39.55 64.66 29.95
C ARG A 389 -39.53 63.27 30.56
N ARG A 390 -40.20 62.33 29.90
CA ARG A 390 -40.24 60.96 30.37
C ARG A 390 -39.38 60.07 29.47
N PRO A 391 -38.49 59.26 30.03
CA PRO A 391 -37.67 58.39 29.19
C PRO A 391 -38.52 57.40 28.40
N VAL A 392 -38.09 57.15 27.17
CA VAL A 392 -38.71 56.15 26.31
C VAL A 392 -37.86 54.89 26.20
N ALA A 393 -36.55 55.06 26.00
CA ALA A 393 -35.63 53.94 25.93
C ALA A 393 -34.21 54.47 26.12
N TYR A 394 -33.43 53.77 26.94
CA TYR A 394 -32.03 54.11 27.14
C TYR A 394 -31.19 53.45 26.05
N LEU A 395 -30.44 54.26 25.32
CA LEU A 395 -29.62 53.80 24.21
C LEU A 395 -28.15 53.92 24.59
N SER A 396 -27.40 52.84 24.37
CA SER A 396 -25.97 52.83 24.64
C SER A 396 -25.30 51.84 23.69
N LYS A 397 -24.07 52.18 23.29
CA LYS A 397 -23.34 51.37 22.32
C LYS A 397 -21.85 51.51 22.55
N LYS A 398 -21.10 50.60 21.95
CA LYS A 398 -19.64 50.65 21.93
C LYS A 398 -19.19 51.18 20.57
N LEU A 399 -18.41 52.25 20.58
CA LEU A 399 -17.92 52.82 19.34
C LEU A 399 -16.96 51.87 18.64
N ASP A 400 -17.00 51.86 17.31
CA ASP A 400 -16.11 51.03 16.52
C ASP A 400 -14.66 51.50 16.70
N PRO A 401 -13.69 50.59 16.52
CA PRO A 401 -12.29 50.97 16.76
C PRO A 401 -11.81 52.12 15.88
N VAL A 402 -12.37 52.29 14.69
CA VAL A 402 -11.98 53.39 13.83
C VAL A 402 -12.31 54.73 14.48
N ALA A 403 -13.48 54.83 15.12
CA ALA A 403 -13.85 56.04 15.83
C ALA A 403 -13.28 56.10 17.24
N ALA A 404 -12.71 55.00 17.73
CA ALA A 404 -12.13 55.01 19.08
C ALA A 404 -10.92 55.93 19.16
N GLY A 405 -10.09 55.94 18.12
CA GLY A 405 -8.90 56.77 18.10
C GLY A 405 -9.12 58.21 17.70
N TRP A 406 -10.35 58.58 17.39
CA TRP A 406 -10.65 59.95 16.99
C TRP A 406 -10.53 60.90 18.19
N PRO A 407 -10.28 62.17 17.94
CA PRO A 407 -10.24 63.15 19.05
C PRO A 407 -11.62 63.31 19.68
N PRO A 408 -11.69 63.85 20.89
CA PRO A 408 -13.00 63.96 21.57
C PRO A 408 -14.01 64.76 20.79
N CYS A 409 -13.59 65.77 20.04
CA CYS A 409 -14.54 66.54 19.24
C CYS A 409 -15.16 65.67 18.16
N LEU A 410 -14.36 64.84 17.50
CA LEU A 410 -14.87 63.96 16.45
C LEU A 410 -15.58 62.74 17.00
N ARG A 411 -15.28 62.33 18.24
CA ARG A 411 -15.91 61.14 18.81
C ARG A 411 -17.41 61.35 19.03
N MET A 412 -17.80 62.57 19.41
CA MET A 412 -19.22 62.85 19.64
C MET A 412 -20.02 62.75 18.35
N VAL A 413 -19.43 63.17 17.22
CA VAL A 413 -20.11 63.05 15.93
C VAL A 413 -20.38 61.60 15.60
N ALA A 414 -19.40 60.72 15.81
CA ALA A 414 -19.61 59.31 15.56
C ALA A 414 -20.59 58.71 16.56
N ALA A 415 -20.57 59.19 17.81
CA ALA A 415 -21.48 58.67 18.82
C ALA A 415 -22.93 58.98 18.48
N ILE A 416 -23.18 60.19 17.97
CA ILE A 416 -24.54 60.57 17.60
C ILE A 416 -25.06 59.68 16.47
N ALA A 417 -24.22 59.42 15.48
CA ALA A 417 -24.65 58.60 14.34
C ALA A 417 -25.02 57.18 14.78
N VAL A 418 -24.25 56.61 15.71
CA VAL A 418 -24.54 55.26 16.17
C VAL A 418 -25.85 55.22 16.94
N LEU A 419 -26.05 56.19 17.84
CA LEU A 419 -27.27 56.20 18.65
C LEU A 419 -28.49 56.58 17.83
N THR A 420 -28.32 57.48 16.85
CA THR A 420 -29.44 57.84 16.00
C THR A 420 -29.92 56.66 15.17
N LYS A 421 -29.01 55.76 14.79
CA LYS A 421 -29.43 54.53 14.13
C LYS A 421 -30.26 53.65 15.06
N ASP A 422 -29.86 53.57 16.34
CA ASP A 422 -30.63 52.78 17.29
C ASP A 422 -32.00 53.41 17.55
N ALA A 423 -32.08 54.74 17.62
CA ALA A 423 -33.35 55.40 17.89
C ALA A 423 -34.34 55.20 16.76
N GLY A 424 -33.86 55.07 15.51
CA GLY A 424 -34.76 54.88 14.39
C GLY A 424 -35.56 53.59 14.47
N LYS A 425 -34.95 52.54 15.04
CA LYS A 425 -35.62 51.25 15.16
C LYS A 425 -36.78 51.27 16.15
N LEU A 426 -36.91 52.32 16.96
CA LEU A 426 -38.01 52.45 17.91
C LEU A 426 -38.93 53.62 17.61
N THR A 427 -38.42 54.71 17.04
CA THR A 427 -39.23 55.88 16.73
C THR A 427 -40.05 55.70 15.45
N MET A 428 -39.88 54.59 14.75
CA MET A 428 -40.62 54.30 13.51
C MET A 428 -40.34 55.33 12.43
N GLY A 429 -39.14 55.91 12.45
CA GLY A 429 -38.76 56.90 11.45
C GLY A 429 -39.30 58.29 11.68
N GLN A 430 -39.99 58.53 12.78
CA GLN A 430 -40.50 59.86 13.06
C GLN A 430 -39.35 60.83 13.34
N PRO A 431 -39.51 62.11 13.00
CA PRO A 431 -38.45 63.08 13.27
C PRO A 431 -38.16 63.21 14.76
N LEU A 432 -36.90 63.45 15.08
CA LEU A 432 -36.45 63.55 16.46
C LEU A 432 -35.39 64.64 16.56
N VAL A 433 -35.18 65.11 17.79
CA VAL A 433 -34.25 66.19 18.07
C VAL A 433 -33.07 65.61 18.85
N ILE A 434 -31.87 65.91 18.40
CA ILE A 434 -30.65 65.42 19.02
C ILE A 434 -30.05 66.53 19.88
N LEU A 435 -29.98 66.30 21.17
CA LEU A 435 -29.43 67.26 22.12
C LEU A 435 -28.17 66.70 22.74
N ALA A 436 -27.08 67.46 22.67
CA ALA A 436 -25.80 67.03 23.20
C ALA A 436 -25.09 68.20 23.86
N PRO A 437 -24.23 67.94 24.85
CA PRO A 437 -23.50 69.04 25.49
C PRO A 437 -22.73 69.92 24.52
N HIS A 438 -21.90 69.33 23.67
CA HIS A 438 -21.09 70.08 22.73
C HIS A 438 -21.95 70.59 21.57
N ALA A 439 -21.33 71.35 20.68
CA ALA A 439 -22.03 71.94 19.54
C ALA A 439 -21.50 71.36 18.24
N VAL A 440 -21.34 70.04 18.20
CA VAL A 440 -20.71 69.35 17.08
C VAL A 440 -21.65 69.29 15.88
N GLU A 441 -22.88 69.79 16.03
CA GLU A 441 -23.82 69.77 14.91
C GLU A 441 -23.32 70.65 13.77
N ALA A 442 -22.68 71.77 14.08
CA ALA A 442 -22.02 72.57 13.06
C ALA A 442 -20.71 71.96 12.59
N LEU A 443 -20.08 71.14 13.43
CA LEU A 443 -18.83 70.49 13.04
C LEU A 443 -19.03 69.51 11.90
N VAL A 444 -20.22 68.89 11.81
CA VAL A 444 -20.48 67.95 10.73
C VAL A 444 -20.45 68.67 9.38
N LYS A 445 -20.94 69.91 9.34
CA LYS A 445 -20.93 70.67 8.09
C LYS A 445 -19.49 70.94 7.63
N GLN A 446 -18.61 71.30 8.56
CA GLN A 446 -17.22 71.63 8.25
C GLN A 446 -16.29 70.82 9.14
N PRO A 447 -16.12 69.53 8.86
CA PRO A 447 -15.19 68.72 9.66
C PRO A 447 -13.77 69.21 9.47
N PRO A 448 -12.93 69.10 10.50
CA PRO A 448 -11.52 69.52 10.41
C PRO A 448 -10.70 68.64 9.49
N ALA A 455 -15.18 58.87 2.95
CA ALA A 455 -16.01 57.69 2.79
C ALA A 455 -17.05 57.60 3.89
N ARG A 456 -16.61 57.22 5.10
CA ARG A 456 -17.53 57.13 6.23
C ARG A 456 -18.09 58.49 6.61
N MET A 457 -17.25 59.53 6.54
CA MET A 457 -17.71 60.87 6.90
C MET A 457 -18.85 61.33 6.00
N THR A 458 -18.77 61.00 4.70
CA THR A 458 -19.88 61.31 3.79
C THR A 458 -21.13 60.54 4.18
N HIS A 459 -20.96 59.28 4.62
CA HIS A 459 -22.10 58.52 5.10
C HIS A 459 -22.71 59.16 6.34
N TYR A 460 -21.87 59.65 7.25
CA TYR A 460 -22.38 60.34 8.44
C TYR A 460 -23.10 61.63 8.09
N GLN A 461 -22.64 62.33 7.05
CA GLN A 461 -23.27 63.59 6.66
C GLN A 461 -24.70 63.37 6.22
N ALA A 462 -24.96 62.32 5.43
CA ALA A 462 -26.32 62.06 4.95
C ALA A 462 -27.25 61.71 6.10
N LEU A 463 -26.76 60.92 7.07
CA LEU A 463 -27.61 60.47 8.15
C LEU A 463 -28.01 61.62 9.08
N LEU A 464 -27.07 62.52 9.37
CA LEU A 464 -27.31 63.55 10.37
C LEU A 464 -27.87 64.84 9.79
N LEU A 465 -27.77 65.05 8.48
CA LEU A 465 -28.23 66.29 7.86
C LEU A 465 -29.60 66.17 7.21
N ASP A 466 -30.24 65.00 7.29
CA ASP A 466 -31.56 64.80 6.71
C ASP A 466 -32.59 65.54 7.56
N THR A 467 -33.01 66.72 7.09
CA THR A 467 -33.95 67.52 7.86
C THR A 467 -35.30 66.84 8.02
N ASP A 468 -35.64 65.90 7.14
CA ASP A 468 -36.93 65.21 7.24
C ASP A 468 -36.98 64.30 8.46
N ARG A 469 -35.87 63.65 8.79
CA ARG A 469 -35.86 62.65 9.85
C ARG A 469 -35.14 63.09 11.12
N VAL A 470 -34.19 64.01 11.04
CA VAL A 470 -33.41 64.42 12.20
C VAL A 470 -33.14 65.92 12.13
N GLN A 471 -32.98 66.52 13.30
CA GLN A 471 -32.60 67.92 13.42
C GLN A 471 -31.94 68.12 14.78
N PHE A 472 -31.22 69.22 14.91
CA PHE A 472 -30.52 69.57 16.14
C PHE A 472 -31.17 70.79 16.77
N GLY A 473 -31.59 70.65 18.02
CA GLY A 473 -32.21 71.75 18.74
C GLY A 473 -31.18 72.64 19.40
N PRO A 474 -31.62 73.40 20.40
CA PRO A 474 -30.67 74.26 21.15
C PRO A 474 -29.62 73.42 21.85
N VAL A 475 -28.35 73.81 21.68
CA VAL A 475 -27.25 73.10 22.30
C VAL A 475 -27.30 73.31 23.81
N VAL A 476 -27.22 72.20 24.56
CA VAL A 476 -27.32 72.26 26.02
C VAL A 476 -26.77 70.95 26.57
N ALA A 477 -26.19 71.02 27.76
CA ALA A 477 -25.66 69.83 28.41
C ALA A 477 -26.81 68.98 28.96
N LEU A 478 -26.45 67.86 29.59
CA LEU A 478 -27.44 66.95 30.13
C LEU A 478 -26.90 66.34 31.42
N ASN A 479 -27.81 65.91 32.28
CA ASN A 479 -27.43 65.31 33.56
C ASN A 479 -26.72 63.98 33.32
N PRO A 480 -25.67 63.67 34.09
CA PRO A 480 -24.94 62.41 33.87
C PRO A 480 -25.81 61.18 33.98
N ALA A 481 -26.80 61.17 34.87
CA ALA A 481 -27.68 60.01 34.99
C ALA A 481 -28.49 59.80 33.72
N THR A 482 -28.98 60.88 33.12
CA THR A 482 -29.76 60.78 31.88
C THR A 482 -28.86 60.42 30.70
N ASP B 1 -20.53 18.58 7.42
CA ASP B 1 -19.40 19.08 6.65
C ASP B 1 -18.30 19.59 7.58
N LYS B 2 -17.09 19.07 7.39
CA LYS B 2 -15.95 19.45 8.21
C LYS B 2 -14.68 19.09 7.45
N LYS B 3 -13.71 20.01 7.50
CA LYS B 3 -12.42 19.75 6.88
C LYS B 3 -11.67 18.67 7.64
N TYR B 4 -11.14 17.68 6.91
CA TYR B 4 -10.46 16.57 7.52
C TYR B 4 -9.34 16.09 6.60
N SER B 5 -8.44 15.29 7.18
CA SER B 5 -7.31 14.73 6.45
C SER B 5 -7.17 13.25 6.79
N ILE B 6 -6.55 12.52 5.88
CA ILE B 6 -6.36 11.07 6.02
C ILE B 6 -4.87 10.76 6.08
N GLY B 7 -4.47 9.98 7.07
CA GLY B 7 -3.10 9.52 7.20
C GLY B 7 -3.05 8.01 7.02
N LEU B 8 -2.07 7.56 6.23
CA LEU B 8 -2.00 6.15 5.85
C LEU B 8 -0.57 5.65 5.95
N ALA B 9 -0.40 4.49 6.58
CA ALA B 9 0.89 3.80 6.65
C ALA B 9 0.74 2.49 5.89
N ILE B 10 1.60 2.29 4.88
CA ILE B 10 1.49 1.16 3.98
C ILE B 10 2.62 0.18 4.28
N GLY B 11 2.26 -1.06 4.60
CA GLY B 11 3.22 -2.12 4.84
C GLY B 11 2.95 -3.28 3.88
N THR B 12 3.88 -4.24 3.89
CA THR B 12 3.73 -5.41 3.04
C THR B 12 2.57 -6.28 3.48
N ASN B 13 2.21 -6.24 4.77
CA ASN B 13 1.11 -7.04 5.28
C ASN B 13 0.26 -6.28 6.28
N SER B 14 0.15 -4.95 6.11
CA SER B 14 -0.67 -4.12 6.98
C SER B 14 -0.85 -2.76 6.34
N VAL B 15 -2.05 -2.19 6.48
CA VAL B 15 -2.34 -0.85 6.00
C VAL B 15 -3.10 -0.09 7.09
N GLY B 16 -2.41 0.80 7.79
CA GLY B 16 -3.06 1.62 8.79
C GLY B 16 -3.66 2.88 8.21
N TRP B 17 -4.67 3.39 8.91
CA TRP B 17 -5.38 4.58 8.45
C TRP B 17 -5.88 5.36 9.66
N ALA B 18 -6.11 6.66 9.46
CA ALA B 18 -6.60 7.52 10.53
C ALA B 18 -7.12 8.81 9.92
N VAL B 19 -8.32 9.21 10.33
CA VAL B 19 -8.94 10.46 9.92
C VAL B 19 -8.77 11.47 11.05
N ILE B 20 -8.27 12.66 10.72
CA ILE B 20 -8.04 13.71 11.70
C ILE B 20 -8.76 14.97 11.26
N THR B 21 -9.08 15.81 12.24
CA THR B 21 -9.72 17.10 12.01
C THR B 21 -8.67 18.21 11.99
N ASP B 22 -9.13 19.46 12.01
CA ASP B 22 -8.22 20.59 12.01
C ASP B 22 -7.35 20.61 13.27
N GLU B 23 -7.94 20.29 14.42
CA GLU B 23 -7.21 20.26 15.68
C GLU B 23 -6.52 18.93 15.93
N TYR B 24 -6.28 18.14 14.88
CA TYR B 24 -5.61 16.84 14.99
C TYR B 24 -6.37 15.88 15.88
N LYS B 25 -7.69 16.00 15.94
CA LYS B 25 -8.53 15.12 16.73
C LYS B 25 -9.23 14.12 15.82
N VAL B 26 -9.15 12.84 16.19
CA VAL B 26 -9.80 11.77 15.43
C VAL B 26 -11.28 11.78 15.73
N PRO B 27 -12.15 11.89 14.73
CA PRO B 27 -13.60 11.92 14.99
C PRO B 27 -14.12 10.56 15.42
N SER B 28 -15.38 10.56 15.84
CA SER B 28 -16.07 9.35 16.26
C SER B 28 -17.55 9.51 15.96
N LYS B 29 -18.11 8.57 15.21
CA LYS B 29 -19.52 8.63 14.82
C LYS B 29 -20.17 7.26 15.01
N LYS B 30 -21.48 7.28 15.25
CA LYS B 30 -22.24 6.05 15.36
C LYS B 30 -22.43 5.42 14.00
N PHE B 31 -22.39 4.09 13.96
CA PHE B 31 -22.53 3.33 12.72
C PHE B 31 -23.63 2.30 12.87
N LYS B 32 -24.48 2.21 11.85
CA LYS B 32 -25.58 1.26 11.88
C LYS B 32 -25.07 -0.17 11.66
N VAL B 33 -25.61 -1.11 12.42
CA VAL B 33 -25.25 -2.52 12.32
C VAL B 33 -26.40 -3.26 11.66
N LEU B 34 -26.11 -3.92 10.55
CA LEU B 34 -27.11 -4.73 9.86
C LEU B 34 -27.05 -6.16 10.38
N GLY B 35 -28.15 -6.88 10.22
CA GLY B 35 -28.24 -8.25 10.65
C GLY B 35 -29.52 -8.51 11.43
N ASN B 36 -29.62 -9.72 11.95
CA ASN B 36 -30.79 -10.15 12.71
C ASN B 36 -30.61 -9.99 14.22
N THR B 37 -29.46 -9.49 14.67
CA THR B 37 -29.22 -9.31 16.10
C THR B 37 -29.96 -8.09 16.61
N ASP B 38 -30.02 -7.97 17.94
CA ASP B 38 -30.71 -6.86 18.58
C ASP B 38 -29.91 -5.57 18.58
N ARG B 39 -28.60 -5.63 18.29
CA ARG B 39 -27.79 -4.44 18.20
C ARG B 39 -28.05 -3.73 16.88
N HIS B 40 -28.37 -2.44 16.94
CA HIS B 40 -28.71 -1.67 15.75
C HIS B 40 -27.79 -0.49 15.52
N SER B 41 -26.84 -0.23 16.40
CA SER B 41 -25.91 0.88 16.24
C SER B 41 -24.67 0.59 17.07
N ILE B 42 -23.58 1.24 16.71
CA ILE B 42 -22.31 1.08 17.42
C ILE B 42 -21.48 2.33 17.21
N LYS B 43 -20.78 2.74 18.26
CA LYS B 43 -19.92 3.92 18.22
C LYS B 43 -18.48 3.48 18.02
N LYS B 44 -17.80 4.06 17.04
CA LYS B 44 -16.43 3.70 16.71
C LYS B 44 -15.64 4.95 16.38
N ASN B 45 -14.33 4.89 16.63
CA ASN B 45 -13.41 5.94 16.24
C ASN B 45 -12.93 5.71 14.82
N LEU B 46 -12.58 6.80 14.15
CA LEU B 46 -12.12 6.74 12.76
C LEU B 46 -10.60 6.57 12.69
N ILE B 47 -10.14 5.44 13.24
CA ILE B 47 -8.73 5.09 13.25
C ILE B 47 -8.65 3.57 13.35
N GLY B 48 -7.66 3.00 12.66
CA GLY B 48 -7.52 1.56 12.67
C GLY B 48 -6.47 1.11 11.66
N ALA B 49 -6.48 -0.19 11.40
CA ALA B 49 -5.53 -0.80 10.48
C ALA B 49 -6.15 -2.05 9.89
N LEU B 50 -5.70 -2.41 8.69
CA LEU B 50 -6.15 -3.61 7.99
C LEU B 50 -4.97 -4.55 7.83
N LEU B 51 -5.12 -5.77 8.32
CA LEU B 51 -4.07 -6.78 8.27
C LEU B 51 -4.44 -7.84 7.23
N PHE B 52 -3.49 -8.19 6.38
CA PHE B 52 -3.71 -9.17 5.34
C PHE B 52 -2.44 -9.99 5.15
N ASP B 53 -2.63 -11.19 4.58
CA ASP B 53 -1.48 -12.04 4.27
C ASP B 53 -0.68 -11.46 3.12
N SER B 54 0.63 -11.64 3.18
CA SER B 54 1.52 -11.08 2.17
C SER B 54 1.30 -11.74 0.82
N GLY B 55 1.38 -10.95 -0.24
CA GLY B 55 1.26 -11.47 -1.58
C GLY B 55 2.47 -12.28 -1.99
N GLU B 56 2.31 -13.04 -3.07
CA GLU B 56 3.35 -13.95 -3.55
C GLU B 56 3.63 -13.71 -5.02
N THR B 57 4.84 -14.05 -5.43
CA THR B 57 5.23 -13.99 -6.82
C THR B 57 4.88 -15.29 -7.55
N ALA B 58 4.87 -15.23 -8.87
CA ALA B 58 4.52 -16.37 -9.70
C ALA B 58 5.70 -17.30 -9.97
N GLU B 59 6.77 -17.19 -9.19
CA GLU B 59 7.95 -18.02 -9.42
C GLU B 59 7.64 -19.50 -9.20
N ALA B 60 6.98 -19.81 -8.08
CA ALA B 60 6.64 -21.21 -7.77
C ALA B 60 5.67 -21.77 -8.80
N THR B 61 4.68 -20.98 -9.21
CA THR B 61 3.74 -21.43 -10.22
C THR B 61 4.44 -21.69 -11.54
N ARG B 62 5.38 -20.82 -11.93
CA ARG B 62 6.12 -21.03 -13.16
C ARG B 62 6.96 -22.30 -13.10
N LEU B 63 7.62 -22.53 -11.96
CA LEU B 63 8.42 -23.75 -11.80
C LEU B 63 7.54 -25.00 -11.89
N LYS B 64 6.37 -24.96 -11.24
CA LYS B 64 5.46 -26.11 -11.31
C LYS B 64 4.98 -26.35 -12.74
N ARG B 65 4.67 -25.28 -13.46
CA ARG B 65 4.23 -25.40 -14.85
C ARG B 65 5.34 -26.01 -15.71
N THR B 66 6.58 -25.57 -15.50
CA THR B 66 7.70 -26.14 -16.24
C THR B 66 7.86 -27.63 -15.94
N ALA B 67 7.70 -28.01 -14.67
CA ALA B 67 7.79 -29.42 -14.32
C ALA B 67 6.70 -30.24 -15.00
N ARG B 68 5.48 -29.71 -15.03
CA ARG B 68 4.38 -30.42 -15.71
C ARG B 68 4.70 -30.62 -17.19
N ARG B 69 5.17 -29.57 -17.84
CA ARG B 69 5.49 -29.66 -19.27
C ARG B 69 6.61 -30.67 -19.51
N ARG B 70 7.62 -30.68 -18.64
CA ARG B 70 8.73 -31.61 -18.79
C ARG B 70 8.26 -33.05 -18.65
N TYR B 71 7.40 -33.32 -17.67
CA TYR B 71 6.89 -34.67 -17.49
C TYR B 71 6.06 -35.10 -18.70
N THR B 72 5.22 -34.21 -19.21
CA THR B 72 4.43 -34.52 -20.39
C THR B 72 5.32 -34.86 -21.58
N ARG B 73 6.36 -34.07 -21.79
CA ARG B 73 7.25 -34.31 -22.93
C ARG B 73 8.03 -35.61 -22.78
N ARG B 74 8.46 -35.93 -21.55
CA ARG B 74 9.16 -37.20 -21.34
C ARG B 74 8.25 -38.39 -21.63
N LYS B 75 7.00 -38.34 -21.16
CA LYS B 75 6.07 -39.41 -21.47
C LYS B 75 5.86 -39.51 -22.98
N ASN B 76 5.80 -38.37 -23.67
CA ASN B 76 5.63 -38.42 -25.12
C ASN B 76 6.84 -39.03 -25.81
N ARG B 77 8.05 -38.77 -25.29
CA ARG B 77 9.24 -39.42 -25.84
C ARG B 77 9.15 -40.93 -25.70
N ILE B 78 8.76 -41.41 -24.52
CA ILE B 78 8.61 -42.84 -24.32
C ILE B 78 7.55 -43.40 -25.26
N CYS B 79 6.46 -42.65 -25.46
CA CYS B 79 5.41 -43.10 -26.38
C CYS B 79 5.92 -43.20 -27.81
N TYR B 80 6.75 -42.25 -28.24
CA TYR B 80 7.34 -42.32 -29.58
C TYR B 80 8.21 -43.56 -29.73
N LEU B 81 9.04 -43.85 -28.72
CA LEU B 81 9.88 -45.04 -28.79
C LEU B 81 9.04 -46.31 -28.85
N GLN B 82 8.00 -46.39 -28.02
CA GLN B 82 7.11 -47.55 -28.06
C GLN B 82 6.43 -47.69 -29.40
N GLU B 83 6.01 -46.58 -30.00
CA GLU B 83 5.38 -46.63 -31.30
C GLU B 83 6.34 -47.15 -32.35
N ILE B 84 7.61 -46.76 -32.26
CA ILE B 84 8.61 -47.29 -33.19
C ILE B 84 8.76 -48.80 -33.01
N PHE B 85 8.83 -49.26 -31.76
CA PHE B 85 9.08 -50.67 -31.51
C PHE B 85 7.85 -51.57 -31.65
N SER B 86 6.66 -50.98 -31.77
CA SER B 86 5.40 -51.69 -31.54
C SER B 86 5.26 -52.96 -32.39
N ASN B 87 5.52 -52.87 -33.69
CA ASN B 87 5.23 -54.02 -34.56
C ASN B 87 6.10 -55.23 -34.21
N GLU B 88 7.41 -55.01 -34.09
CA GLU B 88 8.30 -56.12 -33.75
C GLU B 88 8.08 -56.60 -32.31
N MET B 89 7.71 -55.69 -31.39
CA MET B 89 7.42 -56.15 -30.05
C MET B 89 6.14 -56.97 -30.00
N ALA B 90 5.16 -56.65 -30.86
CA ALA B 90 3.98 -57.49 -30.96
C ALA B 90 4.32 -58.85 -31.55
N LYS B 91 5.26 -58.88 -32.49
CA LYS B 91 5.71 -60.17 -33.03
C LYS B 91 6.42 -61.00 -31.97
N VAL B 92 7.21 -60.37 -31.10
CA VAL B 92 8.02 -61.10 -30.13
C VAL B 92 7.23 -61.44 -28.88
N ASP B 93 6.81 -60.41 -28.14
CA ASP B 93 6.03 -60.57 -26.91
C ASP B 93 4.98 -59.47 -26.91
N ASP B 94 3.73 -59.85 -27.23
CA ASP B 94 2.70 -58.85 -27.50
C ASP B 94 2.32 -58.03 -26.27
N SER B 95 2.48 -58.60 -25.08
CA SER B 95 2.00 -57.95 -23.85
C SER B 95 3.11 -57.24 -23.09
N PHE B 96 4.27 -57.02 -23.70
CA PHE B 96 5.39 -56.41 -23.00
C PHE B 96 5.07 -54.98 -22.57
N PHE B 97 4.53 -54.18 -23.48
CA PHE B 97 4.24 -52.79 -23.15
C PHE B 97 3.07 -52.67 -22.19
N HIS B 98 2.07 -53.56 -22.32
CA HIS B 98 0.98 -53.58 -21.36
C HIS B 98 1.50 -53.92 -19.96
N ARG B 99 2.42 -54.87 -19.88
CA ARG B 99 3.03 -55.20 -18.59
C ARG B 99 3.84 -54.03 -18.05
N LEU B 100 4.53 -53.30 -18.93
CA LEU B 100 5.30 -52.14 -18.49
C LEU B 100 4.39 -51.04 -17.93
N GLU B 101 3.24 -50.81 -18.56
CA GLU B 101 2.35 -49.75 -18.09
C GLU B 101 1.78 -50.07 -16.71
N GLU B 102 1.45 -51.34 -16.45
CA GLU B 102 0.79 -51.73 -15.22
C GLU B 102 1.76 -52.19 -14.13
N SER B 103 3.01 -51.74 -14.17
CA SER B 103 3.96 -52.12 -13.13
C SER B 103 3.52 -51.59 -11.76
N PHE B 104 3.03 -50.36 -11.72
CA PHE B 104 2.47 -49.77 -10.50
C PHE B 104 1.06 -50.32 -10.31
N LEU B 105 1.00 -51.56 -9.85
CA LEU B 105 -0.28 -52.23 -9.61
C LEU B 105 -0.03 -53.42 -8.70
N VAL B 106 -0.95 -53.63 -7.75
CA VAL B 106 -0.87 -54.79 -6.87
C VAL B 106 -1.20 -56.04 -7.67
N GLU B 107 -0.94 -57.21 -7.08
CA GLU B 107 -1.10 -58.47 -7.81
C GLU B 107 -2.54 -58.67 -8.28
N GLU B 108 -3.51 -58.36 -7.42
CA GLU B 108 -4.92 -58.57 -7.76
C GLU B 108 -5.42 -57.57 -8.82
N ASP B 109 -4.69 -56.49 -9.05
CA ASP B 109 -5.12 -55.49 -10.03
C ASP B 109 -4.49 -55.67 -11.40
N LYS B 110 -3.33 -56.30 -11.48
CA LYS B 110 -2.71 -56.56 -12.77
C LYS B 110 -3.54 -57.58 -13.55
N LYS B 111 -3.73 -57.32 -14.84
CA LYS B 111 -4.38 -58.27 -15.73
C LYS B 111 -3.38 -59.17 -16.46
N HIS B 112 -2.09 -58.99 -16.21
CA HIS B 112 -1.06 -59.83 -16.81
C HIS B 112 -0.16 -60.40 -15.72
N GLU B 113 0.93 -61.04 -16.12
CA GLU B 113 1.88 -61.58 -15.14
C GLU B 113 2.56 -60.45 -14.38
N ARG B 114 2.91 -60.73 -13.12
CA ARG B 114 3.53 -59.71 -12.28
C ARG B 114 4.91 -59.34 -12.76
N HIS B 115 5.65 -60.29 -13.30
CA HIS B 115 6.99 -60.00 -13.83
C HIS B 115 6.86 -59.22 -15.13
N PRO B 116 7.48 -58.04 -15.24
CA PRO B 116 7.14 -57.13 -16.34
C PRO B 116 7.86 -57.40 -17.65
N ILE B 117 9.04 -58.02 -17.60
CA ILE B 117 9.87 -58.13 -18.79
C ILE B 117 9.56 -59.42 -19.55
N PHE B 118 9.78 -60.57 -18.91
CA PHE B 118 9.57 -61.84 -19.57
C PHE B 118 8.27 -62.53 -19.18
N GLY B 119 7.68 -62.17 -18.05
CA GLY B 119 6.41 -62.74 -17.64
C GLY B 119 6.52 -64.04 -16.87
N ASN B 120 7.71 -64.59 -16.70
CA ASN B 120 7.89 -65.81 -15.91
C ASN B 120 9.04 -65.64 -14.94
N ILE B 121 8.91 -66.29 -13.79
CA ILE B 121 9.80 -66.06 -12.67
C ILE B 121 11.22 -66.53 -12.99
N VAL B 122 11.34 -67.66 -13.68
CA VAL B 122 12.67 -68.20 -13.97
C VAL B 122 13.45 -67.23 -14.86
N ASP B 123 12.81 -66.75 -15.92
CA ASP B 123 13.48 -65.80 -16.82
C ASP B 123 13.77 -64.49 -16.12
N GLU B 124 12.85 -64.00 -15.30
CA GLU B 124 13.09 -62.75 -14.58
C GLU B 124 14.28 -62.87 -13.63
N VAL B 125 14.35 -63.97 -12.88
CA VAL B 125 15.46 -64.19 -11.96
C VAL B 125 16.77 -64.32 -12.71
N ALA B 126 16.77 -65.06 -13.83
CA ALA B 126 17.98 -65.21 -14.62
C ALA B 126 18.44 -63.86 -15.17
N TYR B 127 17.51 -63.04 -15.65
CA TYR B 127 17.88 -61.73 -16.17
C TYR B 127 18.48 -60.86 -15.08
N HIS B 128 17.87 -60.85 -13.90
CA HIS B 128 18.39 -59.99 -12.84
C HIS B 128 19.72 -60.51 -12.31
N GLU B 129 19.96 -61.81 -12.38
CA GLU B 129 21.28 -62.34 -12.02
C GLU B 129 22.33 -61.95 -13.05
N LYS B 130 21.99 -62.03 -14.34
CA LYS B 130 22.97 -61.72 -15.38
C LYS B 130 23.29 -60.24 -15.42
N TYR B 131 22.28 -59.38 -15.28
CA TYR B 131 22.45 -57.93 -15.29
C TYR B 131 21.89 -57.36 -14.00
N PRO B 132 22.71 -57.26 -12.94
CA PRO B 132 22.21 -56.67 -11.69
C PRO B 132 21.73 -55.25 -11.83
N THR B 133 22.35 -54.45 -12.69
CA THR B 133 21.94 -53.08 -12.93
C THR B 133 21.74 -52.86 -14.42
N ILE B 134 21.03 -51.78 -14.75
CA ILE B 134 20.76 -51.47 -16.15
C ILE B 134 22.05 -51.15 -16.89
N TYR B 135 23.06 -50.66 -16.18
CA TYR B 135 24.33 -50.32 -16.82
C TYR B 135 25.07 -51.56 -17.28
N HIS B 136 24.92 -52.68 -16.57
CA HIS B 136 25.47 -53.94 -17.04
C HIS B 136 24.87 -54.31 -18.40
N LEU B 137 23.55 -54.20 -18.52
CA LEU B 137 22.89 -54.51 -19.78
C LEU B 137 23.30 -53.54 -20.88
N ARG B 138 23.42 -52.26 -20.54
CA ARG B 138 23.82 -51.26 -21.53
C ARG B 138 25.22 -51.54 -22.05
N LYS B 139 26.16 -51.83 -21.15
CA LYS B 139 27.52 -52.16 -21.58
C LYS B 139 27.56 -53.44 -22.39
N LYS B 140 26.77 -54.45 -22.00
CA LYS B 140 26.70 -55.68 -22.77
C LYS B 140 26.19 -55.42 -24.18
N LEU B 141 25.15 -54.59 -24.31
CA LEU B 141 24.62 -54.28 -25.63
C LEU B 141 25.61 -53.49 -26.46
N VAL B 142 26.34 -52.56 -25.83
CA VAL B 142 27.31 -51.75 -26.56
C VAL B 142 28.46 -52.62 -27.07
N ASP B 143 29.00 -53.50 -26.21
CA ASP B 143 30.22 -54.22 -26.54
C ASP B 143 29.97 -55.51 -27.31
N SER B 144 28.94 -56.27 -26.95
CA SER B 144 28.70 -57.57 -27.56
C SER B 144 28.32 -57.42 -29.03
N THR B 145 28.63 -58.46 -29.81
CA THR B 145 28.37 -58.46 -31.24
C THR B 145 27.29 -59.46 -31.66
N ASP B 146 26.82 -60.31 -30.75
CA ASP B 146 25.83 -61.32 -31.10
C ASP B 146 24.42 -60.74 -30.97
N LYS B 147 23.43 -61.57 -31.34
CA LYS B 147 22.04 -61.15 -31.29
C LYS B 147 21.61 -60.91 -29.84
N ALA B 148 20.76 -59.90 -29.65
CA ALA B 148 20.26 -59.54 -28.33
C ALA B 148 18.74 -59.55 -28.34
N ASP B 149 18.17 -59.78 -27.16
CA ASP B 149 16.72 -59.84 -27.03
C ASP B 149 16.12 -58.47 -27.28
N LEU B 150 15.01 -58.44 -28.02
CA LEU B 150 14.41 -57.17 -28.43
C LEU B 150 13.91 -56.39 -27.22
N ARG B 151 13.37 -57.08 -26.22
CA ARG B 151 12.92 -56.38 -25.01
C ARG B 151 14.09 -55.75 -24.29
N LEU B 152 15.24 -56.44 -24.24
CA LEU B 152 16.42 -55.87 -23.61
C LEU B 152 16.93 -54.65 -24.37
N ILE B 153 16.92 -54.72 -25.71
CA ILE B 153 17.32 -53.57 -26.51
C ILE B 153 16.41 -52.39 -26.24
N TYR B 154 15.10 -52.64 -26.20
CA TYR B 154 14.16 -51.56 -25.90
C TYR B 154 14.38 -51.00 -24.51
N LEU B 155 14.67 -51.87 -23.54
CA LEU B 155 14.89 -51.40 -22.17
C LEU B 155 16.08 -50.46 -22.09
N ALA B 156 17.19 -50.85 -22.73
CA ALA B 156 18.38 -49.99 -22.73
C ALA B 156 18.09 -48.66 -23.42
N LEU B 157 17.46 -48.72 -24.61
CA LEU B 157 17.17 -47.48 -25.34
C LEU B 157 16.21 -46.59 -24.57
N ALA B 158 15.21 -47.18 -23.91
CA ALA B 158 14.25 -46.41 -23.13
C ALA B 158 14.92 -45.76 -21.94
N HIS B 159 15.82 -46.47 -21.26
CA HIS B 159 16.55 -45.86 -20.16
C HIS B 159 17.35 -44.66 -20.64
N MET B 160 18.08 -44.82 -21.75
CA MET B 160 18.88 -43.72 -22.27
C MET B 160 18.02 -42.54 -22.68
N ILE B 161 16.89 -42.79 -23.34
CA ILE B 161 16.04 -41.71 -23.82
C ILE B 161 15.35 -41.02 -22.65
N LYS B 162 14.88 -41.78 -21.67
CA LYS B 162 14.21 -41.19 -20.52
C LYS B 162 15.16 -40.32 -19.71
N PHE B 163 16.40 -40.78 -19.52
CA PHE B 163 17.39 -40.02 -18.75
C PHE B 163 18.54 -39.66 -19.69
N ARG B 164 18.41 -38.50 -20.35
CA ARG B 164 19.34 -38.12 -21.40
C ARG B 164 20.61 -37.48 -20.84
N GLY B 165 20.45 -36.44 -20.05
CA GLY B 165 21.57 -35.65 -19.58
C GLY B 165 21.46 -34.20 -20.02
N HIS B 166 22.34 -33.37 -19.46
CA HIS B 166 22.27 -31.95 -19.69
C HIS B 166 22.68 -31.59 -21.12
N PHE B 167 22.14 -30.47 -21.61
CA PHE B 167 22.43 -29.95 -22.94
C PHE B 167 23.32 -28.72 -22.86
N LEU B 168 24.15 -28.62 -21.83
CA LEU B 168 24.99 -27.44 -21.65
C LEU B 168 26.03 -27.32 -22.75
N ILE B 169 26.61 -28.43 -23.18
CA ILE B 169 27.66 -28.43 -24.19
C ILE B 169 27.03 -28.63 -25.55
N GLU B 170 27.37 -27.76 -26.49
CA GLU B 170 26.91 -27.86 -27.87
C GLU B 170 27.98 -28.55 -28.71
N GLY B 171 27.63 -28.82 -29.97
CA GLY B 171 28.54 -29.53 -30.84
C GLY B 171 28.53 -31.03 -30.59
N ASP B 172 29.70 -31.66 -30.67
CA ASP B 172 29.81 -33.09 -30.46
C ASP B 172 30.97 -33.40 -29.52
N LEU B 173 30.82 -34.50 -28.78
CA LEU B 173 31.83 -34.96 -27.84
C LEU B 173 32.27 -36.37 -28.21
N ASN B 174 33.58 -36.59 -28.18
CA ASN B 174 34.14 -37.92 -28.46
C ASN B 174 34.64 -38.53 -27.16
N PRO B 175 34.02 -39.61 -26.67
CA PRO B 175 34.46 -40.18 -25.38
C PRO B 175 35.85 -40.76 -25.41
N ASP B 176 36.42 -41.04 -26.59
CA ASP B 176 37.74 -41.65 -26.65
C ASP B 176 38.82 -40.74 -26.05
N ASN B 177 38.63 -39.43 -26.15
CA ASN B 177 39.57 -38.49 -25.55
C ASN B 177 39.40 -38.48 -24.03
N SER B 178 40.22 -39.27 -23.33
CA SER B 178 40.17 -39.36 -21.87
C SER B 178 41.47 -38.96 -21.21
N ASP B 179 42.61 -39.37 -21.76
CA ASP B 179 43.89 -39.01 -21.17
C ASP B 179 44.17 -37.53 -21.39
N VAL B 180 44.60 -36.85 -20.32
CA VAL B 180 44.90 -35.42 -20.39
C VAL B 180 46.35 -35.18 -20.80
N ASP B 181 47.27 -35.92 -20.19
CA ASP B 181 48.70 -35.70 -20.45
C ASP B 181 49.05 -36.02 -21.90
N LYS B 182 48.50 -37.11 -22.45
CA LYS B 182 48.81 -37.47 -23.83
C LYS B 182 48.33 -36.40 -24.80
N LEU B 183 47.12 -35.88 -24.60
CA LEU B 183 46.61 -34.86 -25.51
C LEU B 183 47.34 -33.55 -25.33
N PHE B 184 47.73 -33.22 -24.10
CA PHE B 184 48.56 -32.03 -23.89
C PHE B 184 49.89 -32.15 -24.61
N ILE B 185 50.51 -33.33 -24.54
CA ILE B 185 51.78 -33.56 -25.22
C ILE B 185 51.60 -33.46 -26.73
N GLN B 186 50.49 -33.99 -27.25
CA GLN B 186 50.23 -33.90 -28.69
C GLN B 186 50.03 -32.44 -29.12
N LEU B 187 49.32 -31.66 -28.31
CA LEU B 187 49.14 -30.25 -28.61
C LEU B 187 50.47 -29.50 -28.60
N VAL B 188 51.32 -29.80 -27.61
CA VAL B 188 52.64 -29.18 -27.55
C VAL B 188 53.48 -29.56 -28.76
N GLN B 189 53.39 -30.83 -29.18
CA GLN B 189 54.12 -31.28 -30.36
C GLN B 189 53.65 -30.55 -31.61
N THR B 190 52.34 -30.39 -31.77
CA THR B 190 51.81 -29.67 -32.93
C THR B 190 52.26 -28.21 -32.90
N TYR B 191 52.23 -27.57 -31.72
CA TYR B 191 52.67 -26.19 -31.62
C TYR B 191 54.14 -26.05 -31.96
N ASN B 192 54.97 -26.99 -31.50
CA ASN B 192 56.39 -26.94 -31.81
C ASN B 192 56.64 -27.19 -33.29
N GLN B 193 55.85 -28.08 -33.90
CA GLN B 193 55.99 -28.36 -35.33
C GLN B 193 55.64 -27.12 -36.16
N LEU B 194 54.58 -26.41 -35.79
CA LEU B 194 54.20 -25.22 -36.56
C LEU B 194 55.14 -24.06 -36.26
N PHE B 195 55.19 -23.62 -35.01
CA PHE B 195 56.01 -22.48 -34.61
C PHE B 195 57.42 -22.99 -34.33
N GLU B 196 58.21 -23.11 -35.40
CA GLU B 196 59.56 -23.65 -35.28
C GLU B 196 60.51 -22.65 -34.65
N GLU B 197 60.36 -21.36 -34.97
CA GLU B 197 61.31 -20.35 -34.51
C GLU B 197 61.30 -20.24 -32.99
N ASN B 198 60.13 -20.30 -32.37
CA ASN B 198 59.98 -20.16 -30.92
C ASN B 198 59.22 -21.36 -30.39
N PRO B 199 59.89 -22.49 -30.22
CA PRO B 199 59.21 -23.68 -29.72
C PRO B 199 58.87 -23.56 -28.24
N ILE B 200 57.94 -24.41 -27.81
CA ILE B 200 57.45 -24.43 -26.43
C ILE B 200 57.86 -25.75 -25.79
N ASN B 201 58.41 -25.67 -24.59
CA ASN B 201 58.82 -26.84 -23.82
C ASN B 201 57.90 -26.98 -22.61
N ALA B 202 57.35 -28.18 -22.43
CA ALA B 202 56.42 -28.45 -21.33
C ALA B 202 56.81 -29.71 -20.55
N SER B 203 58.03 -30.19 -20.72
CA SER B 203 58.47 -31.38 -20.01
C SER B 203 58.58 -31.10 -18.52
N GLY B 204 58.29 -32.12 -17.71
CA GLY B 204 58.38 -31.98 -16.27
C GLY B 204 57.26 -31.18 -15.64
N VAL B 205 56.13 -31.05 -16.33
CA VAL B 205 54.98 -30.29 -15.82
C VAL B 205 53.82 -31.26 -15.62
N ASP B 206 53.22 -31.22 -14.43
CA ASP B 206 52.09 -32.09 -14.10
C ASP B 206 50.84 -31.51 -14.75
N ALA B 207 50.72 -31.77 -16.06
CA ALA B 207 49.61 -31.22 -16.84
C ALA B 207 48.27 -31.74 -16.34
N LYS B 208 48.20 -33.03 -16.01
CA LYS B 208 46.95 -33.60 -15.54
C LYS B 208 46.46 -32.90 -14.27
N ALA B 209 47.34 -32.78 -13.28
CA ALA B 209 46.96 -32.13 -12.03
C ALA B 209 46.63 -30.65 -12.24
N ILE B 210 47.40 -29.97 -13.08
CA ILE B 210 47.20 -28.54 -13.28
C ILE B 210 45.86 -28.27 -13.97
N LEU B 211 45.59 -28.98 -15.06
CA LEU B 211 44.38 -28.71 -15.83
C LEU B 211 43.13 -29.28 -15.17
N SER B 212 43.24 -30.45 -14.53
CA SER B 212 42.11 -31.09 -13.89
C SER B 212 41.96 -30.70 -12.42
N ALA B 213 42.50 -29.55 -12.03
CA ALA B 213 42.38 -29.11 -10.65
C ALA B 213 40.95 -28.68 -10.34
N ARG B 214 40.62 -28.69 -9.04
CA ARG B 214 39.31 -28.29 -8.59
C ARG B 214 39.17 -26.78 -8.42
N LEU B 215 40.24 -26.02 -8.65
CA LEU B 215 40.17 -24.57 -8.59
C LEU B 215 39.39 -24.02 -9.77
N SER B 216 39.26 -22.69 -9.81
CA SER B 216 38.57 -22.05 -10.91
C SER B 216 39.35 -22.20 -12.21
N LYS B 217 38.64 -22.04 -13.33
CA LYS B 217 39.28 -22.17 -14.63
C LYS B 217 40.34 -21.10 -14.84
N SER B 218 40.05 -19.86 -14.42
CA SER B 218 41.04 -18.80 -14.54
C SER B 218 42.27 -19.09 -13.70
N ARG B 219 42.07 -19.59 -12.48
CA ARG B 219 43.21 -19.93 -11.62
C ARG B 219 44.03 -21.06 -12.22
N ARG B 220 43.36 -22.06 -12.81
CA ARG B 220 44.08 -23.16 -13.46
C ARG B 220 44.89 -22.65 -14.64
N LEU B 221 44.31 -21.76 -15.44
CA LEU B 221 45.04 -21.16 -16.56
C LEU B 221 46.25 -20.38 -16.05
N GLU B 222 46.08 -19.62 -14.97
CA GLU B 222 47.19 -18.85 -14.41
C GLU B 222 48.30 -19.77 -13.92
N ASN B 223 47.93 -20.87 -13.25
CA ASN B 223 48.93 -21.81 -12.77
C ASN B 223 49.68 -22.45 -13.93
N LEU B 224 48.96 -22.87 -14.97
CA LEU B 224 49.63 -23.47 -16.13
C LEU B 224 50.56 -22.47 -16.81
N ILE B 225 50.13 -21.21 -16.91
CA ILE B 225 50.99 -20.17 -17.46
C ILE B 225 52.25 -20.01 -16.61
N ALA B 226 52.09 -19.99 -15.30
CA ALA B 226 53.23 -19.83 -14.40
C ALA B 226 54.22 -20.97 -14.53
N GLN B 227 53.71 -22.20 -14.64
CA GLN B 227 54.57 -23.37 -14.75
C GLN B 227 54.90 -23.73 -16.20
N LEU B 228 54.84 -22.77 -17.12
CA LEU B 228 55.17 -23.00 -18.51
C LEU B 228 56.05 -21.86 -19.01
N PRO B 229 57.27 -22.15 -19.47
CA PRO B 229 58.13 -21.10 -20.02
C PRO B 229 57.88 -20.87 -21.51
N GLY B 230 58.32 -19.70 -21.97
CA GLY B 230 58.22 -19.33 -23.37
C GLY B 230 56.94 -18.61 -23.76
N GLU B 231 55.96 -18.54 -22.87
CA GLU B 231 54.71 -17.84 -23.18
C GLU B 231 54.02 -17.50 -21.87
N LYS B 232 53.08 -16.55 -21.96
CA LYS B 232 52.28 -16.14 -20.81
C LYS B 232 50.84 -15.94 -21.27
N LYS B 233 50.04 -15.31 -20.41
CA LYS B 233 48.65 -15.03 -20.76
C LYS B 233 48.60 -14.06 -21.94
N ASN B 234 47.53 -14.20 -22.74
CA ASN B 234 47.26 -13.44 -23.96
C ASN B 234 48.19 -13.82 -25.11
N GLY B 235 49.12 -14.76 -24.91
CA GLY B 235 49.90 -15.29 -25.99
C GLY B 235 49.12 -16.32 -26.78
N LEU B 236 49.75 -16.84 -27.83
CA LEU B 236 49.10 -17.84 -28.67
C LEU B 236 48.86 -19.13 -27.90
N PHE B 237 49.89 -19.65 -27.24
CA PHE B 237 49.75 -20.88 -26.47
C PHE B 237 48.82 -20.68 -25.27
N GLY B 238 48.92 -19.53 -24.60
CA GLY B 238 48.03 -19.26 -23.49
C GLY B 238 46.58 -19.18 -23.92
N ASN B 239 46.32 -18.56 -25.06
CA ASN B 239 44.95 -18.49 -25.59
C ASN B 239 44.45 -19.87 -25.99
N LEU B 240 45.32 -20.68 -26.59
CA LEU B 240 44.92 -22.06 -26.92
C LEU B 240 44.57 -22.84 -25.67
N ILE B 241 45.37 -22.70 -24.61
CA ILE B 241 45.09 -23.39 -23.36
C ILE B 241 43.79 -22.90 -22.75
N ALA B 242 43.54 -21.59 -22.79
CA ALA B 242 42.30 -21.05 -22.26
C ALA B 242 41.09 -21.58 -23.03
N LEU B 243 41.20 -21.63 -24.36
CA LEU B 243 40.12 -22.19 -25.17
C LEU B 243 39.88 -23.65 -24.84
N SER B 244 40.97 -24.41 -24.62
CA SER B 244 40.82 -25.81 -24.25
C SER B 244 40.14 -25.96 -22.90
N LEU B 245 40.51 -25.13 -21.92
CA LEU B 245 39.93 -25.27 -20.59
C LEU B 245 38.57 -24.60 -20.46
N GLY B 246 38.11 -23.89 -21.48
CA GLY B 246 36.74 -23.39 -21.54
C GLY B 246 36.62 -21.88 -21.62
N LEU B 247 37.64 -21.13 -21.21
CA LEU B 247 37.58 -19.68 -21.32
C LEU B 247 37.56 -19.25 -22.78
N THR B 248 37.01 -18.05 -23.00
CA THR B 248 36.92 -17.50 -24.36
C THR B 248 38.11 -16.57 -24.59
N PRO B 249 39.09 -16.97 -25.39
CA PRO B 249 40.24 -16.10 -25.65
C PRO B 249 40.06 -15.25 -26.90
N ASN B 250 40.78 -14.13 -26.92
CA ASN B 250 40.82 -13.24 -28.07
C ASN B 250 42.08 -13.55 -28.87
N PHE B 251 41.89 -14.12 -30.06
CA PHE B 251 43.01 -14.47 -30.94
C PHE B 251 43.49 -13.29 -31.79
N LYS B 252 42.98 -12.08 -31.52
CA LYS B 252 43.39 -10.92 -32.31
C LYS B 252 44.88 -10.63 -32.15
N SER B 253 45.38 -10.67 -30.91
CA SER B 253 46.78 -10.32 -30.66
C SER B 253 47.74 -11.39 -31.15
N ASN B 254 47.30 -12.65 -31.25
CA ASN B 254 48.20 -13.73 -31.63
C ASN B 254 48.68 -13.57 -33.06
N PHE B 255 47.77 -13.30 -33.99
CA PHE B 255 48.11 -13.15 -35.40
C PHE B 255 47.98 -11.71 -35.90
N ASP B 256 47.79 -10.74 -34.99
CA ASP B 256 47.61 -9.35 -35.36
C ASP B 256 46.47 -9.17 -36.36
N LEU B 257 45.35 -9.85 -36.06
CA LEU B 257 44.22 -9.86 -36.98
C LEU B 257 43.47 -8.53 -37.03
N ALA B 258 43.60 -7.70 -35.98
CA ALA B 258 42.93 -6.41 -35.81
C ALA B 258 41.43 -6.56 -35.59
N GLU B 259 40.88 -7.76 -35.62
CA GLU B 259 39.50 -8.02 -35.26
C GLU B 259 39.46 -9.08 -34.17
N ASP B 260 38.43 -9.00 -33.32
CA ASP B 260 38.40 -9.81 -32.10
C ASP B 260 38.48 -11.29 -32.41
N ALA B 261 37.57 -11.77 -33.27
CA ALA B 261 37.54 -13.18 -33.69
C ALA B 261 37.56 -14.12 -32.49
N LYS B 262 36.79 -13.79 -31.47
CA LYS B 262 36.74 -14.62 -30.27
C LYS B 262 36.08 -15.96 -30.56
N LEU B 263 36.65 -17.03 -30.01
CA LEU B 263 36.14 -18.38 -30.18
C LEU B 263 35.81 -18.98 -28.82
N GLN B 264 34.58 -19.48 -28.68
CA GLN B 264 34.17 -20.23 -27.51
C GLN B 264 33.94 -21.68 -27.95
N LEU B 265 34.62 -22.61 -27.28
CA LEU B 265 34.65 -23.99 -27.76
C LEU B 265 33.31 -24.69 -27.53
N SER B 266 32.64 -24.39 -26.41
CA SER B 266 31.37 -25.06 -26.12
C SER B 266 30.21 -24.49 -26.92
N LYS B 267 30.36 -23.31 -27.50
CA LYS B 267 29.27 -22.69 -28.24
C LYS B 267 29.05 -23.37 -29.59
N ASP B 268 27.81 -23.28 -30.08
CA ASP B 268 27.48 -23.92 -31.35
C ASP B 268 28.10 -23.19 -32.54
N THR B 269 28.32 -21.88 -32.42
CA THR B 269 28.91 -21.10 -33.49
C THR B 269 30.42 -21.29 -33.60
N TYR B 270 30.99 -22.26 -32.88
CA TYR B 270 32.43 -22.46 -32.91
C TYR B 270 32.92 -22.84 -34.31
N ASP B 271 32.16 -23.67 -35.02
CA ASP B 271 32.59 -24.09 -36.35
C ASP B 271 32.66 -22.89 -37.31
N ASP B 272 31.63 -22.04 -37.28
CA ASP B 272 31.64 -20.86 -38.14
C ASP B 272 32.75 -19.90 -37.76
N ASP B 273 32.95 -19.68 -36.46
CA ASP B 273 34.02 -18.79 -36.02
C ASP B 273 35.38 -19.32 -36.42
N LEU B 274 35.59 -20.64 -36.29
CA LEU B 274 36.85 -21.24 -36.67
C LEU B 274 37.07 -21.15 -38.17
N ASP B 275 36.02 -21.35 -38.96
CA ASP B 275 36.15 -21.20 -40.41
C ASP B 275 36.52 -19.77 -40.78
N ASN B 276 35.90 -18.79 -40.14
CA ASN B 276 36.24 -17.39 -40.41
C ASN B 276 37.68 -17.10 -40.04
N LEU B 277 38.13 -17.58 -38.87
CA LEU B 277 39.50 -17.33 -38.44
C LEU B 277 40.50 -18.01 -39.38
N LEU B 278 40.18 -19.22 -39.83
CA LEU B 278 41.07 -19.91 -40.77
C LEU B 278 41.14 -19.17 -42.10
N ALA B 279 40.00 -18.65 -42.58
CA ALA B 279 40.04 -17.82 -43.78
C ALA B 279 40.86 -16.55 -43.55
N GLN B 280 40.87 -16.04 -42.32
CA GLN B 280 41.66 -14.85 -42.02
C GLN B 280 43.16 -15.14 -42.06
N ILE B 281 43.60 -16.23 -41.41
CA ILE B 281 45.03 -16.45 -41.26
C ILE B 281 45.54 -17.49 -42.27
N GLY B 282 45.02 -18.71 -42.19
CA GLY B 282 45.52 -19.78 -43.03
C GLY B 282 45.03 -21.12 -42.54
N ASP B 283 45.40 -22.16 -43.29
CA ASP B 283 44.96 -23.51 -43.02
C ASP B 283 45.98 -24.32 -42.20
N GLN B 284 47.11 -23.73 -41.83
CA GLN B 284 48.12 -24.47 -41.08
C GLN B 284 47.83 -24.56 -39.60
N TYR B 285 46.88 -23.77 -39.08
CA TYR B 285 46.53 -23.80 -37.67
C TYR B 285 45.37 -24.75 -37.37
N ALA B 286 44.80 -25.39 -38.39
CA ALA B 286 43.68 -26.30 -38.18
C ALA B 286 44.07 -27.47 -37.29
N ASP B 287 45.30 -27.98 -37.45
CA ASP B 287 45.77 -29.06 -36.58
C ASP B 287 45.83 -28.61 -35.12
N LEU B 288 46.33 -27.39 -34.88
CA LEU B 288 46.39 -26.88 -33.52
C LEU B 288 44.99 -26.72 -32.94
N PHE B 289 44.05 -26.19 -33.73
CA PHE B 289 42.69 -26.01 -33.23
C PHE B 289 42.02 -27.35 -32.94
N LEU B 290 42.24 -28.35 -33.79
CA LEU B 290 41.68 -29.68 -33.54
C LEU B 290 42.30 -30.30 -32.29
N ALA B 291 43.60 -30.12 -32.09
CA ALA B 291 44.24 -30.61 -30.88
C ALA B 291 43.68 -29.94 -29.64
N ALA B 292 43.42 -28.64 -29.72
CA ALA B 292 42.81 -27.93 -28.60
C ALA B 292 41.40 -28.44 -28.33
N LYS B 293 40.65 -28.73 -29.39
CA LYS B 293 39.30 -29.28 -29.22
C LYS B 293 39.35 -30.64 -28.53
N ASN B 294 40.26 -31.51 -28.97
CA ASN B 294 40.39 -32.82 -28.33
C ASN B 294 40.83 -32.68 -26.88
N LEU B 295 41.73 -31.75 -26.60
CA LEU B 295 42.16 -31.50 -25.22
C LEU B 295 40.99 -31.04 -24.37
N SER B 296 40.14 -30.16 -24.91
CA SER B 296 38.96 -29.72 -24.19
C SER B 296 38.01 -30.87 -23.90
N ASP B 297 37.78 -31.73 -24.90
CA ASP B 297 36.93 -32.89 -24.68
C ASP B 297 37.47 -33.77 -23.57
N ALA B 298 38.79 -34.03 -23.60
CA ALA B 298 39.39 -34.84 -22.55
C ALA B 298 39.28 -34.18 -21.19
N ILE B 299 39.50 -32.86 -21.14
CA ILE B 299 39.45 -32.14 -19.87
C ILE B 299 38.06 -32.24 -19.26
N LEU B 300 37.02 -32.06 -20.06
CA LEU B 300 35.67 -32.11 -19.50
C LEU B 300 35.24 -33.53 -19.18
N LEU B 301 35.68 -34.53 -19.97
CA LEU B 301 35.21 -35.89 -19.76
C LEU B 301 35.91 -36.57 -18.59
N SER B 302 37.21 -36.34 -18.42
CA SER B 302 37.99 -37.08 -17.43
C SER B 302 37.48 -36.87 -16.02
N ASP B 303 36.85 -35.71 -15.75
CA ASP B 303 36.33 -35.45 -14.42
C ASP B 303 35.08 -36.28 -14.13
N ILE B 304 34.45 -36.86 -15.15
CA ILE B 304 33.18 -37.56 -14.99
C ILE B 304 33.36 -39.07 -15.22
N LEU B 305 33.91 -39.46 -16.37
CA LEU B 305 33.98 -40.87 -16.71
C LEU B 305 34.88 -41.64 -15.75
N ARG B 306 36.11 -41.17 -15.56
CA ARG B 306 37.06 -41.77 -14.62
C ARG B 306 37.22 -43.27 -14.85
N VAL B 307 37.28 -43.67 -16.12
CA VAL B 307 37.43 -45.07 -16.49
C VAL B 307 38.27 -45.15 -17.76
N ASN B 308 38.84 -46.33 -18.01
CA ASN B 308 39.62 -46.58 -19.19
C ASN B 308 38.69 -46.85 -20.37
N THR B 309 38.77 -46.04 -21.41
CA THR B 309 37.89 -46.14 -22.56
C THR B 309 38.53 -46.80 -23.77
N GLU B 310 39.72 -47.39 -23.60
CA GLU B 310 40.39 -48.03 -24.72
C GLU B 310 39.87 -49.44 -25.00
N ILE B 311 39.10 -50.02 -24.09
CA ILE B 311 38.59 -51.37 -24.27
C ILE B 311 37.07 -51.44 -24.38
N THR B 312 36.36 -50.32 -24.21
CA THR B 312 34.91 -50.30 -24.27
C THR B 312 34.45 -49.05 -24.97
N LYS B 313 33.32 -49.16 -25.67
CA LYS B 313 32.67 -48.03 -26.32
C LYS B 313 31.61 -47.39 -25.44
N ALA B 314 31.47 -47.85 -24.19
CA ALA B 314 30.50 -47.31 -23.24
C ALA B 314 31.24 -46.95 -21.96
N PRO B 315 32.00 -45.84 -21.97
CA PRO B 315 32.74 -45.47 -20.76
C PRO B 315 31.84 -45.16 -19.56
N LEU B 316 30.66 -44.57 -19.80
CA LEU B 316 29.77 -44.26 -18.69
C LEU B 316 29.22 -45.54 -18.05
N SER B 317 28.78 -46.49 -18.87
CA SER B 317 28.31 -47.76 -18.34
C SER B 317 29.43 -48.51 -17.64
N ALA B 318 30.64 -48.47 -18.20
CA ALA B 318 31.78 -49.10 -17.55
C ALA B 318 32.07 -48.47 -16.19
N SER B 319 31.98 -47.14 -16.11
CA SER B 319 32.19 -46.46 -14.84
C SER B 319 31.13 -46.86 -13.82
N MET B 320 29.87 -46.95 -14.25
CA MET B 320 28.82 -47.37 -13.33
C MET B 320 29.01 -48.80 -12.86
N ILE B 321 29.45 -49.69 -13.76
CA ILE B 321 29.72 -51.07 -13.38
C ILE B 321 30.88 -51.14 -12.39
N LYS B 322 31.92 -50.33 -12.61
CA LYS B 322 33.03 -50.29 -11.66
C LYS B 322 32.58 -49.75 -10.31
N ARG B 323 31.65 -48.79 -10.32
CA ARG B 323 31.08 -48.29 -9.07
C ARG B 323 30.32 -49.40 -8.35
N TYR B 324 29.55 -50.19 -9.10
CA TYR B 324 28.83 -51.31 -8.52
C TYR B 324 29.79 -52.32 -7.89
N ASP B 325 30.86 -52.66 -8.61
CA ASP B 325 31.82 -53.63 -8.08
C ASP B 325 32.54 -53.11 -6.85
N GLU B 326 32.91 -51.83 -6.85
CA GLU B 326 33.54 -51.24 -5.67
C GLU B 326 32.58 -51.24 -4.50
N HIS B 327 31.30 -50.94 -4.75
CA HIS B 327 30.30 -51.01 -3.69
C HIS B 327 30.21 -52.40 -3.11
N HIS B 328 30.19 -53.42 -3.97
CA HIS B 328 30.09 -54.80 -3.50
C HIS B 328 31.29 -55.19 -2.65
N GLN B 329 32.50 -54.87 -3.14
CA GLN B 329 33.71 -55.23 -2.40
C GLN B 329 33.79 -54.52 -1.07
N ASP B 330 33.47 -53.21 -1.06
CA ASP B 330 33.51 -52.46 0.18
C ASP B 330 32.45 -52.95 1.16
N LEU B 331 31.28 -53.32 0.66
CA LEU B 331 30.25 -53.88 1.54
C LEU B 331 30.71 -55.18 2.17
N THR B 332 31.32 -56.07 1.38
CA THR B 332 31.81 -57.33 1.93
C THR B 332 32.88 -57.08 2.99
N LEU B 333 33.82 -56.18 2.69
CA LEU B 333 34.89 -55.90 3.65
C LEU B 333 34.35 -55.27 4.93
N LEU B 334 33.40 -54.34 4.80
CA LEU B 334 32.82 -53.71 5.97
C LEU B 334 32.05 -54.72 6.82
N LYS B 335 31.31 -55.62 6.17
CA LYS B 335 30.60 -56.66 6.91
C LYS B 335 31.56 -57.53 7.69
N ALA B 336 32.65 -57.96 7.04
CA ALA B 336 33.64 -58.79 7.72
C ALA B 336 34.28 -58.05 8.89
N LEU B 337 34.65 -56.79 8.68
CA LEU B 337 35.31 -56.03 9.74
C LEU B 337 34.38 -55.80 10.92
N VAL B 338 33.11 -55.47 10.65
CA VAL B 338 32.16 -55.25 11.73
C VAL B 338 31.93 -56.55 12.51
N ARG B 339 31.77 -57.66 11.78
CA ARG B 339 31.60 -58.94 12.47
C ARG B 339 32.80 -59.29 13.33
N GLN B 340 34.01 -58.96 12.86
CA GLN B 340 35.21 -59.28 13.62
C GLN B 340 35.33 -58.41 14.87
N GLN B 341 35.12 -57.09 14.73
CA GLN B 341 35.48 -56.16 15.79
C GLN B 341 34.29 -55.69 16.63
N LEU B 342 33.19 -55.30 16.00
CA LEU B 342 32.01 -54.77 16.71
C LEU B 342 30.79 -55.57 16.32
N PRO B 343 30.66 -56.80 16.83
CA PRO B 343 29.48 -57.61 16.48
C PRO B 343 28.17 -57.04 17.02
N GLU B 344 28.22 -56.27 18.11
CA GLU B 344 26.98 -55.79 18.72
C GLU B 344 26.32 -54.65 17.94
N LYS B 345 27.08 -53.95 17.10
CA LYS B 345 26.51 -52.88 16.28
C LYS B 345 26.12 -53.38 14.89
N TYR B 346 26.35 -54.65 14.59
CA TYR B 346 25.99 -55.19 13.29
C TYR B 346 24.49 -55.07 13.02
N LYS B 347 23.68 -55.37 14.03
CA LYS B 347 22.24 -55.26 13.86
C LYS B 347 21.83 -53.83 13.55
N GLU B 348 22.31 -52.87 14.34
CA GLU B 348 21.92 -51.48 14.15
C GLU B 348 22.47 -50.90 12.87
N ILE B 349 23.54 -51.46 12.32
CA ILE B 349 24.10 -50.96 11.07
C ILE B 349 23.40 -51.56 9.86
N PHE B 350 23.30 -52.89 9.79
CA PHE B 350 22.84 -53.57 8.59
C PHE B 350 21.40 -54.07 8.69
N PHE B 351 20.65 -53.71 9.72
CA PHE B 351 19.29 -54.19 9.86
C PHE B 351 18.27 -53.12 10.22
N ASP B 352 18.67 -52.00 10.82
CA ASP B 352 17.73 -50.99 11.30
C ASP B 352 17.57 -49.90 10.28
N GLN B 353 16.35 -49.76 9.75
CA GLN B 353 16.06 -48.75 8.73
C GLN B 353 15.97 -47.35 9.32
N SER B 354 15.60 -47.24 10.61
CA SER B 354 15.44 -45.92 11.22
C SER B 354 16.77 -45.21 11.35
N LYS B 355 17.72 -45.81 12.08
CA LYS B 355 19.03 -45.22 12.23
C LYS B 355 19.78 -45.24 10.90
N ASN B 356 20.66 -44.25 10.72
CA ASN B 356 21.49 -44.21 9.54
C ASN B 356 22.49 -45.38 9.56
N GLY B 357 22.99 -45.70 8.38
CA GLY B 357 23.82 -46.87 8.19
C GLY B 357 23.56 -47.46 6.83
N TYR B 358 23.87 -48.74 6.67
CA TYR B 358 23.58 -49.37 5.38
C TYR B 358 22.09 -49.62 5.22
N ALA B 359 21.43 -50.10 6.28
CA ALA B 359 19.99 -50.35 6.20
C ALA B 359 19.23 -49.06 5.95
N GLY B 360 19.56 -47.99 6.67
CA GLY B 360 18.92 -46.71 6.43
C GLY B 360 19.38 -46.04 5.16
N TYR B 361 20.57 -46.41 4.66
CA TYR B 361 21.06 -45.84 3.41
C TYR B 361 20.33 -46.44 2.21
N ILE B 362 20.10 -47.74 2.23
CA ILE B 362 19.47 -48.43 1.11
C ILE B 362 17.95 -48.44 1.25
N ASP B 363 17.46 -49.04 2.34
CA ASP B 363 16.02 -49.18 2.53
C ASP B 363 15.40 -47.91 3.09
N GLY B 364 16.10 -47.20 3.96
CA GLY B 364 15.60 -45.98 4.55
C GLY B 364 15.84 -44.79 3.65
N GLY B 365 15.54 -43.62 4.19
CA GLY B 365 15.69 -42.36 3.48
C GLY B 365 17.01 -41.66 3.68
N ALA B 366 17.98 -42.28 4.35
CA ALA B 366 19.26 -41.63 4.61
C ALA B 366 20.02 -41.38 3.31
N SER B 367 20.59 -40.19 3.20
CA SER B 367 21.36 -39.82 2.02
C SER B 367 22.81 -40.24 2.20
N GLN B 368 23.62 -39.97 1.17
CA GLN B 368 25.04 -40.33 1.22
C GLN B 368 25.76 -39.54 2.31
N GLU B 369 25.43 -38.27 2.46
CA GLU B 369 26.07 -37.46 3.50
C GLU B 369 25.75 -37.98 4.88
N GLU B 370 24.48 -38.32 5.13
CA GLU B 370 24.09 -38.86 6.43
C GLU B 370 24.73 -40.21 6.68
N PHE B 371 24.80 -41.06 5.65
CA PHE B 371 25.46 -42.35 5.79
C PHE B 371 26.93 -42.20 6.14
N TYR B 372 27.62 -41.28 5.44
CA TYR B 372 29.03 -41.05 5.74
C TYR B 372 29.22 -40.50 7.14
N LYS B 373 28.37 -39.56 7.55
CA LYS B 373 28.47 -38.99 8.89
C LYS B 373 28.25 -40.05 9.96
N PHE B 374 27.29 -40.95 9.74
CA PHE B 374 27.03 -42.00 10.72
C PHE B 374 28.18 -43.00 10.78
N ILE B 375 28.72 -43.40 9.62
CA ILE B 375 29.66 -44.51 9.58
C ILE B 375 31.13 -44.08 9.72
N LYS B 376 31.42 -42.78 9.66
CA LYS B 376 32.81 -42.35 9.84
C LYS B 376 33.37 -42.66 11.21
N PRO B 377 32.70 -42.36 12.33
CA PRO B 377 33.29 -42.71 13.64
C PRO B 377 33.48 -44.21 13.82
N ILE B 378 32.57 -45.02 13.28
CA ILE B 378 32.70 -46.47 13.41
C ILE B 378 33.94 -46.96 12.68
N LEU B 379 34.18 -46.45 11.47
CA LEU B 379 35.38 -46.82 10.72
C LEU B 379 36.64 -46.32 11.41
N GLU B 380 36.59 -45.11 11.98
CA GLU B 380 37.75 -44.59 12.70
C GLU B 380 38.08 -45.45 13.91
N LYS B 381 37.07 -45.89 14.65
CA LYS B 381 37.28 -46.77 15.80
C LYS B 381 37.38 -48.23 15.39
N MET B 382 38.25 -48.50 14.41
CA MET B 382 38.45 -49.85 13.91
C MET B 382 39.76 -49.89 13.14
N ASP B 383 40.34 -51.09 13.05
CA ASP B 383 41.59 -51.30 12.34
C ASP B 383 41.33 -51.99 11.01
N GLY B 384 42.23 -51.78 10.06
CA GLY B 384 42.04 -52.29 8.72
C GLY B 384 41.07 -51.50 7.87
N THR B 385 40.73 -50.28 8.28
CA THR B 385 39.76 -49.45 7.58
C THR B 385 40.39 -48.22 6.95
N GLU B 386 41.71 -48.25 6.70
CA GLU B 386 42.38 -47.07 6.16
C GLU B 386 41.88 -46.72 4.76
N GLU B 387 41.74 -47.72 3.89
CA GLU B 387 41.30 -47.43 2.53
C GLU B 387 39.82 -47.07 2.49
N LEU B 388 39.01 -47.68 3.37
CA LEU B 388 37.61 -47.30 3.46
C LEU B 388 37.47 -45.85 3.93
N LEU B 389 38.28 -45.45 4.91
CA LEU B 389 38.27 -44.06 5.36
C LEU B 389 38.74 -43.11 4.27
N VAL B 390 39.73 -43.53 3.48
CA VAL B 390 40.19 -42.70 2.37
C VAL B 390 39.07 -42.50 1.36
N LYS B 391 38.36 -43.58 1.02
CA LYS B 391 37.25 -43.48 0.09
C LYS B 391 36.14 -42.60 0.66
N LEU B 392 35.87 -42.71 1.96
CA LEU B 392 34.88 -41.85 2.58
C LEU B 392 35.28 -40.38 2.50
N ASN B 393 36.55 -40.09 2.76
CA ASN B 393 37.03 -38.72 2.70
C ASN B 393 36.95 -38.16 1.29
N ARG B 394 37.27 -38.97 0.29
CA ARG B 394 37.16 -38.54 -1.09
C ARG B 394 35.77 -38.76 -1.69
N GLU B 395 34.80 -39.13 -0.85
CA GLU B 395 33.39 -39.27 -1.25
C GLU B 395 33.21 -40.31 -2.35
N ASP B 396 33.87 -41.46 -2.20
CA ASP B 396 33.79 -42.53 -3.19
C ASP B 396 33.65 -43.88 -2.50
N LEU B 397 32.80 -43.96 -1.48
CA LEU B 397 32.61 -45.20 -0.72
C LEU B 397 31.14 -45.59 -0.79
N LEU B 398 30.88 -46.79 -1.27
CA LEU B 398 29.53 -47.37 -1.31
C LEU B 398 28.54 -46.44 -2.00
N ARG B 399 28.79 -46.20 -3.28
CA ARG B 399 28.03 -45.23 -4.06
C ARG B 399 27.02 -45.94 -4.96
N LYS B 400 25.78 -45.47 -4.93
CA LYS B 400 24.78 -45.95 -5.85
C LYS B 400 24.96 -45.30 -7.22
N GLN B 401 24.45 -45.99 -8.25
CA GLN B 401 24.60 -45.48 -9.60
C GLN B 401 23.76 -44.23 -9.84
N ARG B 402 22.54 -44.21 -9.31
CA ARG B 402 21.66 -43.05 -9.43
C ARG B 402 21.90 -42.15 -8.21
N THR B 403 22.62 -41.05 -8.43
CA THR B 403 22.97 -40.15 -7.34
C THR B 403 22.77 -38.71 -7.80
N PHE B 404 22.98 -37.78 -6.86
CA PHE B 404 22.79 -36.36 -7.16
C PHE B 404 23.87 -35.83 -8.09
N ASP B 405 25.08 -36.37 -8.03
CA ASP B 405 26.19 -35.86 -8.81
C ASP B 405 26.07 -36.19 -10.30
N ASN B 406 25.10 -37.00 -10.70
CA ASN B 406 24.93 -37.36 -12.10
C ASN B 406 24.42 -36.22 -12.96
N GLY B 407 24.31 -34.99 -12.45
CA GLY B 407 23.85 -33.88 -13.22
C GLY B 407 24.87 -33.27 -14.15
N SER B 408 26.11 -33.77 -14.14
CA SER B 408 27.17 -33.27 -14.98
C SER B 408 27.50 -34.24 -16.12
N ILE B 409 26.59 -35.15 -16.44
CA ILE B 409 26.78 -36.11 -17.52
C ILE B 409 26.13 -35.53 -18.78
N PRO B 410 26.89 -35.21 -19.83
CA PRO B 410 26.28 -34.68 -21.04
C PRO B 410 25.41 -35.72 -21.72
N HIS B 411 24.41 -35.24 -22.45
CA HIS B 411 23.55 -36.14 -23.22
C HIS B 411 24.32 -36.80 -24.36
N GLN B 412 25.48 -36.27 -24.73
CA GLN B 412 26.25 -36.86 -25.81
C GLN B 412 26.78 -38.24 -25.45
N ILE B 413 27.03 -38.51 -24.17
CA ILE B 413 27.46 -39.85 -23.77
C ILE B 413 26.35 -40.86 -23.99
N HIS B 414 25.13 -40.53 -23.57
CA HIS B 414 23.99 -41.41 -23.82
C HIS B 414 23.73 -41.54 -25.31
N LEU B 415 23.91 -40.46 -26.06
CA LEU B 415 23.74 -40.52 -27.51
C LEU B 415 24.74 -41.47 -28.15
N GLY B 416 26.00 -41.41 -27.72
CA GLY B 416 27.01 -42.30 -28.25
C GLY B 416 26.74 -43.75 -27.90
N GLU B 417 26.31 -44.00 -26.66
CA GLU B 417 25.97 -45.38 -26.28
C GLU B 417 24.79 -45.90 -27.07
N LEU B 418 23.76 -45.08 -27.26
CA LEU B 418 22.60 -45.49 -28.04
C LEU B 418 22.98 -45.75 -29.50
N HIS B 419 23.84 -44.89 -30.06
CA HIS B 419 24.30 -45.10 -31.43
C HIS B 419 25.10 -46.39 -31.55
N ALA B 420 25.95 -46.67 -30.56
CA ALA B 420 26.72 -47.92 -30.59
C ALA B 420 25.81 -49.14 -30.50
N ILE B 421 24.79 -49.08 -29.63
CA ILE B 421 23.85 -50.19 -29.52
C ILE B 421 23.12 -50.41 -30.84
N LEU B 422 22.66 -49.32 -31.45
CA LEU B 422 21.94 -49.43 -32.72
C LEU B 422 22.84 -49.99 -33.81
N ARG B 423 24.09 -49.55 -33.86
CA ARG B 423 25.03 -50.08 -34.84
C ARG B 423 25.27 -51.57 -34.63
N ARG B 424 25.41 -51.99 -33.38
CA ARG B 424 25.62 -53.41 -33.10
C ARG B 424 24.40 -54.24 -33.51
N GLN B 425 23.20 -53.75 -33.22
CA GLN B 425 22.00 -54.57 -33.35
C GLN B 425 21.18 -54.28 -34.60
N GLU B 426 21.70 -53.47 -35.53
CA GLU B 426 20.94 -53.17 -36.74
C GLU B 426 21.07 -54.27 -37.80
N ASP B 427 22.08 -55.13 -37.70
CA ASP B 427 22.22 -56.22 -38.67
C ASP B 427 21.12 -57.25 -38.48
N PHE B 428 20.75 -57.54 -37.23
CA PHE B 428 19.71 -58.50 -36.95
C PHE B 428 18.31 -57.91 -37.06
N TYR B 429 18.18 -56.59 -36.92
CA TYR B 429 16.87 -55.93 -36.96
C TYR B 429 16.84 -54.87 -38.06
N PRO B 430 16.24 -55.18 -39.21
CA PRO B 430 16.11 -54.15 -40.26
C PRO B 430 15.33 -52.94 -39.82
N PHE B 431 14.32 -53.11 -38.96
CA PHE B 431 13.58 -51.96 -38.45
C PHE B 431 14.46 -51.08 -37.58
N LEU B 432 15.38 -51.67 -36.83
CA LEU B 432 16.36 -50.87 -36.10
C LEU B 432 17.30 -50.16 -37.04
N LYS B 433 17.67 -50.82 -38.14
CA LYS B 433 18.53 -50.18 -39.14
C LYS B 433 17.84 -48.96 -39.77
N ASP B 434 16.54 -49.07 -40.03
CA ASP B 434 15.84 -48.00 -40.74
C ASP B 434 15.64 -46.77 -39.86
N ASN B 435 15.28 -46.97 -38.59
CA ASN B 435 14.85 -45.88 -37.72
C ASN B 435 15.97 -45.34 -36.84
N ARG B 436 17.23 -45.53 -37.23
CA ARG B 436 18.35 -45.06 -36.42
C ARG B 436 18.34 -43.54 -36.31
N GLU B 437 18.13 -42.85 -37.43
CA GLU B 437 18.12 -41.39 -37.42
C GLU B 437 17.00 -40.85 -36.56
N LYS B 438 15.81 -41.45 -36.65
CA LYS B 438 14.69 -40.93 -35.89
C LYS B 438 14.80 -41.27 -34.40
N ILE B 439 15.42 -42.40 -34.06
CA ILE B 439 15.67 -42.69 -32.65
C ILE B 439 16.66 -41.68 -32.07
N GLU B 440 17.74 -41.38 -32.81
CA GLU B 440 18.67 -40.37 -32.35
C GLU B 440 18.01 -39.00 -32.24
N LYS B 441 17.11 -38.67 -33.18
CA LYS B 441 16.39 -37.42 -33.10
C LYS B 441 15.49 -37.38 -31.87
N ILE B 442 14.85 -38.50 -31.54
CA ILE B 442 14.06 -38.58 -30.31
C ILE B 442 14.93 -38.27 -29.10
N LEU B 443 16.11 -38.88 -29.04
CA LEU B 443 16.98 -38.65 -27.88
C LEU B 443 17.44 -37.20 -27.81
N THR B 444 17.85 -36.61 -28.93
CA THR B 444 18.55 -35.33 -28.91
C THR B 444 17.66 -34.12 -29.15
N PHE B 445 16.36 -34.31 -29.38
CA PHE B 445 15.50 -33.18 -29.71
C PHE B 445 15.06 -32.46 -28.44
N ARG B 446 15.06 -31.13 -28.51
CA ARG B 446 14.50 -30.28 -27.47
C ARG B 446 13.95 -29.03 -28.13
N ILE B 447 12.77 -28.61 -27.68
CA ILE B 447 12.11 -27.44 -28.28
C ILE B 447 12.94 -26.20 -28.00
N PRO B 448 13.20 -25.35 -29.00
CA PRO B 448 13.94 -24.11 -28.74
C PRO B 448 13.21 -23.22 -27.76
N TYR B 449 13.99 -22.51 -26.94
CA TYR B 449 13.39 -21.67 -25.90
C TYR B 449 12.58 -20.53 -26.50
N TYR B 450 12.94 -20.07 -27.70
CA TYR B 450 12.19 -19.00 -28.34
C TYR B 450 10.92 -19.50 -29.02
N VAL B 451 10.82 -20.79 -29.30
CA VAL B 451 9.59 -21.33 -29.90
C VAL B 451 8.47 -21.35 -28.88
N GLY B 452 8.73 -21.80 -27.66
CA GLY B 452 7.74 -21.83 -26.63
C GLY B 452 6.85 -23.06 -26.72
N PRO B 453 5.78 -23.08 -25.93
CA PRO B 453 4.86 -24.23 -25.96
C PRO B 453 4.20 -24.39 -27.32
N LEU B 454 3.92 -25.64 -27.69
CA LEU B 454 3.35 -25.95 -28.99
C LEU B 454 1.82 -26.00 -28.91
N ALA B 455 1.24 -24.86 -28.52
CA ALA B 455 -0.20 -24.76 -28.35
C ALA B 455 -0.88 -24.53 -29.69
N ARG B 456 -2.22 -24.56 -29.65
CA ARG B 456 -3.04 -24.33 -30.83
C ARG B 456 -4.17 -23.36 -30.51
N GLY B 457 -3.86 -22.30 -29.78
CA GLY B 457 -4.81 -21.24 -29.52
C GLY B 457 -5.53 -21.28 -28.19
N ASN B 458 -5.15 -22.18 -27.28
CA ASN B 458 -5.79 -22.28 -25.98
C ASN B 458 -4.77 -22.15 -24.84
N SER B 459 -3.67 -21.45 -25.07
CA SER B 459 -2.67 -21.20 -24.05
C SER B 459 -2.29 -19.73 -24.07
N ARG B 460 -2.29 -19.12 -22.88
CA ARG B 460 -1.93 -17.70 -22.79
C ARG B 460 -0.43 -17.49 -22.94
N PHE B 461 0.38 -18.46 -22.51
CA PHE B 461 1.83 -18.31 -22.56
C PHE B 461 2.41 -18.51 -23.95
N ALA B 462 1.75 -19.30 -24.80
CA ALA B 462 2.32 -19.64 -26.09
C ALA B 462 2.28 -18.48 -27.06
N TRP B 463 3.25 -18.48 -27.99
CA TRP B 463 3.32 -17.48 -29.05
C TRP B 463 3.70 -18.07 -30.39
N MET B 464 3.88 -19.37 -30.49
CA MET B 464 4.43 -20.00 -31.69
C MET B 464 3.41 -20.00 -32.82
N THR B 465 3.91 -19.88 -34.05
CA THR B 465 3.09 -19.91 -35.25
C THR B 465 3.45 -21.15 -36.08
N ARG B 466 2.43 -21.82 -36.60
CA ARG B 466 2.58 -23.04 -37.39
C ARG B 466 2.37 -22.72 -38.86
N LYS B 467 3.35 -23.08 -39.70
CA LYS B 467 3.18 -22.93 -41.13
C LYS B 467 2.27 -24.01 -41.72
N SER B 468 2.17 -25.16 -41.06
CA SER B 468 1.28 -26.23 -41.49
C SER B 468 0.46 -26.70 -40.30
N GLU B 469 -0.81 -27.00 -40.54
CA GLU B 469 -1.72 -27.43 -39.47
C GLU B 469 -1.69 -28.95 -39.37
N GLU B 470 -0.75 -29.46 -38.57
CA GLU B 470 -0.63 -30.89 -38.33
C GLU B 470 0.14 -31.10 -37.04
N THR B 471 0.09 -32.33 -36.54
CA THR B 471 0.76 -32.67 -35.29
C THR B 471 2.27 -32.46 -35.42
N ILE B 472 2.85 -31.79 -34.43
CA ILE B 472 4.27 -31.47 -34.43
C ILE B 472 5.00 -32.57 -33.69
N THR B 473 5.59 -33.50 -34.42
CA THR B 473 6.49 -34.50 -33.91
C THR B 473 7.92 -33.97 -33.94
N PRO B 474 8.84 -34.59 -33.20
CA PRO B 474 10.24 -34.12 -33.25
C PRO B 474 10.86 -34.24 -34.63
N TRP B 475 10.29 -35.04 -35.53
CA TRP B 475 10.88 -35.24 -36.85
C TRP B 475 10.41 -34.23 -37.89
N ASN B 476 9.25 -33.59 -37.68
CA ASN B 476 8.77 -32.56 -38.59
C ASN B 476 8.69 -31.19 -37.93
N PHE B 477 9.47 -30.98 -36.87
CA PHE B 477 9.45 -29.70 -36.17
C PHE B 477 9.86 -28.56 -37.10
N GLU B 478 10.92 -28.77 -37.88
CA GLU B 478 11.38 -27.73 -38.79
C GLU B 478 10.34 -27.42 -39.86
N GLU B 479 9.66 -28.45 -40.37
CA GLU B 479 8.72 -28.29 -41.46
C GLU B 479 7.33 -27.88 -41.01
N VAL B 480 7.03 -27.89 -39.72
CA VAL B 480 5.73 -27.49 -39.21
C VAL B 480 5.79 -26.15 -38.49
N VAL B 481 6.82 -25.94 -37.68
CA VAL B 481 6.95 -24.73 -36.88
C VAL B 481 7.65 -23.65 -37.70
N ASP B 482 7.07 -22.46 -37.73
CA ASP B 482 7.70 -21.29 -38.35
C ASP B 482 8.65 -20.70 -37.33
N LYS B 483 9.91 -21.13 -37.40
CA LYS B 483 10.88 -20.80 -36.36
C LYS B 483 11.23 -19.31 -36.34
N GLY B 484 11.44 -18.72 -37.52
CA GLY B 484 11.80 -17.31 -37.56
C GLY B 484 10.70 -16.41 -37.03
N ALA B 485 9.47 -16.66 -37.46
CA ALA B 485 8.33 -15.88 -36.96
C ALA B 485 8.14 -16.12 -35.47
N SER B 486 8.33 -17.36 -35.02
CA SER B 486 8.19 -17.66 -33.59
C SER B 486 9.21 -16.90 -32.76
N ALA B 487 10.47 -16.84 -33.21
CA ALA B 487 11.48 -16.11 -32.47
C ALA B 487 11.22 -14.61 -32.50
N GLN B 488 10.78 -14.08 -33.65
CA GLN B 488 10.44 -12.67 -33.72
C GLN B 488 9.32 -12.32 -32.76
N SER B 489 8.28 -13.17 -32.71
CA SER B 489 7.18 -12.94 -31.77
C SER B 489 7.66 -13.06 -30.33
N PHE B 490 8.57 -14.00 -30.06
CA PHE B 490 9.11 -14.18 -28.73
C PHE B 490 9.83 -12.93 -28.25
N ILE B 491 10.63 -12.32 -29.12
CA ILE B 491 11.34 -11.10 -28.74
C ILE B 491 10.36 -9.92 -28.63
N GLU B 492 9.44 -9.80 -29.58
CA GLU B 492 8.59 -8.62 -29.65
C GLU B 492 7.53 -8.60 -28.55
N ARG B 493 7.10 -9.76 -28.07
CA ARG B 493 6.07 -9.80 -27.03
C ARG B 493 6.58 -9.26 -25.69
N MET B 494 7.88 -9.09 -25.53
CA MET B 494 8.45 -8.59 -24.28
C MET B 494 9.05 -7.20 -24.38
N THR B 495 9.39 -6.74 -25.58
CA THR B 495 10.01 -5.43 -25.72
C THR B 495 8.99 -4.32 -25.45
N ASN B 496 9.51 -3.15 -25.08
CA ASN B 496 8.68 -2.04 -24.68
C ASN B 496 8.15 -1.26 -25.87
N PHE B 497 7.02 -0.58 -25.66
CA PHE B 497 6.53 0.42 -26.58
C PHE B 497 7.13 1.78 -26.25
N ASP B 498 6.98 2.72 -27.17
CA ASP B 498 7.40 4.09 -26.89
C ASP B 498 6.47 4.71 -25.86
N LYS B 499 7.02 5.60 -25.04
CA LYS B 499 6.21 6.28 -24.03
C LYS B 499 5.52 7.52 -24.59
N ASN B 500 6.12 8.17 -25.59
CA ASN B 500 5.44 9.26 -26.29
C ASN B 500 4.38 8.75 -27.24
N LEU B 501 4.59 7.56 -27.81
CA LEU B 501 3.63 6.91 -28.70
C LEU B 501 3.36 5.52 -28.15
N PRO B 502 2.39 5.38 -27.24
CA PRO B 502 2.20 4.09 -26.55
C PRO B 502 1.84 2.93 -27.47
N ASN B 503 1.33 3.20 -28.67
CA ASN B 503 0.95 2.14 -29.59
C ASN B 503 2.06 1.81 -30.59
N GLU B 504 3.23 2.41 -30.46
CA GLU B 504 4.33 2.22 -31.41
C GLU B 504 5.48 1.50 -30.73
N LYS B 505 5.98 0.45 -31.38
CA LYS B 505 7.12 -0.30 -30.86
C LYS B 505 8.40 0.51 -31.00
N VAL B 506 9.38 0.18 -30.15
CA VAL B 506 10.63 0.91 -30.14
C VAL B 506 11.57 0.38 -31.22
N LEU B 507 12.52 1.23 -31.61
CA LEU B 507 13.55 0.84 -32.56
C LEU B 507 14.69 0.14 -31.84
N PRO B 508 15.47 -0.67 -32.58
CA PRO B 508 16.69 -1.23 -31.98
C PRO B 508 17.67 -0.13 -31.62
N LYS B 509 18.47 -0.38 -30.59
CA LYS B 509 19.41 0.65 -30.12
C LYS B 509 20.43 1.00 -31.19
N HIS B 510 20.88 0.00 -31.95
CA HIS B 510 21.84 0.22 -33.03
C HIS B 510 21.18 0.46 -34.38
N SER B 511 19.93 0.93 -34.39
CA SER B 511 19.27 1.27 -35.64
C SER B 511 19.93 2.49 -36.27
N LEU B 512 19.92 2.52 -37.61
CA LEU B 512 20.56 3.63 -38.31
C LEU B 512 19.89 4.96 -38.00
N LEU B 513 18.57 4.98 -37.96
CA LEU B 513 17.85 6.21 -37.61
C LEU B 513 18.18 6.64 -36.19
N TYR B 514 18.28 5.68 -35.26
CA TYR B 514 18.65 6.01 -33.89
C TYR B 514 20.04 6.62 -33.83
N GLU B 515 21.00 6.03 -34.54
CA GLU B 515 22.36 6.56 -34.54
C GLU B 515 22.39 7.97 -35.11
N TYR B 516 21.70 8.19 -36.23
CA TYR B 516 21.68 9.53 -36.82
C TYR B 516 21.05 10.54 -35.88
N PHE B 517 19.93 10.18 -35.26
CA PHE B 517 19.22 11.09 -34.36
C PHE B 517 20.10 11.46 -33.17
N THR B 518 20.74 10.46 -32.55
CA THR B 518 21.59 10.74 -31.39
C THR B 518 22.80 11.56 -31.77
N VAL B 519 23.43 11.25 -32.91
CA VAL B 519 24.60 12.00 -33.33
C VAL B 519 24.23 13.46 -33.62
N TYR B 520 23.09 13.67 -34.28
CA TYR B 520 22.68 15.05 -34.57
C TYR B 520 22.35 15.81 -33.29
N ASN B 521 21.70 15.15 -32.33
CA ASN B 521 21.44 15.80 -31.04
C ASN B 521 22.73 16.19 -30.35
N GLU B 522 23.71 15.28 -30.35
CA GLU B 522 25.00 15.60 -29.73
C GLU B 522 25.70 16.75 -30.45
N LEU B 523 25.60 16.78 -31.78
CA LEU B 523 26.25 17.83 -32.56
C LEU B 523 25.60 19.19 -32.30
N THR B 524 24.28 19.24 -32.18
CA THR B 524 23.60 20.52 -32.02
C THR B 524 23.90 21.21 -30.70
N LYS B 525 24.48 20.51 -29.73
CA LYS B 525 24.79 21.09 -28.42
C LYS B 525 26.24 21.52 -28.29
N VAL B 526 27.02 21.44 -29.36
CA VAL B 526 28.41 21.88 -29.35
C VAL B 526 28.47 23.28 -29.93
N LYS B 527 28.83 24.25 -29.09
CA LYS B 527 28.90 25.66 -29.49
C LYS B 527 30.37 26.01 -29.75
N TYR B 528 30.72 26.14 -31.03
CA TYR B 528 32.09 26.43 -31.40
C TYR B 528 32.44 27.88 -31.12
N VAL B 529 33.68 28.12 -30.71
CA VAL B 529 34.22 29.45 -30.49
C VAL B 529 35.56 29.56 -31.20
N THR B 530 35.71 30.55 -32.07
CA THR B 530 36.95 30.77 -32.80
C THR B 530 37.19 32.27 -32.92
N GLU B 531 38.28 32.64 -33.58
CA GLU B 531 38.64 34.03 -33.75
C GLU B 531 37.64 34.74 -34.65
N GLY B 532 37.43 36.03 -34.38
CA GLY B 532 36.52 36.84 -35.17
C GLY B 532 35.06 36.68 -34.82
N MET B 533 34.74 36.06 -33.69
CA MET B 533 33.36 35.86 -33.26
C MET B 533 33.05 36.78 -32.10
N ARG B 534 32.02 37.61 -32.26
CA ARG B 534 31.60 38.49 -31.17
C ARG B 534 31.03 37.69 -30.01
N LYS B 535 30.12 36.77 -30.30
CA LYS B 535 29.49 35.91 -29.32
C LYS B 535 29.51 34.48 -29.83
N PRO B 536 29.46 33.50 -28.93
CA PRO B 536 29.41 32.10 -29.37
C PRO B 536 28.18 31.85 -30.25
N ALA B 537 28.37 31.03 -31.28
CA ALA B 537 27.35 30.78 -32.27
C ALA B 537 27.13 29.28 -32.42
N PHE B 538 25.92 28.92 -32.83
CA PHE B 538 25.53 27.52 -33.02
C PHE B 538 25.70 27.12 -34.48
N LEU B 539 25.97 25.84 -34.70
CA LEU B 539 26.19 25.32 -36.03
C LEU B 539 24.90 25.36 -36.85
N SER B 540 25.05 25.73 -38.13
CA SER B 540 23.91 25.75 -39.04
C SER B 540 23.65 24.36 -39.61
N GLY B 541 22.56 24.25 -40.36
CA GLY B 541 22.20 22.95 -40.92
C GLY B 541 23.23 22.43 -41.92
N GLU B 542 23.67 23.30 -42.83
CA GLU B 542 24.66 22.88 -43.81
C GLU B 542 26.00 22.56 -43.14
N GLN B 543 26.38 23.35 -42.13
CA GLN B 543 27.60 23.06 -41.39
C GLN B 543 27.50 21.72 -40.67
N LYS B 544 26.34 21.42 -40.10
CA LYS B 544 26.15 20.13 -39.45
C LYS B 544 26.24 18.98 -40.46
N LYS B 545 25.63 19.16 -41.63
CA LYS B 545 25.73 18.15 -42.68
C LYS B 545 27.19 17.92 -43.07
N ALA B 546 27.94 19.00 -43.29
CA ALA B 546 29.33 18.87 -43.68
C ALA B 546 30.15 18.18 -42.59
N ILE B 547 29.92 18.54 -41.32
CA ILE B 547 30.66 17.94 -40.22
C ILE B 547 30.35 16.46 -40.12
N VAL B 548 29.06 16.09 -40.24
CA VAL B 548 28.68 14.69 -40.14
C VAL B 548 29.31 13.89 -41.27
N ASP B 549 29.25 14.41 -42.50
CA ASP B 549 29.80 13.67 -43.63
C ASP B 549 31.32 13.58 -43.59
N LEU B 550 31.99 14.61 -43.05
CA LEU B 550 33.45 14.62 -43.07
C LEU B 550 34.05 13.85 -41.90
N LEU B 551 33.38 13.85 -40.74
CA LEU B 551 33.93 13.23 -39.53
C LEU B 551 33.17 11.97 -39.12
N PHE B 552 31.86 12.09 -38.91
CA PHE B 552 31.11 10.94 -38.40
C PHE B 552 31.01 9.83 -39.43
N LYS B 553 30.80 10.18 -40.70
CA LYS B 553 30.72 9.18 -41.76
C LYS B 553 32.08 8.65 -42.18
N THR B 554 33.17 9.06 -41.52
CA THR B 554 34.50 8.59 -41.83
C THR B 554 35.16 7.85 -40.68
N ASN B 555 35.13 8.43 -39.47
CA ASN B 555 35.76 7.82 -38.31
C ASN B 555 34.72 7.57 -37.23
N ARG B 556 34.95 6.53 -36.44
CA ARG B 556 33.97 6.10 -35.45
C ARG B 556 33.77 7.17 -34.36
N LYS B 557 34.86 7.66 -33.79
CA LYS B 557 34.80 8.62 -32.69
C LYS B 557 35.28 9.97 -33.20
N VAL B 558 34.43 10.99 -33.06
CA VAL B 558 34.75 12.35 -33.49
C VAL B 558 35.13 13.16 -32.27
N THR B 559 36.34 13.69 -32.26
CA THR B 559 36.85 14.51 -31.16
C THR B 559 36.93 15.97 -31.58
N VAL B 560 37.13 16.84 -30.58
CA VAL B 560 37.11 18.27 -30.81
C VAL B 560 38.30 18.70 -31.68
N LYS B 561 39.47 18.11 -31.45
CA LYS B 561 40.62 18.46 -32.27
C LYS B 561 40.43 18.03 -33.72
N GLN B 562 39.85 16.84 -33.93
CA GLN B 562 39.55 16.41 -35.30
C GLN B 562 38.53 17.34 -35.95
N LEU B 563 37.51 17.76 -35.20
CA LEU B 563 36.53 18.70 -35.73
C LEU B 563 37.19 20.01 -36.14
N LYS B 564 38.11 20.51 -35.29
CA LYS B 564 38.76 21.78 -35.58
C LYS B 564 39.71 21.67 -36.77
N GLU B 565 40.42 20.55 -36.89
CA GLU B 565 41.45 20.43 -37.93
C GLU B 565 40.85 20.04 -39.27
N ASP B 566 40.10 18.94 -39.31
CA ASP B 566 39.62 18.41 -40.59
C ASP B 566 38.51 19.26 -41.20
N TYR B 567 37.81 20.05 -40.40
CA TYR B 567 36.73 20.90 -40.91
C TYR B 567 36.99 22.38 -40.72
N PHE B 568 37.27 22.81 -39.48
CA PHE B 568 37.44 24.23 -39.22
C PHE B 568 38.78 24.76 -39.72
N LYS B 569 39.79 23.91 -39.82
CA LYS B 569 41.09 24.30 -40.35
C LYS B 569 41.29 23.91 -41.80
N LYS B 570 40.85 22.72 -42.20
CA LYS B 570 41.02 22.29 -43.59
C LYS B 570 40.10 23.06 -44.53
N ILE B 571 38.85 23.28 -44.11
CA ILE B 571 37.85 23.96 -44.95
C ILE B 571 37.61 25.39 -44.47
N GLU B 572 37.17 25.56 -43.23
CA GLU B 572 36.85 26.89 -42.72
C GLU B 572 38.13 27.69 -42.44
N THR B 592 26.94 1.76 -36.35
CA THR B 592 26.24 0.89 -37.28
C THR B 592 26.61 1.22 -38.71
N TYR B 593 26.73 2.50 -39.02
CA TYR B 593 27.12 2.92 -40.37
C TYR B 593 28.53 2.42 -40.70
N HIS B 594 29.44 2.49 -39.73
CA HIS B 594 30.82 2.07 -39.97
C HIS B 594 30.94 0.55 -39.99
N ASP B 595 30.17 -0.14 -39.15
CA ASP B 595 30.21 -1.60 -39.14
C ASP B 595 29.74 -2.16 -40.48
N LEU B 596 28.67 -1.59 -41.04
CA LEU B 596 28.18 -2.04 -42.34
C LEU B 596 29.08 -1.58 -43.48
N LEU B 597 29.85 -0.50 -43.28
CA LEU B 597 30.73 -0.02 -44.34
C LEU B 597 31.84 -1.01 -44.62
N LYS B 598 32.43 -1.60 -43.58
CA LYS B 598 33.47 -2.60 -43.78
C LYS B 598 32.92 -3.96 -44.20
N ILE B 599 31.62 -4.20 -44.00
CA ILE B 599 31.00 -5.47 -44.36
C ILE B 599 30.58 -5.44 -45.82
N ILE B 600 29.73 -4.47 -46.17
CA ILE B 600 29.21 -4.41 -47.54
C ILE B 600 30.18 -3.76 -48.51
N LYS B 601 31.18 -3.03 -48.00
CA LYS B 601 32.19 -2.38 -48.84
C LYS B 601 31.57 -1.52 -49.92
N ASP B 602 30.49 -0.81 -49.56
CA ASP B 602 29.78 0.05 -50.48
C ASP B 602 29.41 1.34 -49.76
N LYS B 603 29.85 2.47 -50.30
CA LYS B 603 29.58 3.77 -49.68
C LYS B 603 28.32 4.43 -50.24
N ASP B 604 28.11 4.33 -51.56
CA ASP B 604 26.93 4.93 -52.16
C ASP B 604 25.66 4.23 -51.70
N PHE B 605 25.72 2.92 -51.47
CA PHE B 605 24.55 2.21 -50.96
C PHE B 605 24.18 2.69 -49.56
N LEU B 606 25.18 2.87 -48.69
CA LEU B 606 24.90 3.33 -47.33
C LEU B 606 24.47 4.79 -47.31
N ASP B 607 25.01 5.62 -48.20
CA ASP B 607 24.61 7.02 -48.27
C ASP B 607 23.30 7.23 -49.03
N ASN B 608 22.82 6.20 -49.73
CA ASN B 608 21.56 6.31 -50.45
C ASN B 608 20.39 6.42 -49.48
N GLU B 609 19.30 7.04 -49.94
CA GLU B 609 18.14 7.29 -49.11
C GLU B 609 16.91 6.47 -49.47
N GLU B 610 16.95 5.69 -50.56
CA GLU B 610 15.83 4.84 -50.93
C GLU B 610 16.01 3.40 -50.46
N ASN B 611 17.12 3.08 -49.79
CA ASN B 611 17.34 1.77 -49.21
C ASN B 611 17.29 1.77 -47.69
N GLU B 612 16.74 2.84 -47.10
CA GLU B 612 16.69 2.92 -45.65
C GLU B 612 15.78 1.85 -45.07
N ASP B 613 14.72 1.46 -45.78
CA ASP B 613 13.88 0.36 -45.32
C ASP B 613 14.67 -0.94 -45.29
N ILE B 614 15.49 -1.18 -46.32
CA ILE B 614 16.33 -2.38 -46.34
C ILE B 614 17.31 -2.37 -45.18
N LEU B 615 17.94 -1.23 -44.91
CA LEU B 615 18.89 -1.15 -43.80
C LEU B 615 18.19 -1.36 -42.46
N GLU B 616 16.99 -0.79 -42.30
CA GLU B 616 16.23 -1.00 -41.07
C GLU B 616 15.86 -2.46 -40.89
N ASP B 617 15.43 -3.13 -41.96
CA ASP B 617 15.12 -4.54 -41.87
C ASP B 617 16.34 -5.37 -41.51
N ILE B 618 17.50 -5.01 -42.08
CA ILE B 618 18.73 -5.74 -41.79
C ILE B 618 19.09 -5.63 -40.31
N VAL B 619 19.10 -4.39 -39.79
CA VAL B 619 19.47 -4.22 -38.39
C VAL B 619 18.42 -4.85 -37.47
N LEU B 620 17.15 -4.80 -37.87
CA LEU B 620 16.11 -5.45 -37.07
C LEU B 620 16.32 -6.96 -37.02
N THR B 621 16.67 -7.57 -38.14
CA THR B 621 16.96 -9.00 -38.15
C THR B 621 18.14 -9.33 -37.25
N LEU B 622 19.22 -8.56 -37.37
CA LEU B 622 20.41 -8.83 -36.58
C LEU B 622 20.14 -8.68 -35.09
N THR B 623 19.30 -7.71 -34.71
CA THR B 623 18.95 -7.56 -33.31
C THR B 623 18.00 -8.67 -32.85
N LEU B 624 17.05 -9.07 -33.70
CA LEU B 624 16.02 -10.01 -33.29
C LEU B 624 16.59 -11.40 -33.09
N PHE B 625 17.36 -11.89 -34.06
CA PHE B 625 17.78 -13.29 -34.06
C PHE B 625 19.22 -13.44 -33.60
N GLU B 626 19.45 -14.44 -32.75
CA GLU B 626 20.80 -14.75 -32.28
C GLU B 626 21.42 -15.95 -33.00
N ASP B 627 20.62 -16.74 -33.71
CA ASP B 627 21.12 -17.91 -34.41
C ASP B 627 21.51 -17.54 -35.84
N ARG B 628 22.67 -18.04 -36.26
CA ARG B 628 23.16 -17.74 -37.60
C ARG B 628 22.25 -18.32 -38.67
N GLU B 629 21.70 -19.51 -38.44
CA GLU B 629 20.78 -20.10 -39.41
C GLU B 629 19.54 -19.25 -39.58
N MET B 630 18.96 -18.77 -38.48
CA MET B 630 17.78 -17.91 -38.57
C MET B 630 18.12 -16.58 -39.25
N ILE B 631 19.27 -16.01 -38.91
CA ILE B 631 19.68 -14.75 -39.54
C ILE B 631 19.83 -14.94 -41.05
N GLU B 632 20.48 -16.03 -41.46
CA GLU B 632 20.72 -16.24 -42.88
C GLU B 632 19.44 -16.57 -43.63
N GLU B 633 18.51 -17.29 -43.00
CA GLU B 633 17.25 -17.60 -43.68
C GLU B 633 16.35 -16.37 -43.76
N ARG B 634 16.46 -15.45 -42.80
CA ARG B 634 15.72 -14.20 -42.90
C ARG B 634 16.35 -13.23 -43.90
N LEU B 635 17.67 -13.28 -44.06
CA LEU B 635 18.38 -12.38 -44.95
C LEU B 635 18.46 -12.88 -46.39
N LYS B 636 17.89 -14.04 -46.69
CA LYS B 636 17.93 -14.57 -48.05
C LYS B 636 17.22 -13.67 -49.03
N THR B 637 16.20 -12.93 -48.57
CA THR B 637 15.47 -12.02 -49.45
C THR B 637 16.38 -10.92 -49.97
N TYR B 638 17.42 -10.56 -49.22
CA TYR B 638 18.36 -9.52 -49.61
C TYR B 638 19.66 -10.09 -50.16
N ALA B 639 19.70 -11.40 -50.44
CA ALA B 639 20.93 -12.01 -50.93
C ALA B 639 21.30 -11.54 -52.33
N HIS B 640 20.31 -11.19 -53.14
CA HIS B 640 20.60 -10.71 -54.49
C HIS B 640 21.25 -9.34 -54.47
N LEU B 641 20.96 -8.52 -53.47
CA LEU B 641 21.56 -7.19 -53.39
C LEU B 641 23.07 -7.27 -53.17
N PHE B 642 23.52 -8.20 -52.33
CA PHE B 642 24.92 -8.33 -51.96
C PHE B 642 25.52 -9.59 -52.58
N ASP B 643 26.76 -9.88 -52.22
CA ASP B 643 27.45 -11.08 -52.66
C ASP B 643 27.41 -12.14 -51.55
N ASP B 644 27.96 -13.31 -51.85
CA ASP B 644 27.96 -14.40 -50.88
C ASP B 644 28.80 -14.05 -49.65
N LYS B 645 29.98 -13.45 -49.87
CA LYS B 645 30.82 -13.09 -48.73
C LYS B 645 30.20 -11.96 -47.91
N VAL B 646 29.51 -11.03 -48.59
CA VAL B 646 28.82 -9.97 -47.86
C VAL B 646 27.70 -10.53 -47.01
N MET B 647 26.94 -11.50 -47.57
CA MET B 647 25.90 -12.15 -46.79
C MET B 647 26.49 -12.89 -45.60
N LYS B 648 27.62 -13.58 -45.80
CA LYS B 648 28.25 -14.30 -44.70
C LYS B 648 28.69 -13.34 -43.60
N GLN B 649 29.28 -12.21 -43.97
CA GLN B 649 29.68 -11.21 -42.96
C GLN B 649 28.46 -10.66 -42.23
N LEU B 650 27.36 -10.43 -42.96
CA LEU B 650 26.15 -9.94 -42.31
C LEU B 650 25.62 -10.96 -41.31
N LYS B 651 25.64 -12.25 -41.67
CA LYS B 651 25.25 -13.27 -40.72
C LYS B 651 26.16 -13.27 -39.50
N ARG B 652 27.46 -13.05 -39.72
CA ARG B 652 28.40 -13.02 -38.60
C ARG B 652 28.09 -11.88 -37.64
N ARG B 653 27.79 -10.70 -38.18
CA ARG B 653 27.54 -9.55 -37.32
C ARG B 653 26.18 -9.64 -36.65
N ARG B 654 26.13 -9.35 -35.34
CA ARG B 654 24.90 -9.36 -34.58
C ARG B 654 24.93 -8.24 -33.56
N TYR B 655 23.82 -7.49 -33.45
CA TYR B 655 23.68 -6.41 -32.50
C TYR B 655 22.79 -6.83 -31.34
N THR B 656 23.00 -6.20 -30.18
CA THR B 656 22.19 -6.41 -29.00
C THR B 656 21.80 -5.06 -28.41
N GLY B 657 20.52 -4.90 -28.11
CA GLY B 657 20.01 -3.67 -27.51
C GLY B 657 18.79 -3.13 -28.20
N TRP B 658 17.91 -2.50 -27.42
CA TRP B 658 16.68 -1.89 -27.92
C TRP B 658 16.60 -0.45 -27.45
N GLY B 659 16.19 0.44 -28.34
CA GLY B 659 16.10 1.85 -28.03
C GLY B 659 14.85 2.19 -27.25
N ARG B 660 14.75 3.48 -26.90
CA ARG B 660 13.60 4.00 -26.18
C ARG B 660 12.75 4.92 -27.03
N LEU B 661 13.04 5.02 -28.33
CA LEU B 661 12.31 5.92 -29.22
C LEU B 661 11.77 5.14 -30.40
N SER B 662 10.55 5.46 -30.81
CA SER B 662 9.90 4.78 -31.91
C SER B 662 10.22 5.45 -33.24
N ARG B 663 10.15 4.66 -34.31
CA ARG B 663 10.43 5.19 -35.64
C ARG B 663 9.41 6.24 -36.03
N LYS B 664 8.14 6.03 -35.67
CA LYS B 664 7.11 7.03 -35.96
C LYS B 664 7.42 8.35 -35.24
N LEU B 665 7.81 8.27 -33.97
CA LEU B 665 8.17 9.49 -33.24
C LEU B 665 9.36 10.18 -33.87
N ILE B 666 10.37 9.40 -34.30
CA ILE B 666 11.61 10.00 -34.81
C ILE B 666 11.37 10.65 -36.17
N ASN B 667 10.78 9.91 -37.11
CA ASN B 667 10.73 10.35 -38.49
C ASN B 667 9.35 10.31 -39.14
N GLY B 668 8.34 9.73 -38.50
CA GLY B 668 7.04 9.60 -39.11
C GLY B 668 6.14 10.81 -38.90
N ILE B 669 6.04 11.26 -37.65
CA ILE B 669 5.18 12.41 -37.35
C ILE B 669 5.79 13.67 -37.92
N ARG B 670 4.93 14.55 -38.45
CA ARG B 670 5.36 15.81 -39.05
C ARG B 670 4.60 16.96 -38.42
N ASP B 671 5.24 18.12 -38.39
CA ASP B 671 4.57 19.32 -37.90
C ASP B 671 3.46 19.73 -38.86
N LYS B 672 2.33 20.14 -38.30
CA LYS B 672 1.21 20.57 -39.13
C LYS B 672 1.53 21.87 -39.87
N GLN B 673 2.24 22.78 -39.21
CA GLN B 673 2.50 24.09 -39.81
C GLN B 673 3.56 23.99 -40.91
N SER B 674 4.64 23.24 -40.67
CA SER B 674 5.77 23.22 -41.59
C SER B 674 5.94 21.93 -42.36
N GLY B 675 5.29 20.85 -41.95
CA GLY B 675 5.45 19.58 -42.63
C GLY B 675 6.84 19.00 -42.54
N LYS B 676 7.48 19.13 -41.37
CA LYS B 676 8.83 18.62 -41.16
C LYS B 676 8.84 17.72 -39.93
N THR B 677 9.57 16.61 -40.03
CA THR B 677 9.64 15.66 -38.94
C THR B 677 10.63 16.15 -37.86
N ILE B 678 10.69 15.39 -36.76
CA ILE B 678 11.64 15.72 -35.70
C ILE B 678 13.06 15.62 -36.21
N LEU B 679 13.36 14.58 -36.99
CA LEU B 679 14.70 14.45 -37.58
C LEU B 679 14.98 15.59 -38.55
N ASP B 680 13.97 15.99 -39.34
CA ASP B 680 14.16 17.10 -40.26
C ASP B 680 14.48 18.39 -39.52
N PHE B 681 13.75 18.66 -38.44
CA PHE B 681 14.04 19.85 -37.63
C PHE B 681 15.43 19.76 -37.01
N LEU B 682 15.82 18.58 -36.53
CA LEU B 682 17.14 18.41 -35.95
C LEU B 682 18.23 18.67 -36.96
N LYS B 683 18.04 18.21 -38.20
CA LYS B 683 18.99 18.52 -39.26
C LYS B 683 19.01 20.02 -39.57
N SER B 684 17.84 20.66 -39.59
CA SER B 684 17.72 22.07 -39.94
C SER B 684 17.49 22.95 -38.73
N ASP B 685 18.13 22.62 -37.61
CA ASP B 685 18.00 23.47 -36.41
C ASP B 685 18.61 24.84 -36.63
N GLY B 686 19.77 24.90 -37.30
CA GLY B 686 20.37 26.19 -37.59
C GLY B 686 20.86 26.90 -36.34
N PHE B 687 20.61 28.21 -36.29
CA PHE B 687 21.10 29.03 -35.20
C PHE B 687 20.44 28.64 -33.87
N ALA B 688 19.16 28.27 -33.91
CA ALA B 688 18.46 27.92 -32.67
C ALA B 688 19.08 26.70 -32.00
N ASN B 689 19.35 25.65 -32.78
CA ASN B 689 19.95 24.42 -32.27
C ASN B 689 19.16 23.85 -31.09
N ARG B 690 17.84 23.87 -31.22
CA ARG B 690 16.96 23.31 -30.19
C ARG B 690 16.97 21.79 -30.29
N ASN B 691 17.15 21.12 -29.16
CA ASN B 691 17.31 19.68 -29.14
C ASN B 691 15.95 18.99 -29.09
N PHE B 692 15.96 17.68 -28.86
CA PHE B 692 14.73 16.89 -28.89
C PHE B 692 13.77 17.31 -27.79
N MET B 693 14.30 17.56 -26.58
CA MET B 693 13.43 17.98 -25.49
C MET B 693 12.78 19.32 -25.78
N GLN B 694 13.54 20.27 -26.33
CA GLN B 694 12.96 21.56 -26.72
C GLN B 694 11.91 21.38 -27.81
N LEU B 695 12.18 20.49 -28.77
CA LEU B 695 11.20 20.25 -29.83
C LEU B 695 9.90 19.69 -29.27
N ILE B 696 9.99 18.74 -28.34
CA ILE B 696 8.78 18.11 -27.83
C ILE B 696 8.09 18.96 -26.77
N HIS B 697 8.78 19.93 -26.17
CA HIS B 697 8.16 20.83 -25.20
C HIS B 697 7.80 22.19 -25.79
N ASP B 698 8.07 22.42 -27.07
CA ASP B 698 7.68 23.68 -27.70
C ASP B 698 6.16 23.75 -27.82
N ASP B 699 5.60 24.88 -27.38
CA ASP B 699 4.15 25.05 -27.45
C ASP B 699 3.68 25.36 -28.86
N SER B 700 4.45 26.14 -29.61
CA SER B 700 4.06 26.48 -30.98
C SER B 700 4.07 25.25 -31.87
N LEU B 701 5.04 24.37 -31.70
CA LEU B 701 5.14 23.17 -32.54
C LEU B 701 4.04 22.19 -32.16
N THR B 702 3.51 21.50 -33.17
CA THR B 702 2.42 20.54 -32.98
C THR B 702 2.90 19.19 -32.47
N PHE B 703 4.20 18.99 -32.31
CA PHE B 703 4.71 17.71 -31.83
C PHE B 703 4.18 17.40 -30.43
N LYS B 704 4.16 18.40 -29.54
CA LYS B 704 3.63 18.19 -28.20
C LYS B 704 2.15 17.84 -28.24
N GLU B 705 1.38 18.52 -29.10
CA GLU B 705 -0.04 18.21 -29.22
C GLU B 705 -0.26 16.78 -29.72
N ASP B 706 0.52 16.36 -30.72
CA ASP B 706 0.38 15.01 -31.23
C ASP B 706 0.79 13.97 -30.20
N ILE B 707 1.81 14.27 -29.40
CA ILE B 707 2.20 13.37 -28.31
C ILE B 707 1.08 13.26 -27.29
N GLN B 708 0.46 14.40 -26.94
CA GLN B 708 -0.64 14.37 -25.98
C GLN B 708 -1.83 13.57 -26.53
N LYS B 709 -2.14 13.73 -27.81
CA LYS B 709 -3.26 13.00 -28.40
C LYS B 709 -3.01 11.50 -28.38
N ALA B 710 -1.78 11.08 -28.67
CA ALA B 710 -1.46 9.66 -28.68
C ALA B 710 -1.61 9.04 -27.29
N GLN B 711 -1.15 9.75 -26.26
CA GLN B 711 -1.26 9.22 -24.90
C GLN B 711 -2.71 9.15 -24.44
N VAL B 712 -3.57 10.01 -24.99
CA VAL B 712 -4.98 9.97 -24.62
C VAL B 712 -5.63 8.66 -25.05
N SER B 713 -5.28 8.17 -26.25
CA SER B 713 -5.84 6.92 -26.74
C SER B 713 -5.52 5.78 -25.79
N GLY B 714 -6.53 4.98 -25.47
CA GLY B 714 -6.42 3.92 -24.49
C GLY B 714 -6.82 4.35 -23.09
N GLN B 715 -6.50 5.59 -22.74
CA GLN B 715 -6.84 6.18 -21.43
C GLN B 715 -6.21 5.30 -20.35
N GLY B 716 -6.97 4.86 -19.35
CA GLY B 716 -6.43 4.00 -18.32
C GLY B 716 -7.31 2.78 -18.11
N ASP B 717 -6.65 1.68 -17.76
CA ASP B 717 -7.35 0.42 -17.49
C ASP B 717 -7.93 0.46 -16.08
N SER B 718 -8.37 -0.70 -15.60
CA SER B 718 -8.93 -0.78 -14.25
C SER B 718 -7.83 -0.54 -13.21
N LEU B 719 -8.28 -0.26 -11.99
CA LEU B 719 -7.34 0.00 -10.89
C LEU B 719 -6.45 -1.21 -10.61
N HIS B 720 -7.05 -2.40 -10.56
CA HIS B 720 -6.26 -3.60 -10.33
C HIS B 720 -5.29 -3.85 -11.47
N GLU B 721 -5.73 -3.64 -12.71
CA GLU B 721 -4.83 -3.83 -13.85
C GLU B 721 -3.66 -2.85 -13.79
N HIS B 722 -3.92 -1.59 -13.46
CA HIS B 722 -2.84 -0.60 -13.35
C HIS B 722 -1.87 -0.97 -12.24
N ILE B 723 -2.39 -1.37 -11.08
CA ILE B 723 -1.51 -1.75 -9.98
C ILE B 723 -0.67 -2.96 -10.34
N ALA B 724 -1.27 -3.94 -11.03
CA ALA B 724 -0.51 -5.10 -11.47
C ALA B 724 0.57 -4.71 -12.48
N ASN B 725 0.25 -3.79 -13.39
CA ASN B 725 1.23 -3.32 -14.36
C ASN B 725 2.34 -2.51 -13.72
N LEU B 726 2.11 -1.94 -12.54
CA LEU B 726 3.19 -1.27 -11.82
C LEU B 726 4.35 -2.23 -11.56
N ALA B 727 5.52 -1.67 -11.30
CA ALA B 727 6.73 -2.44 -11.06
C ALA B 727 7.07 -2.40 -9.58
N GLY B 728 7.28 -3.58 -9.00
CA GLY B 728 7.61 -3.68 -7.59
C GLY B 728 7.26 -5.05 -7.06
N SER B 729 7.28 -5.15 -5.74
CA SER B 729 6.96 -6.41 -5.07
C SER B 729 5.45 -6.64 -5.07
N PRO B 730 5.00 -7.87 -5.31
CA PRO B 730 3.56 -8.15 -5.27
C PRO B 730 2.92 -7.85 -3.93
N ALA B 731 3.65 -8.04 -2.82
CA ALA B 731 3.11 -7.67 -1.51
C ALA B 731 2.87 -6.16 -1.43
N ILE B 732 3.82 -5.37 -1.94
CA ILE B 732 3.65 -3.92 -1.96
C ILE B 732 2.47 -3.53 -2.85
N LYS B 733 2.32 -4.20 -3.99
CA LYS B 733 1.20 -3.89 -4.87
C LYS B 733 -0.14 -4.21 -4.21
N LYS B 734 -0.20 -5.34 -3.48
CA LYS B 734 -1.41 -5.68 -2.74
C LYS B 734 -1.70 -4.63 -1.67
N GLY B 735 -0.67 -4.18 -0.96
CA GLY B 735 -0.87 -3.11 0.00
C GLY B 735 -1.37 -1.83 -0.64
N ILE B 736 -0.89 -1.52 -1.84
CA ILE B 736 -1.33 -0.33 -2.55
C ILE B 736 -2.81 -0.44 -2.90
N LEU B 737 -3.23 -1.60 -3.40
CA LEU B 737 -4.64 -1.79 -3.73
C LEU B 737 -5.51 -1.67 -2.48
N GLN B 738 -5.08 -2.26 -1.38
CA GLN B 738 -5.84 -2.14 -0.14
C GLN B 738 -5.91 -0.69 0.33
N THR B 739 -4.82 0.05 0.19
CA THR B 739 -4.82 1.46 0.58
C THR B 739 -5.81 2.26 -0.25
N VAL B 740 -5.84 2.02 -1.56
CA VAL B 740 -6.79 2.72 -2.41
C VAL B 740 -8.23 2.40 -1.99
N LYS B 741 -8.50 1.12 -1.72
CA LYS B 741 -9.85 0.74 -1.33
C LYS B 741 -10.25 1.35 0.02
N VAL B 742 -9.34 1.38 0.99
CA VAL B 742 -9.69 1.98 2.27
C VAL B 742 -9.86 3.49 2.14
N VAL B 743 -9.10 4.13 1.25
CA VAL B 743 -9.30 5.56 1.01
C VAL B 743 -10.70 5.82 0.47
N ASP B 744 -11.12 5.01 -0.51
CA ASP B 744 -12.47 5.16 -1.05
C ASP B 744 -13.53 4.91 0.03
N GLU B 745 -13.31 3.90 0.86
CA GLU B 745 -14.26 3.59 1.92
C GLU B 745 -14.37 4.74 2.91
N LEU B 746 -13.24 5.33 3.29
CA LEU B 746 -13.26 6.45 4.23
C LEU B 746 -13.93 7.67 3.61
N VAL B 747 -13.69 7.93 2.32
CA VAL B 747 -14.34 9.06 1.66
C VAL B 747 -15.86 8.85 1.67
N LYS B 748 -16.31 7.62 1.40
CA LYS B 748 -17.74 7.35 1.45
C LYS B 748 -18.28 7.51 2.87
N VAL B 749 -17.50 7.09 3.86
CA VAL B 749 -17.93 7.18 5.25
C VAL B 749 -18.11 8.63 5.67
N MET B 750 -17.19 9.51 5.25
CA MET B 750 -17.18 10.90 5.68
C MET B 750 -18.18 11.76 4.92
N GLY B 751 -19.17 11.17 4.26
CA GLY B 751 -20.19 11.94 3.57
C GLY B 751 -19.86 12.34 2.16
N ARG B 752 -19.01 11.57 1.47
CA ARG B 752 -18.59 11.84 0.10
C ARG B 752 -17.80 13.13 -0.03
N HIS B 753 -17.28 13.66 1.07
CA HIS B 753 -16.44 14.85 1.04
C HIS B 753 -14.98 14.43 1.02
N LYS B 754 -14.24 14.93 0.03
CA LYS B 754 -12.83 14.58 -0.10
C LYS B 754 -12.01 15.33 0.95
N PRO B 755 -10.95 14.71 1.47
CA PRO B 755 -10.15 15.36 2.51
C PRO B 755 -9.29 16.48 1.93
N GLU B 756 -8.81 17.35 2.83
CA GLU B 756 -7.89 18.39 2.41
C GLU B 756 -6.55 17.81 1.97
N ASN B 757 -6.01 16.88 2.77
CA ASN B 757 -4.71 16.29 2.50
C ASN B 757 -4.77 14.79 2.74
N ILE B 758 -3.91 14.07 2.04
CA ILE B 758 -3.74 12.62 2.22
C ILE B 758 -2.25 12.39 2.45
N VAL B 759 -1.86 12.21 3.70
CA VAL B 759 -0.46 11.99 4.05
C VAL B 759 -0.21 10.48 4.10
N ILE B 760 0.70 10.00 3.26
CA ILE B 760 0.97 8.57 3.14
C ILE B 760 2.45 8.33 3.39
N GLU B 761 2.76 7.09 3.75
CA GLU B 761 4.13 6.64 3.88
C GLU B 761 4.19 5.15 3.58
N MET B 762 5.35 4.69 3.11
CA MET B 762 5.57 3.29 2.79
C MET B 762 6.86 2.82 3.44
N ALA B 763 6.80 1.67 4.10
CA ALA B 763 7.99 1.08 4.69
C ALA B 763 8.97 0.63 3.61
N ARG B 764 10.26 0.65 3.94
CA ARG B 764 11.28 0.26 2.98
C ARG B 764 11.13 -1.21 2.58
N GLU B 765 10.86 -2.09 3.55
CA GLU B 765 10.69 -3.50 3.25
C GLU B 765 9.58 -4.11 4.12
N LYS B 774 17.12 -20.08 -0.42
CA LYS B 774 17.63 -19.83 0.92
C LYS B 774 18.80 -18.84 0.87
N ASN B 775 18.71 -17.79 1.69
CA ASN B 775 19.75 -16.77 1.70
C ASN B 775 21.08 -17.33 2.19
N SER B 776 21.04 -18.23 3.17
CA SER B 776 22.27 -18.85 3.67
C SER B 776 22.95 -19.68 2.59
N ARG B 777 22.16 -20.37 1.77
CA ARG B 777 22.72 -21.13 0.66
C ARG B 777 23.39 -20.21 -0.35
N GLU B 778 22.75 -19.06 -0.64
CA GLU B 778 23.36 -18.08 -1.53
C GLU B 778 24.66 -17.56 -0.97
N ARG B 779 24.69 -17.28 0.34
CA ARG B 779 25.93 -16.83 0.98
C ARG B 779 27.02 -17.89 0.87
N MET B 780 26.65 -19.16 1.09
CA MET B 780 27.62 -20.24 1.00
C MET B 780 28.18 -20.37 -0.41
N LYS B 781 27.32 -20.30 -1.43
CA LYS B 781 27.83 -20.40 -2.79
C LYS B 781 28.69 -19.20 -3.15
N ARG B 782 28.31 -18.01 -2.67
CA ARG B 782 29.09 -16.81 -2.97
C ARG B 782 30.47 -16.89 -2.33
N ILE B 783 30.56 -17.34 -1.07
CA ILE B 783 31.85 -17.44 -0.42
C ILE B 783 32.69 -18.54 -1.06
N GLU B 784 32.05 -19.65 -1.48
CA GLU B 784 32.81 -20.70 -2.14
C GLU B 784 33.41 -20.20 -3.45
N GLU B 785 32.61 -19.49 -4.26
CA GLU B 785 33.13 -18.95 -5.51
C GLU B 785 34.23 -17.94 -5.26
N GLY B 786 34.05 -17.07 -4.27
CA GLY B 786 35.08 -16.07 -3.98
C GLY B 786 36.38 -16.69 -3.50
N ILE B 787 36.28 -17.72 -2.65
CA ILE B 787 37.47 -18.40 -2.16
C ILE B 787 38.19 -19.11 -3.30
N LYS B 788 37.42 -19.77 -4.19
CA LYS B 788 38.04 -20.43 -5.33
C LYS B 788 38.74 -19.42 -6.24
N GLU B 789 38.11 -18.26 -6.47
CA GLU B 789 38.74 -17.23 -7.30
C GLU B 789 40.00 -16.68 -6.64
N LEU B 790 39.96 -16.44 -5.34
CA LEU B 790 41.11 -15.87 -4.64
C LEU B 790 42.23 -16.87 -4.41
N GLY B 791 41.95 -18.17 -4.49
CA GLY B 791 42.96 -19.18 -4.28
C GLY B 791 43.27 -19.50 -2.83
N SER B 792 42.56 -18.88 -1.89
CA SER B 792 42.80 -19.14 -0.47
C SER B 792 42.13 -20.44 -0.05
N GLN B 793 42.32 -20.82 1.21
CA GLN B 793 41.77 -22.06 1.76
C GLN B 793 41.16 -21.80 3.13
N ILE B 794 40.53 -20.64 3.31
CA ILE B 794 39.95 -20.30 4.61
C ILE B 794 38.83 -21.27 4.96
N LEU B 795 37.97 -21.60 4.00
CA LEU B 795 36.93 -22.58 4.24
C LEU B 795 37.52 -23.95 4.56
N LYS B 796 38.61 -24.32 3.89
CA LYS B 796 39.27 -25.59 4.18
C LYS B 796 39.94 -25.59 5.54
N GLU B 797 40.42 -24.43 6.00
CA GLU B 797 41.03 -24.36 7.32
C GLU B 797 40.01 -24.70 8.41
N HIS B 798 38.80 -24.15 8.30
CA HIS B 798 37.73 -24.43 9.26
C HIS B 798 36.40 -24.27 8.54
N PRO B 799 35.76 -25.38 8.16
CA PRO B 799 34.48 -25.27 7.44
C PRO B 799 33.40 -24.62 8.29
N VAL B 800 32.52 -23.90 7.62
CA VAL B 800 31.40 -23.20 8.27
C VAL B 800 30.11 -23.60 7.57
N GLU B 801 29.11 -23.96 8.38
CA GLU B 801 27.81 -24.32 7.84
C GLU B 801 26.99 -23.07 7.53
N ASN B 802 25.93 -23.26 6.73
CA ASN B 802 25.12 -22.13 6.28
C ASN B 802 24.45 -21.42 7.45
N THR B 803 23.93 -22.18 8.41
CA THR B 803 23.30 -21.56 9.58
C THR B 803 24.29 -20.72 10.36
N GLN B 804 25.53 -21.20 10.50
CA GLN B 804 26.57 -20.39 11.13
C GLN B 804 26.93 -19.19 10.27
N LEU B 805 26.99 -19.38 8.95
CA LEU B 805 27.31 -18.28 8.04
C LEU B 805 26.23 -17.21 8.02
N GLN B 806 25.03 -17.53 8.49
CA GLN B 806 23.98 -16.52 8.57
C GLN B 806 24.33 -15.38 9.50
N ASN B 807 25.27 -15.59 10.43
CA ASN B 807 25.67 -14.53 11.35
C ASN B 807 26.38 -13.41 10.59
N GLU B 808 26.07 -12.16 10.97
CA GLU B 808 26.63 -11.00 10.28
C GLU B 808 28.14 -10.92 10.46
N LYS B 809 28.60 -11.05 11.71
CA LYS B 809 30.03 -10.93 11.98
C LYS B 809 30.82 -12.05 11.30
N LEU B 810 30.31 -13.28 11.36
CA LEU B 810 30.98 -14.39 10.68
C LEU B 810 31.00 -14.18 9.17
N TYR B 811 29.89 -13.70 8.61
CA TYR B 811 29.83 -13.45 7.17
C TYR B 811 30.85 -12.40 6.75
N LEU B 812 30.96 -11.31 7.52
CA LEU B 812 31.94 -10.27 7.20
C LEU B 812 33.37 -10.81 7.33
N TYR B 813 33.64 -11.55 8.40
CA TYR B 813 34.98 -12.11 8.60
C TYR B 813 35.36 -13.03 7.46
N TYR B 814 34.43 -13.87 7.01
CA TYR B 814 34.72 -14.81 5.93
C TYR B 814 34.84 -14.09 4.59
N LEU B 815 34.05 -13.03 4.37
CA LEU B 815 34.15 -12.28 3.12
C LEU B 815 35.46 -11.51 3.04
N GLN B 816 36.00 -11.08 4.19
CA GLN B 816 37.25 -10.34 4.21
C GLN B 816 38.47 -11.25 4.22
N ASN B 817 38.32 -12.51 3.84
CA ASN B 817 39.41 -13.48 3.79
C ASN B 817 40.10 -13.66 5.14
N GLY B 818 39.40 -13.36 6.23
CA GLY B 818 39.97 -13.51 7.55
C GLY B 818 40.97 -12.44 7.95
N ARG B 819 41.11 -11.38 7.16
CA ARG B 819 42.06 -10.33 7.44
C ARG B 819 41.33 -9.00 7.64
N ASP B 820 41.96 -8.12 8.42
CA ASP B 820 41.38 -6.82 8.69
C ASP B 820 41.28 -6.00 7.40
N MET B 821 40.24 -5.17 7.33
CA MET B 821 39.98 -4.38 6.13
C MET B 821 40.52 -2.95 6.20
N TYR B 822 40.62 -2.38 7.40
CA TYR B 822 41.14 -1.02 7.54
C TYR B 822 42.65 -0.98 7.76
N VAL B 823 43.22 -2.02 8.36
CA VAL B 823 44.66 -2.13 8.53
C VAL B 823 45.10 -3.52 8.09
N ASP B 824 46.40 -3.67 7.88
CA ASP B 824 46.96 -4.93 7.36
C ASP B 824 47.32 -5.82 8.54
N GLN B 825 46.38 -6.69 8.93
CA GLN B 825 46.63 -7.67 9.98
C GLN B 825 45.62 -8.80 9.81
N GLU B 826 45.83 -9.86 10.57
CA GLU B 826 45.03 -11.08 10.47
C GLU B 826 44.06 -11.17 11.64
N LEU B 827 42.79 -11.42 11.35
CA LEU B 827 41.78 -11.64 12.38
C LEU B 827 41.65 -13.14 12.66
N ASP B 828 41.07 -13.45 13.81
CA ASP B 828 40.89 -14.82 14.25
C ASP B 828 39.41 -15.13 14.41
N ILE B 829 38.97 -16.25 13.84
CA ILE B 829 37.58 -16.66 13.97
C ILE B 829 37.24 -16.96 15.42
N ASN B 830 38.16 -17.62 16.14
CA ASN B 830 37.94 -17.91 17.54
C ASN B 830 37.87 -16.66 18.41
N ARG B 831 38.36 -15.53 17.90
CA ARG B 831 38.30 -14.25 18.61
C ARG B 831 37.16 -13.37 18.12
N LEU B 832 36.21 -13.94 17.40
CA LEU B 832 35.07 -13.19 16.90
C LEU B 832 34.21 -12.71 18.08
N SER B 833 33.22 -11.87 17.78
CA SER B 833 32.34 -11.22 18.74
C SER B 833 33.08 -10.17 19.56
N ASP B 834 34.32 -9.86 19.19
CA ASP B 834 35.13 -8.86 19.86
C ASP B 834 35.59 -7.75 18.91
N TYR B 835 35.60 -8.01 17.60
CA TYR B 835 36.02 -7.02 16.63
C TYR B 835 34.92 -5.97 16.43
N ASP B 836 35.28 -4.86 15.80
CA ASP B 836 34.38 -3.74 15.61
C ASP B 836 33.82 -3.73 14.20
N VAL B 837 32.49 -3.68 14.09
CA VAL B 837 31.82 -3.55 12.80
C VAL B 837 31.71 -2.06 12.48
N ASP B 838 32.18 -1.67 11.29
CA ASP B 838 32.20 -0.27 10.91
C ASP B 838 31.52 -0.09 9.56
N ALA B 839 30.77 1.00 9.43
CA ALA B 839 30.10 1.35 8.18
C ALA B 839 30.99 2.29 7.38
N ILE B 840 31.21 1.94 6.10
CA ILE B 840 32.08 2.75 5.25
C ILE B 840 31.56 4.18 5.16
N VAL B 841 30.28 4.32 4.85
CA VAL B 841 29.61 5.62 4.90
C VAL B 841 29.03 5.79 6.30
N PRO B 842 29.29 6.91 6.98
CA PRO B 842 28.82 7.05 8.37
C PRO B 842 27.32 6.88 8.48
N GLN B 843 26.88 6.26 9.58
CA GLN B 843 25.46 5.95 9.76
C GLN B 843 24.62 7.22 9.84
N SER B 844 25.20 8.33 10.31
CA SER B 844 24.45 9.58 10.39
C SER B 844 24.07 10.08 9.01
N PHE B 845 24.99 10.01 8.05
CA PHE B 845 24.69 10.49 6.70
C PHE B 845 23.75 9.53 5.97
N LEU B 846 24.02 8.23 6.05
CA LEU B 846 23.20 7.23 5.38
C LEU B 846 22.94 6.08 6.33
N LYS B 847 21.68 5.67 6.44
CA LYS B 847 21.28 4.56 7.31
C LYS B 847 21.15 3.30 6.46
N ASP B 848 22.31 2.71 6.16
CA ASP B 848 22.37 1.47 5.40
C ASP B 848 23.09 0.42 6.24
N ASP B 849 22.36 -0.65 6.58
CA ASP B 849 22.89 -1.73 7.41
C ASP B 849 23.24 -2.96 6.60
N SER B 850 23.34 -2.85 5.28
CA SER B 850 23.61 -4.00 4.44
C SER B 850 25.09 -4.38 4.50
N ILE B 851 25.38 -5.60 4.06
CA ILE B 851 26.76 -6.07 3.98
C ILE B 851 27.56 -5.24 2.97
N ASP B 852 26.88 -4.67 1.98
CA ASP B 852 27.55 -3.83 1.00
C ASP B 852 28.06 -2.54 1.62
N ASN B 853 27.60 -2.18 2.82
CA ASN B 853 28.07 -0.99 3.51
C ASN B 853 28.72 -1.30 4.87
N LYS B 854 28.63 -2.53 5.35
CA LYS B 854 29.21 -2.92 6.63
C LYS B 854 30.58 -3.56 6.43
N VAL B 855 31.52 -3.25 7.32
CA VAL B 855 32.88 -3.76 7.25
C VAL B 855 33.33 -4.14 8.65
N LEU B 856 33.95 -5.32 8.77
CA LEU B 856 34.44 -5.83 10.05
C LEU B 856 35.93 -5.55 10.17
N THR B 857 36.32 -4.85 11.24
CA THR B 857 37.71 -4.53 11.50
C THR B 857 38.00 -4.69 12.98
N ARG B 858 39.29 -4.78 13.32
CA ARG B 858 39.69 -4.98 14.71
C ARG B 858 39.28 -3.80 15.58
N SER B 859 39.49 -2.58 15.09
CA SER B 859 39.10 -1.38 15.83
C SER B 859 38.56 -0.36 14.84
N ASP B 860 37.44 0.26 15.20
CA ASP B 860 36.83 1.27 14.34
C ASP B 860 37.69 2.54 14.24
N LYS B 861 38.58 2.77 15.20
CA LYS B 861 39.42 3.96 15.18
C LYS B 861 40.46 3.93 14.07
N ASN B 862 40.70 2.78 13.44
CA ASN B 862 41.67 2.72 12.35
C ASN B 862 41.20 3.45 11.11
N ARG B 863 39.89 3.63 10.95
CA ARG B 863 39.36 4.30 9.76
C ARG B 863 39.75 5.78 9.71
N GLY B 864 40.14 6.36 10.83
CA GLY B 864 40.45 7.78 10.88
C GLY B 864 39.33 8.57 11.52
N LYS B 865 38.96 9.68 10.89
CA LYS B 865 37.85 10.48 11.39
C LYS B 865 36.54 9.72 11.27
N SER B 866 35.69 9.86 12.28
CA SER B 866 34.43 9.12 12.34
C SER B 866 33.29 9.81 11.62
N ASP B 867 33.51 11.00 11.06
CA ASP B 867 32.46 11.76 10.40
C ASP B 867 32.66 11.86 8.89
N ASN B 868 33.44 10.96 8.31
CA ASN B 868 33.73 11.02 6.88
C ASN B 868 34.08 9.63 6.38
N VAL B 869 34.50 9.56 5.12
CA VAL B 869 34.91 8.32 4.46
C VAL B 869 36.23 7.87 5.09
N PRO B 870 36.60 6.59 5.03
CA PRO B 870 37.89 6.16 5.57
C PRO B 870 39.05 7.00 5.06
N SER B 871 40.10 7.08 5.86
CA SER B 871 41.17 8.04 5.66
C SER B 871 42.03 7.67 4.44
N GLU B 872 42.73 8.69 3.93
CA GLU B 872 43.53 8.52 2.73
C GLU B 872 44.68 7.54 2.95
N GLU B 873 45.30 7.58 4.13
CA GLU B 873 46.40 6.66 4.42
C GLU B 873 45.91 5.22 4.43
N VAL B 874 44.76 4.97 5.05
CA VAL B 874 44.20 3.62 5.07
C VAL B 874 43.82 3.18 3.66
N VAL B 875 43.26 4.10 2.86
CA VAL B 875 42.93 3.78 1.48
C VAL B 875 44.18 3.40 0.71
N LYS B 876 45.27 4.15 0.88
CA LYS B 876 46.52 3.83 0.20
C LYS B 876 47.06 2.48 0.66
N LYS B 877 46.97 2.18 1.95
CA LYS B 877 47.48 0.92 2.46
C LYS B 877 46.70 -0.27 1.90
N MET B 878 45.37 -0.16 1.83
CA MET B 878 44.54 -1.32 1.53
C MET B 878 43.90 -1.27 0.14
N LYS B 879 44.36 -0.37 -0.74
CA LYS B 879 43.80 -0.31 -2.09
C LYS B 879 44.03 -1.62 -2.85
N ASN B 880 45.24 -2.18 -2.76
CA ASN B 880 45.52 -3.42 -3.47
C ASN B 880 44.67 -4.57 -2.93
N TYR B 881 44.53 -4.64 -1.60
CA TYR B 881 43.71 -5.70 -1.02
C TYR B 881 42.25 -5.57 -1.44
N TRP B 882 41.73 -4.34 -1.44
CA TRP B 882 40.36 -4.12 -1.88
C TRP B 882 40.18 -4.46 -3.35
N ARG B 883 41.18 -4.15 -4.18
CA ARG B 883 41.12 -4.51 -5.59
C ARG B 883 41.10 -6.02 -5.76
N GLN B 884 41.92 -6.74 -4.98
CA GLN B 884 41.91 -8.19 -5.04
C GLN B 884 40.54 -8.75 -4.63
N LEU B 885 39.95 -8.20 -3.57
CA LEU B 885 38.62 -8.64 -3.15
C LEU B 885 37.59 -8.37 -4.23
N LEU B 886 37.67 -7.22 -4.89
CA LEU B 886 36.74 -6.91 -5.97
C LEU B 886 36.91 -7.89 -7.12
N ASN B 887 38.15 -8.21 -7.49
CA ASN B 887 38.38 -9.19 -8.55
C ASN B 887 37.94 -10.59 -8.14
N ALA B 888 37.86 -10.87 -6.84
CA ALA B 888 37.38 -12.15 -6.35
C ALA B 888 35.88 -12.18 -6.14
N LYS B 889 35.18 -11.09 -6.47
CA LYS B 889 33.73 -10.96 -6.30
C LYS B 889 33.32 -11.02 -4.84
N LEU B 890 34.25 -10.82 -3.91
CA LEU B 890 33.90 -10.78 -2.50
C LEU B 890 33.25 -9.45 -2.11
N ILE B 891 33.68 -8.36 -2.74
CA ILE B 891 33.05 -7.06 -2.56
C ILE B 891 32.56 -6.57 -3.92
N THR B 892 31.63 -5.62 -3.89
CA THR B 892 31.00 -5.13 -5.11
C THR B 892 31.61 -3.81 -5.55
N GLN B 893 31.19 -3.38 -6.75
CA GLN B 893 31.68 -2.11 -7.29
C GLN B 893 31.24 -0.94 -6.41
N ARG B 894 30.01 -0.98 -5.91
CA ARG B 894 29.54 0.08 -5.02
C ARG B 894 30.37 0.12 -3.74
N LYS B 895 30.67 -1.05 -3.16
CA LYS B 895 31.50 -1.09 -1.97
C LYS B 895 32.89 -0.55 -2.24
N PHE B 896 33.48 -0.91 -3.38
CA PHE B 896 34.81 -0.40 -3.72
C PHE B 896 34.79 1.11 -3.91
N ASP B 897 33.79 1.62 -4.60
CA ASP B 897 33.69 3.07 -4.82
C ASP B 897 33.53 3.82 -3.51
N ASN B 898 32.72 3.28 -2.60
CA ASN B 898 32.56 3.92 -1.29
C ASN B 898 33.85 3.85 -0.49
N LEU B 899 34.56 2.72 -0.53
CA LEU B 899 35.78 2.57 0.25
C LEU B 899 36.88 3.50 -0.25
N THR B 900 37.05 3.61 -1.56
CA THR B 900 38.13 4.40 -2.15
C THR B 900 37.69 5.82 -2.49
N LYS B 901 36.72 6.38 -1.75
CA LYS B 901 36.27 7.74 -2.00
C LYS B 901 37.26 8.78 -1.50
N ALA B 902 38.15 8.41 -0.58
CA ALA B 902 39.13 9.36 -0.07
C ALA B 902 40.05 9.86 -1.17
N GLU B 903 40.49 8.96 -2.06
CA GLU B 903 41.31 9.39 -3.18
C GLU B 903 40.54 10.31 -4.12
N ARG B 904 39.26 10.01 -4.37
CA ARG B 904 38.46 10.87 -5.23
C ARG B 904 38.21 12.23 -4.59
N GLY B 905 38.25 12.30 -3.26
CA GLY B 905 38.06 13.58 -2.58
C GLY B 905 37.30 13.47 -1.28
N GLY B 906 36.71 12.31 -1.01
CA GLY B 906 35.95 12.12 0.20
C GLY B 906 34.57 12.73 0.12
N LEU B 907 33.89 12.73 1.26
CA LEU B 907 32.53 13.24 1.35
C LEU B 907 32.58 14.77 1.44
N SER B 908 32.27 15.43 0.33
CA SER B 908 32.26 16.88 0.30
C SER B 908 31.05 17.43 1.05
N GLU B 909 31.07 18.74 1.28
CA GLU B 909 29.97 19.38 2.00
C GLU B 909 28.67 19.26 1.23
N LEU B 910 28.72 19.37 -0.09
CA LEU B 910 27.54 19.17 -0.91
C LEU B 910 26.99 17.76 -0.72
N ASP B 911 27.88 16.76 -0.73
CA ASP B 911 27.44 15.38 -0.52
C ASP B 911 26.81 15.21 0.85
N LYS B 912 27.42 15.81 1.88
CA LYS B 912 26.85 15.73 3.23
C LYS B 912 25.45 16.33 3.27
N ALA B 913 25.29 17.51 2.67
CA ALA B 913 23.98 18.18 2.65
C ALA B 913 22.95 17.33 1.92
N GLY B 914 23.33 16.78 0.76
CA GLY B 914 22.45 15.91 0.01
C GLY B 914 22.00 14.71 0.83
N PHE B 915 22.97 13.98 1.39
CA PHE B 915 22.66 12.84 2.24
C PHE B 915 21.71 13.20 3.37
N ILE B 916 21.93 14.36 4.00
CA ILE B 916 21.04 14.78 5.08
C ILE B 916 19.64 15.06 4.55
N LYS B 917 19.53 15.73 3.40
CA LYS B 917 18.21 16.05 2.85
C LYS B 917 17.45 14.80 2.46
N ARG B 918 18.13 13.82 1.86
CA ARG B 918 17.44 12.65 1.33
C ARG B 918 16.93 11.72 2.42
N GLN B 919 17.28 11.95 3.69
CA GLN B 919 16.71 11.17 4.78
C GLN B 919 15.28 11.59 5.10
N LEU B 920 14.85 12.76 4.62
CA LEU B 920 13.51 13.28 4.91
C LEU B 920 12.60 13.33 3.69
N VAL B 921 13.14 13.61 2.51
CA VAL B 921 12.34 13.75 1.30
C VAL B 921 12.28 12.39 0.61
N GLU B 922 11.07 11.88 0.44
CA GLU B 922 10.88 10.59 -0.22
C GLU B 922 11.18 10.70 -1.71
N THR B 923 11.89 9.71 -2.25
CA THR B 923 12.27 9.70 -3.66
C THR B 923 12.01 8.37 -4.35
N ARG B 924 11.31 7.45 -3.71
CA ARG B 924 11.11 6.12 -4.28
C ARG B 924 10.05 6.14 -5.37
N GLN B 925 10.32 5.44 -6.46
CA GLN B 925 9.41 5.42 -7.60
C GLN B 925 8.08 4.77 -7.24
N ILE B 926 8.10 3.76 -6.36
CA ILE B 926 6.84 3.13 -5.95
C ILE B 926 5.98 4.13 -5.19
N THR B 927 6.59 4.93 -4.33
CA THR B 927 5.85 5.97 -3.62
C THR B 927 5.31 7.01 -4.59
N LYS B 928 6.11 7.37 -5.60
CA LYS B 928 5.63 8.30 -6.61
C LYS B 928 4.41 7.74 -7.35
N HIS B 929 4.45 6.44 -7.67
CA HIS B 929 3.31 5.83 -8.35
C HIS B 929 2.07 5.81 -7.47
N VAL B 930 2.24 5.50 -6.18
CA VAL B 930 1.10 5.51 -5.26
C VAL B 930 0.50 6.91 -5.17
N ALA B 931 1.38 7.92 -5.04
CA ALA B 931 0.90 9.30 -4.96
C ALA B 931 0.17 9.71 -6.23
N GLN B 932 0.70 9.31 -7.39
CA GLN B 932 0.05 9.65 -8.66
C GLN B 932 -1.32 8.99 -8.77
N ILE B 933 -1.42 7.73 -8.33
CA ILE B 933 -2.70 7.03 -8.38
C ILE B 933 -3.72 7.73 -7.48
N LEU B 934 -3.32 8.05 -6.25
CA LEU B 934 -4.24 8.72 -5.34
C LEU B 934 -4.63 10.10 -5.84
N ASP B 935 -3.68 10.85 -6.41
CA ASP B 935 -3.98 12.18 -6.93
C ASP B 935 -4.95 12.10 -8.10
N SER B 936 -4.74 11.15 -9.01
CA SER B 936 -5.65 11.01 -10.13
C SER B 936 -7.03 10.60 -9.68
N ARG B 937 -7.12 9.72 -8.69
CA ARG B 937 -8.44 9.33 -8.17
C ARG B 937 -9.14 10.49 -7.48
N MET B 938 -8.40 11.30 -6.72
CA MET B 938 -9.03 12.35 -5.92
C MET B 938 -9.38 13.56 -6.78
N ASN B 939 -8.40 14.17 -7.42
CA ASN B 939 -8.62 15.39 -8.19
C ASN B 939 -8.96 15.02 -9.63
N THR B 940 -10.16 15.40 -10.06
CA THR B 940 -10.63 15.05 -11.40
C THR B 940 -11.11 16.28 -12.18
N LYS B 941 -11.54 17.30 -11.47
CA LYS B 941 -12.11 18.48 -12.12
C LYS B 941 -11.03 19.28 -12.84
N TYR B 942 -11.47 20.04 -13.84
CA TYR B 942 -10.59 20.85 -14.67
C TYR B 942 -11.08 22.28 -14.69
N ASP B 943 -10.15 23.22 -14.87
CA ASP B 943 -10.48 24.63 -14.94
C ASP B 943 -10.85 25.01 -16.37
N GLU B 944 -11.08 26.31 -16.58
CA GLU B 944 -11.40 26.80 -17.92
C GLU B 944 -10.21 26.63 -18.86
N ASN B 945 -8.99 26.86 -18.38
CA ASN B 945 -7.78 26.72 -19.17
C ASN B 945 -7.19 25.32 -19.07
N ASP B 946 -8.01 24.31 -18.79
CA ASP B 946 -7.57 22.91 -18.69
C ASP B 946 -6.49 22.73 -17.63
N LYS B 947 -6.61 23.47 -16.53
CA LYS B 947 -5.71 23.34 -15.39
C LYS B 947 -6.42 22.56 -14.30
N LEU B 948 -5.84 21.41 -13.94
CA LEU B 948 -6.48 20.56 -12.94
C LEU B 948 -6.43 21.22 -11.57
N ILE B 949 -7.56 21.22 -10.87
CA ILE B 949 -7.66 21.83 -9.55
C ILE B 949 -7.18 20.84 -8.51
N ARG B 950 -6.18 21.25 -7.71
CA ARG B 950 -5.63 20.40 -6.66
C ARG B 950 -6.52 20.52 -5.41
N GLU B 951 -7.70 19.90 -5.50
CA GLU B 951 -8.61 19.89 -4.37
C GLU B 951 -8.02 19.15 -3.18
N VAL B 952 -7.37 18.01 -3.43
CA VAL B 952 -6.76 17.20 -2.39
C VAL B 952 -5.26 17.20 -2.62
N LYS B 953 -4.50 17.50 -1.56
CA LYS B 953 -3.05 17.58 -1.63
C LYS B 953 -2.46 16.28 -1.07
N VAL B 954 -1.82 15.50 -1.93
CA VAL B 954 -1.23 14.23 -1.54
C VAL B 954 0.20 14.48 -1.06
N ILE B 955 0.48 14.13 0.19
CA ILE B 955 1.77 14.36 0.81
C ILE B 955 2.41 13.02 1.12
N THR B 956 3.70 12.89 0.81
CA THR B 956 4.46 11.68 1.08
C THR B 956 5.60 12.00 2.03
N LEU B 957 5.75 11.20 3.07
CA LEU B 957 6.82 11.38 4.04
C LEU B 957 7.53 10.05 4.26
N LYS B 958 8.77 10.14 4.72
CA LYS B 958 9.54 8.97 5.12
C LYS B 958 9.26 8.63 6.57
N SER B 959 9.63 7.41 6.96
CA SER B 959 9.43 6.98 8.34
C SER B 959 10.32 7.72 9.33
N LYS B 960 11.36 8.38 8.83
CA LYS B 960 12.30 9.07 9.72
C LYS B 960 11.62 10.17 10.51
N LEU B 961 10.75 10.96 9.85
CA LEU B 961 10.11 12.08 10.53
C LEU B 961 9.25 11.60 11.68
N VAL B 962 8.41 10.60 11.43
CA VAL B 962 7.52 10.11 12.47
C VAL B 962 8.29 9.41 13.58
N SER B 963 9.32 8.64 13.22
CA SER B 963 10.13 7.97 14.23
C SER B 963 10.85 8.99 15.12
N ASP B 964 11.38 10.06 14.52
CA ASP B 964 12.02 11.11 15.30
C ASP B 964 11.01 11.82 16.19
N PHE B 965 9.80 12.05 15.69
CA PHE B 965 8.76 12.67 16.51
C PHE B 965 8.45 11.80 17.73
N ARG B 966 8.29 10.49 17.51
CA ARG B 966 8.01 9.57 18.60
C ARG B 966 9.14 9.56 19.62
N LYS B 967 10.40 9.51 19.15
CA LYS B 967 11.52 9.45 20.07
C LYS B 967 11.67 10.75 20.85
N ASP B 968 11.44 11.89 20.19
CA ASP B 968 11.62 13.18 20.86
C ASP B 968 10.54 13.45 21.88
N PHE B 969 9.28 13.12 21.56
CA PHE B 969 8.16 13.51 22.39
C PHE B 969 7.51 12.32 23.11
N GLN B 970 8.32 11.30 23.44
CA GLN B 970 7.94 10.23 24.36
C GLN B 970 6.75 9.42 23.86
N PHE B 971 6.50 9.38 22.57
CA PHE B 971 5.45 8.53 22.01
C PHE B 971 6.05 7.21 21.52
N TYR B 972 6.62 6.49 22.48
CA TYR B 972 7.40 5.30 22.16
C TYR B 972 6.53 4.19 21.57
N LYS B 973 7.10 3.45 20.63
CA LYS B 973 6.40 2.39 19.92
C LYS B 973 7.00 1.04 20.29
N VAL B 974 6.14 0.11 20.70
CA VAL B 974 6.52 -1.28 20.94
C VAL B 974 5.60 -2.14 20.10
N ARG B 975 6.18 -2.86 19.14
CA ARG B 975 5.38 -3.64 18.19
C ARG B 975 4.82 -4.92 18.80
N GLU B 976 5.36 -5.38 19.94
CA GLU B 976 4.95 -6.65 20.51
C GLU B 976 3.70 -6.55 21.36
N ILE B 977 3.24 -5.35 21.68
CA ILE B 977 2.04 -5.20 22.53
C ILE B 977 0.79 -5.61 21.76
N ASN B 978 0.52 -4.92 20.66
CA ASN B 978 -0.67 -5.17 19.86
C ASN B 978 -0.47 -4.54 18.49
N ASN B 979 -1.52 -4.60 17.66
CA ASN B 979 -1.47 -4.07 16.30
C ASN B 979 -1.90 -2.61 16.22
N TYR B 980 -2.13 -1.96 17.37
CA TYR B 980 -2.54 -0.56 17.36
C TYR B 980 -1.46 0.37 16.83
N HIS B 981 -0.21 -0.11 16.76
CA HIS B 981 0.87 0.79 16.35
C HIS B 981 0.76 1.15 14.87
N HIS B 982 0.14 0.32 14.04
CA HIS B 982 -0.08 0.70 12.65
C HIS B 982 -1.00 1.91 12.55
N ALA B 983 -2.12 1.87 13.27
CA ALA B 983 -3.04 3.00 13.29
C ALA B 983 -2.39 4.23 13.91
N HIS B 984 -1.61 4.03 14.98
CA HIS B 984 -0.92 5.15 15.59
C HIS B 984 0.08 5.79 14.62
N ASP B 985 0.81 4.97 13.87
CA ASP B 985 1.73 5.50 12.88
C ASP B 985 1.00 6.27 11.80
N ALA B 986 -0.15 5.77 11.35
CA ALA B 986 -0.93 6.49 10.35
C ALA B 986 -1.39 7.86 10.89
N TYR B 987 -1.88 7.88 12.12
CA TYR B 987 -2.33 9.14 12.72
C TYR B 987 -1.18 10.12 12.87
N LEU B 988 -0.03 9.63 13.35
CA LEU B 988 1.12 10.52 13.50
C LEU B 988 1.63 11.01 12.16
N ASN B 989 1.56 10.17 11.13
CA ASN B 989 1.93 10.61 9.78
C ASN B 989 1.03 11.74 9.32
N ALA B 990 -0.28 11.60 9.52
CA ALA B 990 -1.20 12.66 9.14
C ALA B 990 -0.88 13.96 9.89
N VAL B 991 -0.68 13.86 11.21
CA VAL B 991 -0.44 15.04 12.02
C VAL B 991 0.84 15.74 11.59
N VAL B 992 1.92 14.98 11.45
CA VAL B 992 3.22 15.55 11.11
C VAL B 992 3.18 16.18 9.72
N GLY B 993 2.60 15.47 8.75
CA GLY B 993 2.53 16.02 7.41
C GLY B 993 1.72 17.30 7.32
N THR B 994 0.55 17.31 7.98
CA THR B 994 -0.28 18.51 7.96
C THR B 994 0.43 19.67 8.62
N ALA B 995 1.07 19.43 9.77
CA ALA B 995 1.79 20.51 10.46
C ALA B 995 2.94 21.03 9.60
N LEU B 996 3.68 20.13 8.95
CA LEU B 996 4.80 20.55 8.11
C LEU B 996 4.33 21.40 6.94
N ILE B 997 3.27 20.96 6.26
CA ILE B 997 2.81 21.73 5.10
C ILE B 997 2.11 23.02 5.52
N LYS B 998 1.60 23.09 6.75
CA LYS B 998 1.10 24.37 7.24
C LYS B 998 2.25 25.34 7.52
N LYS B 999 3.30 24.86 8.22
CA LYS B 999 4.37 25.77 8.62
C LYS B 999 5.22 26.21 7.44
N TYR B 1000 5.53 25.29 6.52
CA TYR B 1000 6.40 25.57 5.38
C TYR B 1000 5.63 25.33 4.09
N PRO B 1001 4.87 26.31 3.62
CA PRO B 1001 4.20 26.16 2.32
C PRO B 1001 5.18 26.04 1.16
N LYS B 1002 6.41 26.53 1.29
CA LYS B 1002 7.39 26.50 0.22
C LYS B 1002 7.95 25.11 -0.01
N LEU B 1003 7.69 24.17 0.89
CA LEU B 1003 8.19 22.80 0.77
C LEU B 1003 7.23 21.90 0.00
N GLU B 1004 6.16 22.46 -0.57
CA GLU B 1004 5.22 21.65 -1.34
C GLU B 1004 5.88 20.97 -2.53
N SER B 1005 6.96 21.56 -3.05
CA SER B 1005 7.64 20.95 -4.19
C SER B 1005 8.27 19.61 -3.82
N GLU B 1006 8.88 19.52 -2.63
CA GLU B 1006 9.58 18.31 -2.23
C GLU B 1006 8.72 17.33 -1.43
N PHE B 1007 7.53 17.74 -1.00
CA PHE B 1007 6.65 16.85 -0.24
C PHE B 1007 5.33 16.59 -0.92
N VAL B 1008 4.60 17.63 -1.30
CA VAL B 1008 3.28 17.46 -1.91
C VAL B 1008 3.45 17.05 -3.36
N TYR B 1009 2.74 15.99 -3.75
CA TYR B 1009 2.78 15.54 -5.14
C TYR B 1009 2.14 16.58 -6.05
N GLY B 1010 2.76 16.82 -7.19
CA GLY B 1010 2.26 17.79 -8.14
C GLY B 1010 3.33 18.36 -9.04
N LYS B 1030 25.61 27.71 -0.20
CA LYS B 1030 24.40 26.94 -0.46
C LYS B 1030 24.46 25.61 0.28
N ALA B 1031 25.65 25.01 0.33
CA ALA B 1031 25.82 23.75 1.04
C ALA B 1031 25.53 23.90 2.52
N THR B 1032 26.04 24.98 3.13
CA THR B 1032 25.77 25.23 4.55
C THR B 1032 24.32 25.60 4.78
N ALA B 1033 23.75 26.43 3.89
CA ALA B 1033 22.36 26.85 4.06
C ALA B 1033 21.40 25.67 3.95
N LYS B 1034 21.65 24.77 3.00
CA LYS B 1034 20.79 23.61 2.85
C LYS B 1034 20.99 22.60 3.97
N TYR B 1035 22.22 22.47 4.47
CA TYR B 1035 22.49 21.50 5.52
C TYR B 1035 21.71 21.84 6.79
N PHE B 1036 21.82 23.08 7.27
CA PHE B 1036 21.18 23.45 8.52
C PHE B 1036 19.68 23.67 8.36
N PHE B 1037 19.18 23.82 7.13
CA PHE B 1037 17.75 23.99 6.94
C PHE B 1037 17.01 22.69 7.22
N TYR B 1038 17.48 21.58 6.68
CA TYR B 1038 16.83 20.29 6.88
C TYR B 1038 17.24 19.63 8.19
N SER B 1039 18.30 20.09 8.84
CA SER B 1039 18.65 19.57 10.16
C SER B 1039 17.70 20.09 11.23
N ASN B 1040 17.18 21.31 11.05
CA ASN B 1040 16.26 21.93 12.00
C ASN B 1040 14.87 22.09 11.42
N ILE B 1041 14.51 21.25 10.45
CA ILE B 1041 13.20 21.35 9.81
C ILE B 1041 12.09 21.00 10.80
N MET B 1042 12.34 20.06 11.71
CA MET B 1042 11.35 19.61 12.67
C MET B 1042 11.52 20.26 14.04
N ASN B 1043 12.31 21.34 14.12
CA ASN B 1043 12.62 21.99 15.38
C ASN B 1043 11.51 22.92 15.86
N PHE B 1044 10.47 23.13 15.07
CA PHE B 1044 9.37 23.97 15.52
C PHE B 1044 8.41 23.25 16.45
N PHE B 1045 8.50 21.92 16.53
CA PHE B 1045 7.66 21.18 17.47
C PHE B 1045 8.13 21.37 18.90
N LYS B 1046 9.43 21.44 19.12
CA LYS B 1046 9.98 21.41 20.46
C LYS B 1046 10.02 22.81 21.07
N THR B 1047 9.96 22.85 22.39
CA THR B 1047 9.96 24.13 23.11
C THR B 1047 11.36 24.75 23.13
N GLU B 1048 12.39 23.94 23.34
CA GLU B 1048 13.76 24.41 23.39
C GLU B 1048 14.58 23.79 22.27
N ILE B 1049 15.51 24.57 21.73
CA ILE B 1049 16.40 24.13 20.66
C ILE B 1049 17.81 24.06 21.22
N THR B 1050 18.62 23.15 20.67
CA THR B 1050 20.01 22.94 21.07
C THR B 1050 20.13 22.67 22.56
N ILE B 1056 20.80 27.59 23.75
CA ILE B 1056 19.43 27.35 24.21
C ILE B 1056 18.51 28.44 23.68
N ARG B 1057 17.63 28.09 22.77
CA ARG B 1057 16.69 29.02 22.16
C ARG B 1057 15.30 28.76 22.73
N LYS B 1058 14.67 29.81 23.25
CA LYS B 1058 13.32 29.72 23.82
C LYS B 1058 12.32 29.88 22.68
N ARG B 1059 12.03 28.78 22.00
CA ARG B 1059 11.09 28.81 20.89
C ARG B 1059 9.69 29.11 21.41
N PRO B 1060 8.89 29.90 20.67
CA PRO B 1060 7.58 30.31 21.19
C PRO B 1060 6.65 29.13 21.45
N LEU B 1061 5.80 29.29 22.46
CA LEU B 1061 4.86 28.22 22.83
C LEU B 1061 3.87 27.96 21.70
N ILE B 1062 3.37 29.02 21.06
CA ILE B 1062 2.44 28.91 19.95
C ILE B 1062 3.22 29.10 18.66
N GLU B 1063 3.12 28.14 17.75
CA GLU B 1063 3.79 28.21 16.47
C GLU B 1063 2.85 28.80 15.44
N THR B 1064 3.28 29.89 14.80
CA THR B 1064 2.49 30.58 13.79
C THR B 1064 3.05 30.31 12.40
N ASN B 1065 2.23 30.57 11.39
CA ASN B 1065 2.62 30.29 10.01
C ASN B 1065 3.80 31.16 9.58
N GLY B 1066 3.73 32.47 9.86
CA GLY B 1066 4.68 33.40 9.30
C GLY B 1066 4.22 33.93 7.96
N GLU B 1067 4.09 35.26 7.86
CA GLU B 1067 3.55 35.95 6.69
C GLU B 1067 2.06 35.70 6.52
N THR B 1068 1.50 34.83 7.35
CA THR B 1068 0.06 34.58 7.39
C THR B 1068 -0.35 34.28 8.83
N GLY B 1069 -1.61 34.54 9.13
CA GLY B 1069 -2.12 34.34 10.47
C GLY B 1069 -2.70 32.96 10.71
N GLU B 1070 -1.91 31.93 10.49
CA GLU B 1070 -2.33 30.55 10.71
C GLU B 1070 -1.52 29.93 11.84
N ILE B 1071 -2.20 29.37 12.82
CA ILE B 1071 -1.55 28.68 13.93
C ILE B 1071 -1.33 27.23 13.52
N VAL B 1072 -0.07 26.86 13.32
CA VAL B 1072 0.24 25.52 12.85
C VAL B 1072 0.43 24.51 13.98
N TRP B 1073 0.68 24.96 15.20
CA TRP B 1073 0.91 24.06 16.32
C TRP B 1073 0.79 24.84 17.62
N ASP B 1074 0.29 24.16 18.64
CA ASP B 1074 0.19 24.71 19.99
C ASP B 1074 0.72 23.67 20.95
N LYS B 1075 1.92 23.90 21.49
CA LYS B 1075 2.55 22.92 22.36
C LYS B 1075 1.77 22.70 23.64
N GLY B 1076 0.93 23.65 24.04
CA GLY B 1076 0.17 23.50 25.27
C GLY B 1076 -0.86 22.38 25.21
N ARG B 1077 -1.58 22.29 24.09
CA ARG B 1077 -2.70 21.37 23.99
C ARG B 1077 -2.60 20.33 22.89
N ASP B 1078 -1.81 20.58 21.83
CA ASP B 1078 -1.72 19.61 20.75
C ASP B 1078 -1.02 18.34 21.19
N PHE B 1079 0.01 18.46 22.03
CA PHE B 1079 0.66 17.27 22.57
C PHE B 1079 -0.29 16.48 23.44
N ALA B 1080 -1.12 17.18 24.22
CA ALA B 1080 -2.14 16.50 25.01
C ALA B 1080 -3.15 15.78 24.12
N THR B 1081 -3.51 16.39 23.00
CA THR B 1081 -4.42 15.75 22.05
C THR B 1081 -3.79 14.48 21.47
N VAL B 1082 -2.51 14.56 21.10
CA VAL B 1082 -1.83 13.38 20.56
C VAL B 1082 -1.77 12.28 21.61
N ARG B 1083 -1.47 12.65 22.86
CA ARG B 1083 -1.44 11.67 23.94
C ARG B 1083 -2.81 11.02 24.13
N LYS B 1084 -3.87 11.81 24.08
CA LYS B 1084 -5.22 11.26 24.22
C LYS B 1084 -5.56 10.30 23.10
N VAL B 1085 -5.20 10.66 21.86
CA VAL B 1085 -5.49 9.78 20.72
C VAL B 1085 -4.72 8.48 20.85
N LEU B 1086 -3.44 8.56 21.25
CA LEU B 1086 -2.64 7.34 21.38
C LEU B 1086 -3.13 6.44 22.50
N SER B 1087 -3.91 6.97 23.45
CA SER B 1087 -4.38 6.20 24.59
C SER B 1087 -5.79 5.67 24.43
N MET B 1088 -6.42 5.87 23.28
CA MET B 1088 -7.77 5.38 23.07
C MET B 1088 -7.78 3.85 23.04
N PRO B 1089 -8.74 3.20 23.69
CA PRO B 1089 -8.79 1.74 23.68
C PRO B 1089 -9.53 1.11 22.51
N GLN B 1090 -10.19 1.91 21.67
CA GLN B 1090 -10.94 1.40 20.54
C GLN B 1090 -10.22 1.78 19.25
N VAL B 1091 -9.77 0.77 18.50
CA VAL B 1091 -9.11 0.96 17.22
C VAL B 1091 -9.59 -0.14 16.28
N ASN B 1092 -10.08 0.24 15.10
CA ASN B 1092 -10.64 -0.74 14.18
C ASN B 1092 -9.57 -1.58 13.52
N ILE B 1093 -9.27 -2.74 14.10
CA ILE B 1093 -8.29 -3.67 13.55
C ILE B 1093 -9.06 -4.78 12.85
N VAL B 1094 -8.80 -4.95 11.56
CA VAL B 1094 -9.53 -5.88 10.72
C VAL B 1094 -8.54 -6.80 10.03
N LYS B 1095 -8.76 -8.10 10.12
CA LYS B 1095 -7.97 -9.09 9.39
C LYS B 1095 -8.73 -9.47 8.12
N LYS B 1096 -8.09 -9.27 6.98
CA LYS B 1096 -8.75 -9.47 5.69
C LYS B 1096 -9.04 -10.96 5.49
N THR B 1097 -10.31 -11.31 5.41
CA THR B 1097 -10.69 -12.69 5.13
C THR B 1097 -10.37 -13.03 3.69
N GLU B 1098 -9.85 -14.24 3.49
CA GLU B 1098 -9.45 -14.69 2.15
C GLU B 1098 -9.84 -16.14 1.95
N VAL B 1099 -10.04 -16.52 0.70
CA VAL B 1099 -10.30 -17.90 0.31
C VAL B 1099 -8.99 -18.51 -0.11
N GLN B 1100 -8.61 -19.61 0.52
CA GLN B 1100 -7.31 -20.22 0.29
C GLN B 1100 -7.23 -20.79 -1.12
N THR B 1101 -6.12 -20.52 -1.81
CA THR B 1101 -5.85 -21.05 -3.13
C THR B 1101 -4.41 -21.54 -3.18
N GLY B 1102 -4.15 -22.51 -4.04
CA GLY B 1102 -2.81 -23.03 -4.18
C GLY B 1102 -2.76 -24.54 -4.35
N GLY B 1103 -1.73 -25.17 -3.79
CA GLY B 1103 -1.60 -26.60 -3.89
C GLY B 1103 -2.71 -27.32 -3.15
N PHE B 1104 -3.07 -28.49 -3.67
CA PHE B 1104 -4.17 -29.26 -3.09
C PHE B 1104 -3.83 -29.70 -1.67
N SER B 1105 -2.61 -30.18 -1.45
CA SER B 1105 -2.21 -30.71 -0.15
C SER B 1105 -0.68 -30.77 -0.11
N LYS B 1106 -0.15 -31.44 0.91
CA LYS B 1106 1.28 -31.65 0.99
C LYS B 1106 1.75 -32.57 -0.14
N GLU B 1107 2.89 -32.23 -0.73
CA GLU B 1107 3.38 -32.96 -1.89
C GLU B 1107 4.02 -34.30 -1.54
N SER B 1108 4.31 -34.55 -0.27
CA SER B 1108 4.91 -35.81 0.12
C SER B 1108 3.91 -36.95 -0.09
N ILE B 1109 4.39 -38.04 -0.69
CA ILE B 1109 3.58 -39.23 -0.95
C ILE B 1109 3.86 -40.23 0.16
N LEU B 1110 2.88 -40.43 1.03
CA LEU B 1110 3.03 -41.32 2.16
C LEU B 1110 2.85 -42.78 1.72
N PRO B 1111 3.43 -43.72 2.47
CA PRO B 1111 3.19 -45.13 2.17
C PRO B 1111 1.77 -45.55 2.54
N LYS B 1112 1.44 -46.79 2.17
CA LYS B 1112 0.09 -47.30 2.39
C LYS B 1112 -0.21 -47.44 3.88
N ARG B 1113 -1.42 -47.04 4.25
CA ARG B 1113 -1.89 -47.24 5.63
C ARG B 1113 -3.41 -47.18 5.62
N ASN B 1114 -4.02 -47.82 6.62
CA ASN B 1114 -5.47 -47.89 6.74
C ASN B 1114 -5.98 -46.65 7.48
N SER B 1115 -5.93 -45.53 6.77
CA SER B 1115 -6.40 -44.25 7.29
C SER B 1115 -7.32 -43.60 6.27
N ASP B 1116 -8.36 -42.92 6.76
CA ASP B 1116 -9.30 -42.23 5.90
C ASP B 1116 -8.77 -40.88 5.42
N LYS B 1117 -7.68 -40.38 6.02
CA LYS B 1117 -7.13 -39.09 5.63
C LYS B 1117 -6.33 -39.16 4.34
N LEU B 1118 -5.88 -40.35 3.94
CA LEU B 1118 -5.08 -40.47 2.73
C LEU B 1118 -5.91 -40.14 1.49
N ILE B 1119 -5.26 -39.49 0.53
CA ILE B 1119 -5.90 -39.06 -0.71
C ILE B 1119 -5.26 -39.83 -1.87
N ALA B 1120 -6.09 -40.39 -2.73
CA ALA B 1120 -5.59 -41.20 -3.83
C ALA B 1120 -4.82 -40.35 -4.83
N ARG B 1121 -3.67 -40.87 -5.27
CA ARG B 1121 -2.88 -40.19 -6.28
C ARG B 1121 -3.51 -40.31 -7.66
N LYS B 1122 -4.22 -41.40 -7.92
CA LYS B 1122 -4.99 -41.58 -9.13
C LYS B 1122 -6.36 -42.10 -8.75
N LYS B 1123 -7.31 -41.94 -9.68
CA LYS B 1123 -8.69 -42.36 -9.39
C LYS B 1123 -8.79 -43.85 -9.14
N ASP B 1124 -7.94 -44.65 -9.79
CA ASP B 1124 -7.98 -46.10 -9.67
C ASP B 1124 -6.97 -46.65 -8.67
N TRP B 1125 -6.27 -45.78 -7.94
CA TRP B 1125 -5.27 -46.21 -6.97
C TRP B 1125 -5.85 -46.07 -5.57
N ASP B 1126 -6.12 -47.20 -4.93
CA ASP B 1126 -6.64 -47.18 -3.57
C ASP B 1126 -5.56 -46.66 -2.62
N PRO B 1127 -5.85 -45.64 -1.82
CA PRO B 1127 -4.84 -45.17 -0.86
C PRO B 1127 -4.38 -46.24 0.11
N LYS B 1128 -5.30 -47.11 0.56
CA LYS B 1128 -4.96 -48.13 1.53
C LYS B 1128 -4.00 -49.19 0.99
N LYS B 1129 -3.82 -49.26 -0.33
CA LYS B 1129 -2.91 -50.21 -0.93
C LYS B 1129 -1.77 -49.57 -1.72
N TYR B 1130 -1.83 -48.27 -1.99
CA TYR B 1130 -0.80 -47.61 -2.78
C TYR B 1130 -0.19 -46.38 -2.12
N GLY B 1131 -0.70 -45.92 -0.98
CA GLY B 1131 -0.28 -44.66 -0.42
C GLY B 1131 -0.95 -43.50 -1.12
N GLY B 1132 -0.63 -42.30 -0.66
CA GLY B 1132 -1.21 -41.10 -1.24
C GLY B 1132 -0.86 -39.88 -0.42
N PHE B 1133 -1.51 -38.78 -0.78
CA PHE B 1133 -1.27 -37.51 -0.13
C PHE B 1133 -2.05 -37.43 1.18
N ASP B 1134 -1.86 -36.31 1.89
CA ASP B 1134 -2.57 -36.04 3.13
C ASP B 1134 -2.48 -34.55 3.41
N SER B 1135 -3.13 -34.11 4.48
CA SER B 1135 -3.16 -32.72 4.91
C SER B 1135 -3.68 -31.81 3.81
N PRO B 1136 -4.93 -31.98 3.38
CA PRO B 1136 -5.48 -31.08 2.36
C PRO B 1136 -5.68 -29.67 2.90
N THR B 1137 -5.58 -28.70 2.01
CA THR B 1137 -5.79 -27.31 2.35
C THR B 1137 -7.25 -26.93 2.10
N VAL B 1138 -7.89 -26.37 3.12
CA VAL B 1138 -9.30 -26.03 3.05
C VAL B 1138 -9.45 -24.66 2.40
N ALA B 1139 -10.18 -24.60 1.29
CA ALA B 1139 -10.44 -23.31 0.64
C ALA B 1139 -11.32 -22.42 1.52
N TYR B 1140 -12.44 -22.96 2.00
CA TYR B 1140 -13.31 -22.24 2.90
C TYR B 1140 -14.23 -23.23 3.60
N SER B 1141 -14.71 -22.85 4.77
CA SER B 1141 -15.64 -23.67 5.54
C SER B 1141 -17.08 -23.34 5.15
N VAL B 1142 -17.95 -24.31 5.31
CA VAL B 1142 -19.37 -24.17 4.98
C VAL B 1142 -20.18 -24.59 6.19
N LEU B 1143 -21.08 -23.71 6.63
CA LEU B 1143 -21.99 -24.03 7.72
C LEU B 1143 -23.18 -24.81 7.16
N VAL B 1144 -23.34 -26.06 7.59
CA VAL B 1144 -24.39 -26.93 7.11
C VAL B 1144 -25.27 -27.33 8.28
N VAL B 1145 -26.57 -27.08 8.14
CA VAL B 1145 -27.59 -27.50 9.11
C VAL B 1145 -28.40 -28.60 8.43
N ALA B 1146 -28.19 -29.84 8.85
CA ALA B 1146 -28.78 -30.98 8.15
C ALA B 1146 -29.09 -32.07 9.16
N LYS B 1147 -29.37 -33.26 8.64
CA LYS B 1147 -29.61 -34.45 9.44
C LYS B 1147 -28.70 -35.57 8.94
N VAL B 1148 -28.20 -36.39 9.87
CA VAL B 1148 -27.29 -37.47 9.54
C VAL B 1148 -27.84 -38.78 10.08
N GLU B 1149 -27.41 -39.87 9.46
CA GLU B 1149 -27.80 -41.21 9.89
C GLU B 1149 -26.90 -41.64 11.04
N LYS B 1150 -27.46 -41.79 12.22
CA LYS B 1150 -26.72 -42.17 13.42
C LYS B 1150 -27.30 -43.47 13.98
N GLY B 1151 -26.42 -44.41 14.32
CA GLY B 1151 -26.84 -45.67 14.89
C GLY B 1151 -27.25 -46.69 13.85
N LYS B 1152 -27.57 -47.89 14.34
CA LYS B 1152 -27.99 -48.96 13.45
C LYS B 1152 -29.30 -48.61 12.75
N SER B 1153 -30.24 -48.00 13.47
CA SER B 1153 -31.51 -47.60 12.88
C SER B 1153 -31.38 -46.46 11.88
N LYS B 1154 -30.22 -45.82 11.83
CA LYS B 1154 -29.97 -44.69 10.92
C LYS B 1154 -30.99 -43.57 11.14
N LYS B 1155 -31.29 -43.29 12.40
CA LYS B 1155 -32.20 -42.20 12.73
C LYS B 1155 -31.58 -40.87 12.34
N LEU B 1156 -32.43 -39.94 11.89
CA LEU B 1156 -31.99 -38.64 11.40
C LEU B 1156 -31.87 -37.68 12.57
N LYS B 1157 -30.65 -37.34 12.95
CA LYS B 1157 -30.38 -36.40 14.02
C LYS B 1157 -29.99 -35.06 13.42
N SER B 1158 -30.70 -34.00 13.83
CA SER B 1158 -30.37 -32.66 13.35
C SER B 1158 -28.98 -32.28 13.84
N VAL B 1159 -28.14 -31.80 12.93
CA VAL B 1159 -26.76 -31.47 13.23
C VAL B 1159 -26.40 -30.14 12.59
N LYS B 1160 -25.67 -29.32 13.35
CA LYS B 1160 -25.04 -28.10 12.83
C LYS B 1160 -23.55 -28.24 13.00
N GLU B 1161 -22.80 -28.03 11.93
CA GLU B 1161 -21.36 -28.21 11.98
C GLU B 1161 -20.72 -27.46 10.82
N LEU B 1162 -19.38 -27.40 10.86
CA LEU B 1162 -18.58 -26.76 9.83
C LEU B 1162 -17.89 -27.83 8.99
N LEU B 1163 -18.00 -27.71 7.67
CA LEU B 1163 -17.39 -28.62 6.73
C LEU B 1163 -16.30 -27.91 5.95
N GLY B 1164 -15.10 -28.47 5.94
CA GLY B 1164 -14.00 -27.89 5.22
C GLY B 1164 -13.99 -28.27 3.75
N ILE B 1165 -14.31 -27.32 2.87
CA ILE B 1165 -14.31 -27.54 1.44
C ILE B 1165 -12.88 -27.30 0.96
N THR B 1166 -12.16 -28.38 0.69
CA THR B 1166 -10.75 -28.27 0.33
C THR B 1166 -10.62 -27.73 -1.09
N ILE B 1167 -9.37 -27.42 -1.46
CA ILE B 1167 -9.11 -26.80 -2.76
C ILE B 1167 -9.47 -27.75 -3.89
N MET B 1168 -9.19 -29.05 -3.73
CA MET B 1168 -9.43 -30.00 -4.80
C MET B 1168 -10.91 -30.12 -5.14
N GLU B 1169 -11.77 -30.12 -4.12
CA GLU B 1169 -13.20 -30.34 -4.30
C GLU B 1169 -14.01 -29.06 -4.30
N ARG B 1170 -13.35 -27.90 -4.39
CA ARG B 1170 -14.09 -26.63 -4.40
C ARG B 1170 -14.98 -26.52 -5.63
N SER B 1171 -14.46 -26.90 -6.80
CA SER B 1171 -15.26 -26.86 -8.01
C SER B 1171 -16.42 -27.83 -7.96
N SER B 1172 -16.18 -29.03 -7.42
CA SER B 1172 -17.24 -30.02 -7.27
C SER B 1172 -18.34 -29.52 -6.33
N PHE B 1173 -17.94 -28.88 -5.23
CA PHE B 1173 -18.95 -28.32 -4.32
C PHE B 1173 -19.73 -27.19 -4.97
N GLU B 1174 -19.04 -26.28 -5.66
CA GLU B 1174 -19.74 -25.14 -6.24
C GLU B 1174 -20.64 -25.55 -7.40
N LYS B 1175 -20.29 -26.63 -8.11
CA LYS B 1175 -21.14 -27.09 -9.20
C LYS B 1175 -22.49 -27.58 -8.68
N ASN B 1176 -22.49 -28.33 -7.58
CA ASN B 1176 -23.72 -28.87 -7.01
C ASN B 1176 -23.55 -29.06 -5.52
N PRO B 1177 -23.80 -28.00 -4.72
CA PRO B 1177 -23.67 -28.14 -3.26
C PRO B 1177 -24.61 -29.20 -2.67
N ILE B 1178 -25.82 -29.33 -3.22
CA ILE B 1178 -26.79 -30.28 -2.68
C ILE B 1178 -26.25 -31.70 -2.80
N ASP B 1179 -25.82 -32.07 -4.00
CA ASP B 1179 -25.31 -33.42 -4.22
C ASP B 1179 -23.98 -33.64 -3.51
N PHE B 1180 -23.14 -32.60 -3.45
CA PHE B 1180 -21.87 -32.73 -2.74
C PHE B 1180 -22.10 -33.01 -1.26
N LEU B 1181 -23.05 -32.31 -0.64
CA LEU B 1181 -23.32 -32.53 0.77
C LEU B 1181 -24.03 -33.86 1.01
N GLU B 1182 -24.93 -34.25 0.10
CA GLU B 1182 -25.61 -35.54 0.26
C GLU B 1182 -24.62 -36.70 0.14
N ALA B 1183 -23.65 -36.60 -0.77
CA ALA B 1183 -22.64 -37.64 -0.90
C ALA B 1183 -21.77 -37.73 0.35
N LYS B 1184 -21.54 -36.60 1.02
CA LYS B 1184 -20.77 -36.61 2.26
C LYS B 1184 -21.51 -37.29 3.40
N GLY B 1185 -22.83 -37.51 3.26
CA GLY B 1185 -23.62 -38.19 4.26
C GLY B 1185 -24.74 -37.37 4.86
N TYR B 1186 -24.82 -36.08 4.59
CA TYR B 1186 -25.84 -35.21 5.18
C TYR B 1186 -27.11 -35.27 4.34
N LYS B 1187 -28.24 -35.41 5.00
CA LYS B 1187 -29.54 -35.45 4.34
C LYS B 1187 -30.40 -34.30 4.81
N GLU B 1188 -31.23 -33.78 3.90
CA GLU B 1188 -32.14 -32.68 4.18
C GLU B 1188 -31.38 -31.43 4.64
N VAL B 1189 -30.44 -31.00 3.80
CA VAL B 1189 -29.68 -29.78 4.06
C VAL B 1189 -30.51 -28.60 3.61
N LYS B 1190 -30.14 -27.38 4.02
CA LYS B 1190 -30.83 -26.16 3.63
C LYS B 1190 -29.88 -25.28 2.84
N LYS B 1191 -30.24 -25.03 1.57
CA LYS B 1191 -29.43 -24.13 0.74
C LYS B 1191 -29.42 -22.72 1.31
N ASP B 1192 -30.57 -22.26 1.82
CA ASP B 1192 -30.63 -20.94 2.42
C ASP B 1192 -29.75 -20.85 3.66
N LEU B 1193 -29.68 -21.93 4.44
CA LEU B 1193 -28.89 -21.95 5.65
C LEU B 1193 -27.40 -22.21 5.39
N ILE B 1194 -27.04 -22.67 4.19
CA ILE B 1194 -25.62 -22.84 3.86
C ILE B 1194 -24.94 -21.48 3.85
N ILE B 1195 -23.85 -21.36 4.61
CA ILE B 1195 -23.10 -20.11 4.72
C ILE B 1195 -21.65 -20.37 4.38
N LYS B 1196 -21.10 -19.55 3.49
CA LYS B 1196 -19.68 -19.64 3.12
C LYS B 1196 -18.85 -18.88 4.14
N LEU B 1197 -17.89 -19.58 4.76
CA LEU B 1197 -17.04 -18.99 5.80
C LEU B 1197 -15.58 -19.10 5.41
N PRO B 1198 -14.99 -18.06 4.82
CA PRO B 1198 -13.56 -18.11 4.47
C PRO B 1198 -12.67 -18.05 5.70
N LYS B 1199 -11.36 -18.03 5.48
CA LYS B 1199 -10.43 -17.94 6.59
C LYS B 1199 -10.54 -16.59 7.29
N TYR B 1200 -10.16 -16.56 8.56
CA TYR B 1200 -10.15 -15.36 9.40
C TYR B 1200 -11.55 -14.80 9.63
N SER B 1201 -12.58 -15.65 9.54
CA SER B 1201 -13.93 -15.22 9.86
C SER B 1201 -14.04 -14.92 11.36
N LEU B 1202 -14.71 -13.83 11.68
CA LEU B 1202 -14.76 -13.32 13.05
C LEU B 1202 -16.05 -13.74 13.73
N PHE B 1203 -15.92 -14.21 14.97
CA PHE B 1203 -17.07 -14.60 15.80
C PHE B 1203 -16.97 -13.93 17.15
N GLU B 1204 -18.11 -13.47 17.66
CA GLU B 1204 -18.21 -12.85 18.98
C GLU B 1204 -19.00 -13.79 19.87
N LEU B 1205 -18.40 -14.23 20.98
CA LEU B 1205 -18.99 -15.27 21.81
C LEU B 1205 -19.56 -14.74 23.12
N GLU B 1206 -18.72 -14.13 23.98
CA GLU B 1206 -19.18 -13.61 25.26
C GLU B 1206 -18.05 -12.84 25.91
N ASN B 1207 -18.42 -11.82 26.69
CA ASN B 1207 -17.46 -10.93 27.34
C ASN B 1207 -16.48 -10.33 26.34
N GLY B 1208 -16.95 -10.06 25.13
CA GLY B 1208 -16.10 -9.52 24.11
C GLY B 1208 -15.04 -10.46 23.59
N ARG B 1209 -15.22 -11.77 23.76
CA ARG B 1209 -14.26 -12.74 23.27
C ARG B 1209 -14.48 -12.98 21.79
N LYS B 1210 -13.40 -12.87 21.01
CA LYS B 1210 -13.46 -13.00 19.56
C LYS B 1210 -12.54 -14.12 19.12
N ARG B 1211 -13.06 -15.00 18.27
CA ARG B 1211 -12.30 -16.08 17.67
C ARG B 1211 -12.31 -15.91 16.16
N MET B 1212 -11.18 -16.21 15.52
CA MET B 1212 -11.04 -16.12 14.07
C MET B 1212 -10.89 -17.52 13.50
N LEU B 1213 -11.61 -17.79 12.42
CA LEU B 1213 -11.65 -19.13 11.83
C LEU B 1213 -10.35 -19.40 11.10
N ALA B 1214 -9.49 -20.22 11.71
CA ALA B 1214 -8.27 -20.66 11.03
C ALA B 1214 -8.57 -21.73 9.98
N SER B 1215 -9.50 -22.63 10.28
CA SER B 1215 -9.92 -23.67 9.35
C SER B 1215 -11.24 -24.23 9.86
N ALA B 1216 -11.68 -25.34 9.26
CA ALA B 1216 -12.93 -25.96 9.67
C ALA B 1216 -12.82 -26.64 11.04
N GLY B 1217 -11.61 -26.80 11.57
CA GLY B 1217 -11.45 -27.45 12.86
C GLY B 1217 -10.47 -26.73 13.78
N GLU B 1218 -10.10 -25.51 13.44
CA GLU B 1218 -9.18 -24.73 14.25
C GLU B 1218 -9.68 -23.28 14.33
N LEU B 1219 -9.32 -22.61 15.42
CA LEU B 1219 -9.70 -21.23 15.65
C LEU B 1219 -8.48 -20.41 16.04
N GLN B 1220 -8.52 -19.12 15.73
CA GLN B 1220 -7.47 -18.19 16.08
C GLN B 1220 -8.00 -17.13 17.04
N LYS B 1221 -7.09 -16.48 17.74
CA LYS B 1221 -7.46 -15.36 18.60
C LYS B 1221 -7.85 -14.16 17.74
N GLY B 1222 -8.78 -13.36 18.26
CA GLY B 1222 -9.26 -12.21 17.52
C GLY B 1222 -9.46 -10.98 18.38
N ASN B 1223 -8.74 -10.90 19.49
CA ASN B 1223 -8.85 -9.78 20.43
C ASN B 1223 -7.47 -9.15 20.63
N GLU B 1224 -7.45 -7.82 20.72
CA GLU B 1224 -6.21 -7.08 20.92
C GLU B 1224 -6.24 -6.38 22.28
N LEU B 1225 -5.19 -6.60 23.06
CA LEU B 1225 -5.05 -5.95 24.36
C LEU B 1225 -4.63 -4.50 24.16
N ALA B 1226 -5.30 -3.59 24.86
CA ALA B 1226 -5.00 -2.16 24.80
C ALA B 1226 -4.26 -1.79 26.09
N LEU B 1227 -2.94 -1.99 26.07
CA LEU B 1227 -2.14 -1.67 27.25
C LEU B 1227 -2.04 -0.15 27.40
N PRO B 1228 -2.05 0.35 28.63
CA PRO B 1228 -1.90 1.79 28.84
C PRO B 1228 -0.57 2.31 28.28
N SER B 1229 -0.63 3.52 27.74
CA SER B 1229 0.56 4.14 27.15
C SER B 1229 1.66 4.35 28.18
N LYS B 1230 1.29 4.56 29.45
CA LYS B 1230 2.30 4.65 30.49
C LYS B 1230 3.09 3.35 30.60
N TYR B 1231 2.40 2.21 30.59
CA TYR B 1231 3.09 0.92 30.63
C TYR B 1231 3.90 0.70 29.36
N VAL B 1232 3.39 1.13 28.21
CA VAL B 1232 4.14 0.98 26.97
C VAL B 1232 5.45 1.75 27.03
N ASN B 1233 5.38 3.01 27.49
CA ASN B 1233 6.58 3.82 27.60
C ASN B 1233 7.55 3.24 28.62
N PHE B 1234 7.04 2.75 29.75
CA PHE B 1234 7.91 2.14 30.75
C PHE B 1234 8.60 0.92 30.20
N LEU B 1235 7.87 0.08 29.46
CA LEU B 1235 8.47 -1.11 28.85
C LEU B 1235 9.56 -0.72 27.86
N TYR B 1236 9.30 0.29 27.03
CA TYR B 1236 10.31 0.77 26.09
C TYR B 1236 11.58 1.19 26.82
N LEU B 1237 11.43 2.07 27.82
CA LEU B 1237 12.60 2.61 28.51
C LEU B 1237 13.35 1.52 29.27
N ALA B 1238 12.62 0.59 29.90
CA ALA B 1238 13.28 -0.46 30.66
C ALA B 1238 13.98 -1.45 29.74
N SER B 1239 13.38 -1.77 28.59
CA SER B 1239 13.99 -2.72 27.66
C SER B 1239 15.13 -2.10 26.88
N HIS B 1240 15.23 -0.77 26.83
CA HIS B 1240 16.30 -0.07 26.12
C HIS B 1240 16.27 -0.42 24.64
N TYR B 1241 15.13 -0.08 24.01
CA TYR B 1241 14.96 -0.35 22.59
C TYR B 1241 16.04 0.36 21.78
N GLU B 1242 16.67 -0.40 20.87
CA GLU B 1242 17.79 0.10 20.07
C GLU B 1242 18.90 0.67 20.95
N LYS B 1243 19.17 -0.01 22.06
CA LYS B 1243 20.18 0.38 23.04
C LYS B 1243 19.82 1.80 23.53
N LEU B 1244 20.79 2.70 23.69
CA LEU B 1244 20.54 4.06 24.15
C LEU B 1244 21.06 5.04 23.11
N LYS B 1245 20.22 6.00 22.74
CA LYS B 1245 20.58 7.01 21.75
C LYS B 1245 20.30 8.42 22.26
N GLY B 1246 20.48 8.64 23.57
CA GLY B 1246 20.23 9.93 24.17
C GLY B 1246 21.50 10.51 24.79
N SER B 1247 21.41 11.80 25.12
CA SER B 1247 22.51 12.49 25.75
C SER B 1247 22.72 11.95 27.18
N PRO B 1248 23.94 12.05 27.70
CA PRO B 1248 24.18 11.53 29.07
C PRO B 1248 23.30 12.18 30.13
N GLU B 1249 22.99 13.46 29.97
CA GLU B 1249 22.06 14.10 30.91
C GLU B 1249 20.66 13.52 30.79
N ASP B 1250 20.19 13.28 29.57
CA ASP B 1250 18.87 12.69 29.37
C ASP B 1250 18.85 11.20 29.67
N ASN B 1251 19.97 10.50 29.44
CA ASN B 1251 20.00 9.07 29.70
C ASN B 1251 19.85 8.77 31.18
N GLU B 1252 20.48 9.57 32.05
CA GLU B 1252 20.44 9.30 33.48
C GLU B 1252 19.03 9.45 34.04
N GLN B 1253 18.29 10.48 33.60
CA GLN B 1253 16.97 10.71 34.16
C GLN B 1253 15.98 9.62 33.79
N LYS B 1254 16.14 9.02 32.60
CA LYS B 1254 15.27 7.91 32.22
C LYS B 1254 15.51 6.68 33.07
N GLN B 1255 16.78 6.42 33.40
CA GLN B 1255 17.10 5.30 34.29
C GLN B 1255 16.49 5.52 35.67
N LEU B 1256 16.56 6.76 36.19
CA LEU B 1256 15.93 7.06 37.47
C LEU B 1256 14.41 6.93 37.37
N PHE B 1257 13.83 7.31 36.24
CA PHE B 1257 12.39 7.15 36.04
C PHE B 1257 12.00 5.68 36.12
N VAL B 1258 12.77 4.81 35.45
CA VAL B 1258 12.50 3.38 35.52
C VAL B 1258 12.69 2.87 36.95
N GLU B 1259 13.72 3.35 37.63
CA GLU B 1259 13.98 2.92 39.00
C GLU B 1259 12.80 3.26 39.91
N GLN B 1260 12.23 4.44 39.74
CA GLN B 1260 11.07 4.82 40.54
C GLN B 1260 9.81 4.08 40.09
N HIS B 1261 9.72 3.69 38.83
CA HIS B 1261 8.57 2.96 38.30
C HIS B 1261 8.82 1.46 38.21
N LYS B 1262 9.70 0.93 39.07
CA LYS B 1262 9.93 -0.51 39.11
C LYS B 1262 8.64 -1.30 39.25
N HIS B 1263 7.70 -0.81 40.06
CA HIS B 1263 6.50 -1.58 40.39
C HIS B 1263 5.54 -1.74 39.23
N TYR B 1264 5.77 -1.07 38.11
CA TYR B 1264 4.90 -1.22 36.95
C TYR B 1264 4.93 -2.64 36.39
N LEU B 1265 5.97 -3.42 36.70
CA LEU B 1265 6.06 -4.78 36.18
C LEU B 1265 4.91 -5.64 36.70
N ASP B 1266 4.60 -5.53 38.00
CA ASP B 1266 3.50 -6.30 38.56
C ASP B 1266 2.17 -5.90 37.95
N GLU B 1267 1.97 -4.60 37.70
CA GLU B 1267 0.74 -4.14 37.08
C GLU B 1267 0.62 -4.64 35.64
N ILE B 1268 1.73 -4.66 34.90
CA ILE B 1268 1.70 -5.22 33.55
C ILE B 1268 1.35 -6.70 33.60
N ILE B 1269 1.92 -7.43 34.55
CA ILE B 1269 1.61 -8.86 34.69
C ILE B 1269 0.13 -9.04 35.01
N GLU B 1270 -0.41 -8.21 35.89
CA GLU B 1270 -1.82 -8.30 36.25
C GLU B 1270 -2.72 -8.00 35.04
N GLN B 1271 -2.34 -7.01 34.24
CA GLN B 1271 -3.10 -6.70 33.02
C GLN B 1271 -3.10 -7.90 32.07
N ILE B 1272 -1.93 -8.50 31.87
CA ILE B 1272 -1.83 -9.67 30.99
C ILE B 1272 -2.69 -10.81 31.53
N SER B 1273 -2.62 -11.05 32.84
CA SER B 1273 -3.37 -12.16 33.43
C SER B 1273 -4.87 -11.95 33.31
N GLU B 1274 -5.36 -10.72 33.56
CA GLU B 1274 -6.79 -10.49 33.48
C GLU B 1274 -7.28 -10.57 32.03
N PHE B 1275 -6.50 -10.07 31.08
CA PHE B 1275 -6.88 -10.19 29.68
C PHE B 1275 -6.92 -11.66 29.26
N SER B 1276 -5.94 -12.45 29.70
CA SER B 1276 -5.94 -13.88 29.38
C SER B 1276 -7.13 -14.58 29.99
N LYS B 1277 -7.48 -14.24 31.24
CA LYS B 1277 -8.62 -14.86 31.90
C LYS B 1277 -9.92 -14.52 31.16
N ARG B 1278 -10.07 -13.28 30.71
CA ARG B 1278 -11.30 -12.90 30.03
C ARG B 1278 -11.38 -13.45 28.61
N VAL B 1279 -10.24 -13.55 27.92
CA VAL B 1279 -10.27 -13.82 26.48
C VAL B 1279 -9.52 -15.09 26.11
N ILE B 1280 -8.22 -15.13 26.45
CA ILE B 1280 -7.36 -16.20 25.95
C ILE B 1280 -7.81 -17.56 26.48
N LEU B 1281 -8.17 -17.62 27.76
CA LEU B 1281 -8.66 -18.85 28.40
C LEU B 1281 -7.63 -19.98 28.31
N ALA B 1282 -6.35 -19.64 28.44
CA ALA B 1282 -5.27 -20.63 28.48
C ALA B 1282 -4.81 -20.73 29.92
N ASP B 1283 -5.48 -21.59 30.69
CA ASP B 1283 -5.23 -21.67 32.13
C ASP B 1283 -3.82 -22.18 32.42
N ALA B 1284 -3.43 -23.28 31.77
CA ALA B 1284 -2.11 -23.86 32.02
C ALA B 1284 -1.00 -22.90 31.62
N ASN B 1285 -1.13 -22.28 30.44
CA ASN B 1285 -0.11 -21.33 30.01
C ASN B 1285 -0.02 -20.13 30.94
N LEU B 1286 -1.18 -19.64 31.39
CA LEU B 1286 -1.17 -18.51 32.32
C LEU B 1286 -0.52 -18.88 33.64
N ASP B 1287 -0.81 -20.08 34.15
CA ASP B 1287 -0.18 -20.52 35.40
C ASP B 1287 1.32 -20.65 35.24
N LYS B 1288 1.78 -21.21 34.12
CA LYS B 1288 3.21 -21.31 33.88
C LYS B 1288 3.85 -19.94 33.79
N VAL B 1289 3.18 -18.99 33.12
CA VAL B 1289 3.71 -17.65 32.99
C VAL B 1289 3.83 -16.98 34.36
N LEU B 1290 2.80 -17.12 35.20
CA LEU B 1290 2.84 -16.51 36.52
C LEU B 1290 3.91 -17.14 37.40
N SER B 1291 4.08 -18.47 37.32
CA SER B 1291 5.12 -19.13 38.09
C SER B 1291 6.51 -18.68 37.64
N ALA B 1292 6.71 -18.55 36.32
CA ALA B 1292 7.99 -18.06 35.83
C ALA B 1292 8.26 -16.64 36.29
N TYR B 1293 7.24 -15.79 36.26
CA TYR B 1293 7.41 -14.41 36.73
C TYR B 1293 7.75 -14.38 38.21
N ASN B 1294 7.09 -15.20 39.01
CA ASN B 1294 7.38 -15.24 40.45
C ASN B 1294 8.80 -15.74 40.70
N LYS B 1295 9.24 -16.75 39.96
CA LYS B 1295 10.58 -17.30 40.21
C LYS B 1295 11.69 -16.39 39.70
N HIS B 1296 11.42 -15.59 38.67
CA HIS B 1296 12.42 -14.69 38.10
C HIS B 1296 12.19 -13.24 38.50
N ARG B 1297 11.77 -13.00 39.74
CA ARG B 1297 11.46 -11.64 40.18
C ARG B 1297 12.69 -10.85 40.57
N ASP B 1298 13.74 -11.52 41.07
CA ASP B 1298 14.92 -10.83 41.59
C ASP B 1298 15.84 -10.32 40.50
N LYS B 1299 15.68 -10.76 39.26
CA LYS B 1299 16.57 -10.35 38.19
C LYS B 1299 16.36 -8.87 37.85
N PRO B 1300 17.34 -8.23 37.21
CA PRO B 1300 17.25 -6.78 36.97
C PRO B 1300 16.01 -6.40 36.16
N ILE B 1301 15.65 -5.11 36.30
CA ILE B 1301 14.48 -4.58 35.62
C ILE B 1301 14.64 -4.69 34.11
N ARG B 1302 15.87 -4.49 33.62
CA ARG B 1302 16.11 -4.60 32.18
C ARG B 1302 15.75 -5.98 31.65
N GLU B 1303 16.28 -7.03 32.28
CA GLU B 1303 15.99 -8.39 31.84
C GLU B 1303 14.52 -8.74 32.05
N GLN B 1304 13.94 -8.31 33.18
CA GLN B 1304 12.54 -8.61 33.43
C GLN B 1304 11.65 -7.98 32.38
N ALA B 1305 11.91 -6.73 32.01
CA ALA B 1305 11.10 -6.08 30.97
C ALA B 1305 11.32 -6.73 29.61
N GLU B 1306 12.58 -7.09 29.29
CA GLU B 1306 12.84 -7.73 28.01
C GLU B 1306 12.09 -9.04 27.89
N ASN B 1307 12.02 -9.81 28.98
CA ASN B 1307 11.27 -11.07 28.95
C ASN B 1307 9.77 -10.84 29.02
N ILE B 1308 9.32 -9.76 29.66
CA ILE B 1308 7.90 -9.45 29.72
C ILE B 1308 7.39 -9.07 28.34
N ILE B 1309 8.24 -8.47 27.51
CA ILE B 1309 7.85 -8.18 26.14
C ILE B 1309 7.42 -9.46 25.42
N HIS B 1310 8.13 -10.57 25.68
CA HIS B 1310 7.75 -11.86 25.09
C HIS B 1310 6.41 -12.36 25.60
N LEU B 1311 5.99 -11.96 26.81
CA LEU B 1311 4.77 -12.47 27.39
C LEU B 1311 3.52 -12.05 26.62
N PHE B 1312 3.62 -10.97 25.83
CA PHE B 1312 2.49 -10.52 25.04
C PHE B 1312 2.20 -11.45 23.86
N THR B 1313 3.08 -12.42 23.59
CA THR B 1313 2.79 -13.42 22.56
C THR B 1313 1.57 -14.25 22.95
N LEU B 1314 1.40 -14.52 24.25
CA LEU B 1314 0.23 -15.24 24.72
C LEU B 1314 -1.05 -14.45 24.44
N THR B 1315 -1.04 -13.16 24.73
CA THR B 1315 -2.19 -12.29 24.49
C THR B 1315 -1.95 -11.51 23.21
N ASN B 1316 -2.12 -12.19 22.08
CA ASN B 1316 -1.91 -11.58 20.78
C ASN B 1316 -3.03 -12.01 19.84
N LEU B 1317 -3.23 -11.23 18.79
CA LEU B 1317 -4.22 -11.54 17.76
C LEU B 1317 -3.58 -12.42 16.69
N GLY B 1318 -4.26 -13.49 16.31
CA GLY B 1318 -3.76 -14.38 15.30
C GLY B 1318 -3.52 -15.80 15.79
N ALA B 1319 -2.77 -16.58 15.04
CA ALA B 1319 -2.50 -17.95 15.41
C ALA B 1319 -1.62 -18.00 16.67
N PRO B 1320 -1.91 -18.88 17.61
CA PRO B 1320 -1.04 -19.01 18.79
C PRO B 1320 0.36 -19.44 18.40
N ALA B 1321 1.34 -18.93 19.14
CA ALA B 1321 2.73 -19.24 18.90
C ALA B 1321 3.45 -19.42 20.23
N ALA B 1322 4.53 -20.20 20.21
CA ALA B 1322 5.31 -20.44 21.41
C ALA B 1322 6.23 -19.26 21.69
N PHE B 1323 6.41 -18.97 22.99
CA PHE B 1323 7.29 -17.90 23.43
C PHE B 1323 8.17 -18.42 24.56
N LYS B 1324 8.97 -17.53 25.14
CA LYS B 1324 9.92 -17.91 26.17
C LYS B 1324 10.09 -16.78 27.17
N TYR B 1325 9.93 -17.10 28.45
CA TYR B 1325 10.21 -16.17 29.54
C TYR B 1325 11.43 -16.70 30.29
N PHE B 1326 12.59 -16.10 30.04
CA PHE B 1326 13.86 -16.53 30.61
C PHE B 1326 14.12 -17.96 30.15
N ASP B 1327 14.33 -18.92 31.05
CA ASP B 1327 14.54 -20.30 30.65
C ASP B 1327 13.25 -20.99 30.25
N THR B 1328 12.14 -20.65 30.91
CA THR B 1328 10.88 -21.34 30.68
C THR B 1328 10.35 -21.05 29.28
N THR B 1329 9.98 -22.10 28.56
CA THR B 1329 9.38 -21.98 27.24
C THR B 1329 7.95 -22.48 27.31
N ILE B 1330 7.02 -21.70 26.77
CA ILE B 1330 5.60 -22.00 26.81
C ILE B 1330 5.13 -22.33 25.40
N ASP B 1331 4.54 -23.51 25.24
CA ASP B 1331 4.09 -23.98 23.94
C ASP B 1331 2.80 -23.29 23.52
N ARG B 1332 2.24 -23.72 22.40
CA ARG B 1332 1.01 -23.13 21.88
C ARG B 1332 -0.21 -23.75 22.55
N LYS B 1333 -1.19 -22.91 22.84
CA LYS B 1333 -2.52 -23.36 23.26
C LYS B 1333 -3.44 -23.19 22.05
N ARG B 1334 -3.49 -24.23 21.22
CA ARG B 1334 -4.27 -24.18 19.99
C ARG B 1334 -5.74 -24.49 20.27
N TYR B 1335 -6.62 -23.73 19.62
CA TYR B 1335 -8.06 -23.95 19.74
C TYR B 1335 -8.49 -24.86 18.61
N THR B 1336 -8.51 -26.17 18.88
CA THR B 1336 -8.74 -27.19 17.87
C THR B 1336 -10.19 -27.68 17.87
N SER B 1337 -11.14 -26.81 18.15
CA SER B 1337 -12.55 -27.18 18.12
C SER B 1337 -13.37 -25.96 17.74
N THR B 1338 -14.16 -26.08 16.68
CA THR B 1338 -15.00 -24.98 16.20
C THR B 1338 -16.46 -25.20 16.52
N LYS B 1339 -16.77 -26.01 17.53
CA LYS B 1339 -18.16 -26.26 17.89
C LYS B 1339 -18.79 -25.06 18.59
N GLU B 1340 -18.01 -24.32 19.37
CA GLU B 1340 -18.56 -23.22 20.16
C GLU B 1340 -19.04 -22.07 19.30
N VAL B 1341 -18.37 -21.83 18.16
CA VAL B 1341 -18.73 -20.68 17.32
C VAL B 1341 -20.04 -20.88 16.58
N LEU B 1342 -20.61 -22.09 16.61
CA LEU B 1342 -21.88 -22.34 15.93
C LEU B 1342 -23.06 -21.67 16.63
N ASP B 1343 -22.87 -21.15 17.85
CA ASP B 1343 -23.92 -20.42 18.55
C ASP B 1343 -23.47 -19.00 18.88
N ALA B 1344 -22.42 -18.51 18.23
CA ALA B 1344 -21.89 -17.18 18.43
C ALA B 1344 -22.45 -16.24 17.37
N THR B 1345 -21.93 -15.01 17.36
CA THR B 1345 -22.34 -13.98 16.42
C THR B 1345 -21.30 -13.85 15.32
N LEU B 1346 -21.72 -14.03 14.07
CA LEU B 1346 -20.82 -13.92 12.93
C LEU B 1346 -20.83 -12.47 12.44
N ILE B 1347 -19.66 -11.83 12.45
CA ILE B 1347 -19.54 -10.43 12.10
C ILE B 1347 -18.85 -10.32 10.75
N HIS B 1348 -19.52 -9.66 9.81
CA HIS B 1348 -18.94 -9.36 8.50
C HIS B 1348 -18.44 -7.92 8.53
N GLN B 1349 -17.12 -7.75 8.54
CA GLN B 1349 -16.50 -6.44 8.67
C GLN B 1349 -16.07 -5.93 7.30
N SER B 1350 -16.29 -4.64 7.05
CA SER B 1350 -15.86 -4.02 5.82
C SER B 1350 -14.34 -3.84 5.85
N ILE B 1351 -13.79 -3.17 4.84
CA ILE B 1351 -12.34 -3.01 4.76
C ILE B 1351 -11.81 -2.10 5.86
N THR B 1352 -12.68 -1.31 6.49
CA THR B 1352 -12.28 -0.47 7.61
C THR B 1352 -12.89 -0.91 8.93
N GLY B 1353 -13.86 -1.81 8.92
CA GLY B 1353 -14.49 -2.29 10.13
C GLY B 1353 -15.62 -1.42 10.64
N LEU B 1354 -15.86 -0.25 10.02
CA LEU B 1354 -16.93 0.62 10.48
C LEU B 1354 -18.30 0.10 10.08
N TYR B 1355 -18.38 -0.62 8.97
CA TYR B 1355 -19.63 -1.24 8.52
C TYR B 1355 -19.58 -2.72 8.86
N GLU B 1356 -20.56 -3.20 9.62
CA GLU B 1356 -20.58 -4.57 10.09
C GLU B 1356 -21.97 -5.18 9.89
N THR B 1357 -22.00 -6.50 9.74
CA THR B 1357 -23.23 -7.27 9.66
C THR B 1357 -23.13 -8.41 10.65
N ARG B 1358 -23.86 -8.30 11.76
CA ARG B 1358 -23.81 -9.30 12.82
C ARG B 1358 -24.93 -10.30 12.62
N ILE B 1359 -24.57 -11.58 12.50
CA ILE B 1359 -25.52 -12.66 12.31
C ILE B 1359 -25.43 -13.58 13.52
N ASP B 1360 -26.56 -13.74 14.22
CA ASP B 1360 -26.62 -14.60 15.39
C ASP B 1360 -26.86 -16.03 14.94
N LEU B 1361 -25.81 -16.86 14.99
CA LEU B 1361 -25.90 -18.22 14.49
C LEU B 1361 -26.69 -19.14 15.42
N SER B 1362 -27.03 -18.70 16.63
CA SER B 1362 -27.83 -19.53 17.52
C SER B 1362 -29.28 -19.66 17.04
N GLN B 1363 -29.75 -18.71 16.24
CA GLN B 1363 -31.12 -18.76 15.72
C GLN B 1363 -31.27 -19.74 14.57
N LEU B 1364 -30.18 -20.17 13.96
CA LEU B 1364 -30.24 -21.12 12.84
C LEU B 1364 -30.41 -22.54 13.35
P 2DA F 40 -47.10 30.33 23.04
OP1 2DA F 40 -48.54 30.32 23.37
OP2 2DA F 40 -46.11 29.84 24.03
O5' 2DA F 40 -46.88 29.49 21.69
C5' 2DA F 40 -47.45 29.95 20.47
C4' 2DA F 40 -46.93 29.12 19.31
O4' 2DA F 40 -45.51 29.31 19.18
C3' 2DA F 40 -47.11 27.63 19.45
C2' 2DA F 40 -46.03 27.10 18.50
C1' 2DA F 40 -44.93 28.16 18.59
N9 2DA F 40 -43.79 27.74 19.40
C8 2DA F 40 -43.52 28.13 20.68
N7 2DA F 40 -42.42 27.60 21.16
C5 2DA F 40 -41.94 26.81 20.13
C6 2DA F 40 -40.80 26.00 20.00
N6 2DA F 40 -39.91 25.83 20.98
N1 2DA F 40 -40.62 25.36 18.83
C2 2DA F 40 -41.52 25.53 17.86
N3 2DA F 40 -42.62 26.28 17.85
C4 2DA F 40 -42.77 26.90 19.03
#